data_7JIN
# 
_entry.id   7JIN 
# 
_audit_conform.dict_name       mmcif_pdbx.dic 
_audit_conform.dict_version    5.380 
_audit_conform.dict_location   http://mmcif.pdb.org/dictionaries/ascii/mmcif_pdbx.dic 
# 
loop_
_database_2.database_id 
_database_2.database_code 
_database_2.pdbx_database_accession 
_database_2.pdbx_DOI 
PDB   7JIN         pdb_00007jin 10.2210/pdb7jin/pdb 
WWPDB D_1000250820 ?            ?                   
# 
_pdbx_database_status.status_code                     REL 
_pdbx_database_status.status_code_sf                  REL 
_pdbx_database_status.status_code_mr                  ? 
_pdbx_database_status.entry_id                        7JIN 
_pdbx_database_status.recvd_initial_deposition_date   2020-07-23 
_pdbx_database_status.SG_entry                        N 
_pdbx_database_status.deposit_site                    RCSB 
_pdbx_database_status.process_site                    RCSB 
_pdbx_database_status.status_code_cs                  ? 
_pdbx_database_status.status_code_nmr_data            ? 
_pdbx_database_status.methods_development_category    ? 
_pdbx_database_status.pdb_format_compatible           Y 
# 
loop_
_audit_author.name 
_audit_author.pdbx_ordinal 
_audit_author.identifier_ORCID 
'Simmons, C.R.'      1 0000-0002-2290-6132 
'MacCulloch, T.'     2 0000-0001-5875-3361 
'Stephanopoulos, N.' 3 0000-0001-7859-410X 
'Yan, H.'            4 0000-0001-7397-9852 
# 
_citation.abstract                  ? 
_citation.abstract_id_CAS           ? 
_citation.book_id_ISBN              ? 
_citation.book_publisher            ? 
_citation.book_publisher_city       ? 
_citation.book_title                ? 
_citation.coordinate_linkage        ? 
_citation.country                   UK 
_citation.database_id_Medline       ? 
_citation.details                   ? 
_citation.id                        primary 
_citation.journal_abbrev            'Nat Commun' 
_citation.journal_id_ASTM           ? 
_citation.journal_id_CSD            ? 
_citation.journal_id_ISSN           2041-1723 
_citation.journal_full              ? 
_citation.journal_issue             ? 
_citation.journal_volume            13 
_citation.language                  ? 
_citation.page_first                3112 
_citation.page_last                 3112 
_citation.title                     'The influence of Holliday junction sequence and dynamics on DNA crystal self-assembly.' 
_citation.year                      2022 
_citation.database_id_CSD           ? 
_citation.pdbx_database_id_DOI      10.1038/s41467-022-30779-6 
_citation.pdbx_database_id_PubMed   35662248 
_citation.unpublished_flag          ? 
# 
loop_
_citation_author.citation_id 
_citation_author.name 
_citation_author.ordinal 
_citation_author.identifier_ORCID 
primary 'Simmons, C.R.'      1  ?                   
primary 'MacCulloch, T.'     2  ?                   
primary 'Krepl, M.'          3  0000-0002-9833-4281 
primary 'Matthies, M.'       4  ?                   
primary 'Buchberger, A.'     5  ?                   
primary 'Crawford, I.'       6  ?                   
primary 'Sponer, J.'         7  0000-0001-6558-6186 
primary 'Sulc, P.'           8  0000-0003-1565-6769 
primary 'Stephanopoulos, N.' 9  0000-0001-7859-410X 
primary 'Yan, H.'            10 0000-0001-7397-9852 
# 
_cell.angle_alpha                  90.000 
_cell.angle_alpha_esd              ? 
_cell.angle_beta                   90.000 
_cell.angle_beta_esd               ? 
_cell.angle_gamma                  120.000 
_cell.angle_gamma_esd              ? 
_cell.entry_id                     7JIN 
_cell.details                      ? 
_cell.formula_units_Z              ? 
_cell.length_a                     112.594 
_cell.length_a_esd                 ? 
_cell.length_b                     112.594 
_cell.length_b_esd                 ? 
_cell.length_c                     51.860 
_cell.length_c_esd                 ? 
_cell.volume                       ? 
_cell.volume_esd                   ? 
_cell.Z_PDB                        9 
_cell.reciprocal_angle_alpha       ? 
_cell.reciprocal_angle_beta        ? 
_cell.reciprocal_angle_gamma       ? 
_cell.reciprocal_angle_alpha_esd   ? 
_cell.reciprocal_angle_beta_esd    ? 
_cell.reciprocal_angle_gamma_esd   ? 
_cell.reciprocal_length_a          ? 
_cell.reciprocal_length_b          ? 
_cell.reciprocal_length_c          ? 
_cell.reciprocal_length_a_esd      ? 
_cell.reciprocal_length_b_esd      ? 
_cell.reciprocal_length_c_esd      ? 
_cell.pdbx_unique_axis             ? 
# 
_symmetry.entry_id                         7JIN 
_symmetry.cell_setting                     ? 
_symmetry.Int_Tables_number                146 
_symmetry.space_group_name_Hall            ? 
_symmetry.space_group_name_H-M             'H 3' 
_symmetry.pdbx_full_space_group_name_H-M   ? 
# 
loop_
_entity.id 
_entity.type 
_entity.src_method 
_entity.pdbx_description 
_entity.formula_weight 
_entity.pdbx_number_of_molecules 
_entity.pdbx_ec 
_entity.pdbx_mutation 
_entity.pdbx_fragment 
_entity.details 
1 polymer     syn 
;DNA (5'-D(*GP*AP*AP*CP*GP*AP*CP*AP*CP*AP*GP*A)-3')
;
3689.446 1 ? ? ? ? 
2 polymer     syn 
;DNA (5'-D(P*CP*GP*TP*CP*GP*AP*CP*TP*C)-3')
;
2691.774 1 ? ? ? ? 
3 polymer     syn 
;DNA (5'-D(P*TP*CP*TP*AP*CP*G)-3')
;
1784.204 1 ? ? ? ? 
4 polymer     syn 
;DNA (5'-D(*TP*CP*GP*AP*GP*TP*CP*GP*GP*TP*GP*TP*CP*GP*T)-3')
;
4631.993 1 ? ? ? ? 
5 non-polymer syn 'CACODYLATE ION'                                              136.989  1 ? ? ? ? 
# 
loop_
_entity_poly.entity_id 
_entity_poly.type 
_entity_poly.nstd_linkage 
_entity_poly.nstd_monomer 
_entity_poly.pdbx_seq_one_letter_code 
_entity_poly.pdbx_seq_one_letter_code_can 
_entity_poly.pdbx_strand_id 
_entity_poly.pdbx_target_identifier 
1 polydeoxyribonucleotide no no '(DG)(DA)(DA)(DC)(DG)(DA)(DC)(DA)(DC)(DA)(DG)(DA)'             GAACGACACAGA    A ? 
2 polydeoxyribonucleotide no no '(DC)(DG)(DT)(DC)(DG)(DA)(DC)(DT)(DC)'                         CGTCGACTC       B ? 
3 polydeoxyribonucleotide no no '(DT)(DC)(DT)(DA)(DC)(DG)'                                     TCTACG          C ? 
4 polydeoxyribonucleotide no no '(DT)(DC)(DG)(DA)(DG)(DT)(DC)(DG)(DG)(DT)(DG)(DT)(DC)(DG)(DT)' TCGAGTCGGTGTCGT D ? 
# 
loop_
_entity_poly_seq.entity_id 
_entity_poly_seq.num 
_entity_poly_seq.mon_id 
_entity_poly_seq.hetero 
1 1  DG n 
1 2  DA n 
1 3  DA n 
1 4  DC n 
1 5  DG n 
1 6  DA n 
1 7  DC n 
1 8  DA n 
1 9  DC n 
1 10 DA n 
1 11 DG n 
1 12 DA n 
2 1  DC n 
2 2  DG n 
2 3  DT n 
2 4  DC n 
2 5  DG n 
2 6  DA n 
2 7  DC n 
2 8  DT n 
2 9  DC n 
3 1  DT n 
3 2  DC n 
3 3  DT n 
3 4  DA n 
3 5  DC n 
3 6  DG n 
4 1  DT n 
4 2  DC n 
4 3  DG n 
4 4  DA n 
4 5  DG n 
4 6  DT n 
4 7  DC n 
4 8  DG n 
4 9  DG n 
4 10 DT n 
4 11 DG n 
4 12 DT n 
4 13 DC n 
4 14 DG n 
4 15 DT n 
# 
loop_
_pdbx_entity_src_syn.entity_id 
_pdbx_entity_src_syn.pdbx_src_id 
_pdbx_entity_src_syn.pdbx_alt_source_flag 
_pdbx_entity_src_syn.pdbx_beg_seq_num 
_pdbx_entity_src_syn.pdbx_end_seq_num 
_pdbx_entity_src_syn.organism_scientific 
_pdbx_entity_src_syn.organism_common_name 
_pdbx_entity_src_syn.ncbi_taxonomy_id 
_pdbx_entity_src_syn.details 
1 1 sample 1 12 'synthetic construct' ? 32630 ? 
2 1 sample 1 9  'synthetic construct' ? 32630 ? 
3 1 sample 1 6  'synthetic construct' ? 32630 ? 
4 1 sample 1 15 'synthetic construct' ? 32630 ? 
# 
loop_
_struct_ref.id 
_struct_ref.db_name 
_struct_ref.db_code 
_struct_ref.pdbx_db_accession 
_struct_ref.pdbx_db_isoform 
_struct_ref.entity_id 
_struct_ref.pdbx_seq_one_letter_code 
_struct_ref.pdbx_align_begin 
1 PDB 7JIN 7JIN ? 1 ? 1 
2 PDB 7JIN 7JIN ? 2 ? 1 
3 PDB 7JIN 7JIN ? 3 ? 1 
4 PDB 7JIN 7JIN ? 4 ? 1 
# 
loop_
_struct_ref_seq.align_id 
_struct_ref_seq.ref_id 
_struct_ref_seq.pdbx_PDB_id_code 
_struct_ref_seq.pdbx_strand_id 
_struct_ref_seq.seq_align_beg 
_struct_ref_seq.pdbx_seq_align_beg_ins_code 
_struct_ref_seq.seq_align_end 
_struct_ref_seq.pdbx_seq_align_end_ins_code 
_struct_ref_seq.pdbx_db_accession 
_struct_ref_seq.db_align_beg 
_struct_ref_seq.pdbx_db_align_beg_ins_code 
_struct_ref_seq.db_align_end 
_struct_ref_seq.pdbx_db_align_end_ins_code 
_struct_ref_seq.pdbx_auth_seq_align_beg 
_struct_ref_seq.pdbx_auth_seq_align_end 
1 1 7JIN A 1 ? 12 ? 7JIN 1  ? 12 ? 1  12 
2 2 7JIN B 1 ? 9  ? 7JIN 12 ? 20 ? 12 20 
3 3 7JIN C 1 ? 6  ? 7JIN 0  ? 5  ? 0  5  
4 4 7JIN D 1 ? 15 ? 7JIN 2  ? 16 ? 2  16 
# 
loop_
_chem_comp.id 
_chem_comp.type 
_chem_comp.mon_nstd_flag 
_chem_comp.name 
_chem_comp.pdbx_synonyms 
_chem_comp.formula 
_chem_comp.formula_weight 
CAC non-polymer   . 'CACODYLATE ION'                     dimethylarsinate 'C2 H6 As O2 -1'  136.989 
DA  'DNA linking' y "2'-DEOXYADENOSINE-5'-MONOPHOSPHATE" ?                'C10 H14 N5 O6 P' 331.222 
DC  'DNA linking' y "2'-DEOXYCYTIDINE-5'-MONOPHOSPHATE"  ?                'C9 H14 N3 O7 P'  307.197 
DG  'DNA linking' y "2'-DEOXYGUANOSINE-5'-MONOPHOSPHATE" ?                'C10 H14 N5 O7 P' 347.221 
DT  'DNA linking' y "THYMIDINE-5'-MONOPHOSPHATE"         ?                'C10 H15 N2 O8 P' 322.208 
# 
_exptl.absorpt_coefficient_mu     ? 
_exptl.absorpt_correction_T_max   ? 
_exptl.absorpt_correction_T_min   ? 
_exptl.absorpt_correction_type    ? 
_exptl.absorpt_process_details    ? 
_exptl.entry_id                   7JIN 
_exptl.crystals_number            1 
_exptl.details                    ? 
_exptl.method                     'X-RAY DIFFRACTION' 
_exptl.method_details             ? 
# 
_exptl_crystal.colour                      ? 
_exptl_crystal.density_diffrn              ? 
_exptl_crystal.density_Matthews            4.94 
_exptl_crystal.density_method              ? 
_exptl_crystal.density_percent_sol         75.12 
_exptl_crystal.description                 ? 
_exptl_crystal.F_000                       ? 
_exptl_crystal.id                          1 
_exptl_crystal.preparation                 ? 
_exptl_crystal.size_max                    ? 
_exptl_crystal.size_mid                    ? 
_exptl_crystal.size_min                    ? 
_exptl_crystal.size_rad                    ? 
_exptl_crystal.colour_lustre               ? 
_exptl_crystal.colour_modifier             ? 
_exptl_crystal.colour_primary              ? 
_exptl_crystal.density_meas                ? 
_exptl_crystal.density_meas_esd            ? 
_exptl_crystal.density_meas_gt             ? 
_exptl_crystal.density_meas_lt             ? 
_exptl_crystal.density_meas_temp           ? 
_exptl_crystal.density_meas_temp_esd       ? 
_exptl_crystal.density_meas_temp_gt        ? 
_exptl_crystal.density_meas_temp_lt        ? 
_exptl_crystal.pdbx_crystal_image_url      ? 
_exptl_crystal.pdbx_crystal_image_format   ? 
_exptl_crystal.pdbx_mosaicity              ? 
_exptl_crystal.pdbx_mosaicity_esd          ? 
# 
_exptl_crystal_grow.apparatus       ? 
_exptl_crystal_grow.atmosphere      ? 
_exptl_crystal_grow.crystal_id      1 
_exptl_crystal_grow.details         ? 
_exptl_crystal_grow.method          'VAPOR DIFFUSION, SITTING DROP' 
_exptl_crystal_grow.method_ref      ? 
_exptl_crystal_grow.pH              ? 
_exptl_crystal_grow.pressure        ? 
_exptl_crystal_grow.pressure_esd    ? 
_exptl_crystal_grow.seeding         ? 
_exptl_crystal_grow.seeding_ref     ? 
_exptl_crystal_grow.temp            298 
_exptl_crystal_grow.temp_details    'temperature gradient generated from 60 to 25 C at 0.3 degrees per hour' 
_exptl_crystal_grow.temp_esd        ? 
_exptl_crystal_grow.time            ? 
_exptl_crystal_grow.pdbx_details    
;0.5 mL of 0.05 M Cacodylate pH 7.0 with 18 mM MgCl2, 2.25 mM spermine, 0.9 mM CoH18N6, and 4.5% MPD was added to the reservoir with 2 uL added to the drop containing 4 uL of DNA stock
;
_exptl_crystal_grow.pdbx_pH_range   ? 
# 
_diffrn.ambient_environment              ? 
_diffrn.ambient_temp                     100 
_diffrn.ambient_temp_details             ? 
_diffrn.ambient_temp_esd                 ? 
_diffrn.crystal_id                       1 
_diffrn.crystal_support                  ? 
_diffrn.crystal_treatment                ? 
_diffrn.details                          ? 
_diffrn.id                               1 
_diffrn.ambient_pressure                 ? 
_diffrn.ambient_pressure_esd             ? 
_diffrn.ambient_pressure_gt              ? 
_diffrn.ambient_pressure_lt              ? 
_diffrn.ambient_temp_gt                  ? 
_diffrn.ambient_temp_lt                  ? 
_diffrn.pdbx_serial_crystal_experiment   N 
# 
_diffrn_detector.details                      ? 
_diffrn_detector.detector                     PIXEL 
_diffrn_detector.diffrn_id                    1 
_diffrn_detector.type                         'DECTRIS PILATUS3 6M' 
_diffrn_detector.area_resol_mean              ? 
_diffrn_detector.dtime                        ? 
_diffrn_detector.pdbx_frames_total            ? 
_diffrn_detector.pdbx_collection_time_total   ? 
_diffrn_detector.pdbx_collection_date         2019-08-15 
_diffrn_detector.pdbx_frequency               ? 
# 
_diffrn_radiation.collimation                      ? 
_diffrn_radiation.diffrn_id                        1 
_diffrn_radiation.filter_edge                      ? 
_diffrn_radiation.inhomogeneity                    ? 
_diffrn_radiation.monochromator                    ? 
_diffrn_radiation.polarisn_norm                    ? 
_diffrn_radiation.polarisn_ratio                   ? 
_diffrn_radiation.probe                            ? 
_diffrn_radiation.type                             ? 
_diffrn_radiation.xray_symbol                      ? 
_diffrn_radiation.wavelength_id                    1 
_diffrn_radiation.pdbx_monochromatic_or_laue_m_l   M 
_diffrn_radiation.pdbx_wavelength_list             ? 
_diffrn_radiation.pdbx_wavelength                  ? 
_diffrn_radiation.pdbx_diffrn_protocol             'SINGLE WAVELENGTH' 
_diffrn_radiation.pdbx_analyzer                    ? 
_diffrn_radiation.pdbx_scattering_type             x-ray 
# 
_diffrn_radiation_wavelength.id           1 
_diffrn_radiation_wavelength.wavelength   1 
_diffrn_radiation_wavelength.wt           1.0 
# 
_diffrn_source.current                     ? 
_diffrn_source.details                     ? 
_diffrn_source.diffrn_id                   1 
_diffrn_source.power                       ? 
_diffrn_source.size                        ? 
_diffrn_source.source                      SYNCHROTRON 
_diffrn_source.target                      ? 
_diffrn_source.type                        'APS BEAMLINE 19-ID' 
_diffrn_source.voltage                     ? 
_diffrn_source.take-off_angle              ? 
_diffrn_source.pdbx_wavelength_list        1 
_diffrn_source.pdbx_wavelength             ? 
_diffrn_source.pdbx_synchrotron_beamline   19-ID 
_diffrn_source.pdbx_synchrotron_site       APS 
# 
_reflns.B_iso_Wilson_estimate            100.500 
_reflns.entry_id                         7JIN 
_reflns.data_reduction_details           ? 
_reflns.data_reduction_method            ? 
_reflns.d_resolution_high                2.900 
_reflns.d_resolution_low                 50.000 
_reflns.details                          ? 
_reflns.limit_h_max                      ? 
_reflns.limit_h_min                      ? 
_reflns.limit_k_max                      ? 
_reflns.limit_k_min                      ? 
_reflns.limit_l_max                      ? 
_reflns.limit_l_min                      ? 
_reflns.number_all                       ? 
_reflns.number_obs                       5331 
_reflns.observed_criterion               ? 
_reflns.observed_criterion_F_max         ? 
_reflns.observed_criterion_F_min         ? 
_reflns.observed_criterion_I_max         ? 
_reflns.observed_criterion_I_min         ? 
_reflns.observed_criterion_sigma_F       ? 
_reflns.observed_criterion_sigma_I       ? 
_reflns.percent_possible_obs             99.000 
_reflns.R_free_details                   ? 
_reflns.Rmerge_F_all                     ? 
_reflns.Rmerge_F_obs                     ? 
_reflns.Friedel_coverage                 ? 
_reflns.number_gt                        ? 
_reflns.threshold_expression             ? 
_reflns.pdbx_redundancy                  10.000 
_reflns.pdbx_Rmerge_I_obs                0.159 
_reflns.pdbx_Rmerge_I_all                ? 
_reflns.pdbx_Rsym_value                  ? 
_reflns.pdbx_netI_over_av_sigmaI         ? 
_reflns.pdbx_netI_over_sigmaI            8.900 
_reflns.pdbx_res_netI_over_av_sigmaI_2   ? 
_reflns.pdbx_res_netI_over_sigmaI_2      ? 
_reflns.pdbx_chi_squared                 6.455 
_reflns.pdbx_scaling_rejects             ? 
_reflns.pdbx_d_res_high_opt              ? 
_reflns.pdbx_d_res_low_opt               ? 
_reflns.pdbx_d_res_opt_method            ? 
_reflns.phase_calculation_details        ? 
_reflns.pdbx_Rrim_I_all                  0.168 
_reflns.pdbx_Rpim_I_all                  0.054 
_reflns.pdbx_d_opt                       ? 
_reflns.pdbx_number_measured_all         ? 
_reflns.pdbx_diffrn_id                   1 
_reflns.pdbx_ordinal                     1 
_reflns.pdbx_CC_half                     1 
_reflns.pdbx_CC_star                     ? 
_reflns.pdbx_R_split                     ? 
# 
loop_
_reflns_shell.d_res_high 
_reflns_shell.d_res_low 
_reflns_shell.meanI_over_sigI_all 
_reflns_shell.meanI_over_sigI_obs 
_reflns_shell.number_measured_all 
_reflns_shell.number_measured_obs 
_reflns_shell.number_possible 
_reflns_shell.number_unique_all 
_reflns_shell.number_unique_obs 
_reflns_shell.percent_possible_all 
_reflns_shell.percent_possible_obs 
_reflns_shell.Rmerge_F_all 
_reflns_shell.Rmerge_F_obs 
_reflns_shell.Rmerge_I_all 
_reflns_shell.Rmerge_I_obs 
_reflns_shell.meanI_over_sigI_gt 
_reflns_shell.meanI_over_uI_all 
_reflns_shell.meanI_over_uI_gt 
_reflns_shell.number_measured_gt 
_reflns_shell.number_unique_gt 
_reflns_shell.percent_possible_gt 
_reflns_shell.Rmerge_F_gt 
_reflns_shell.Rmerge_I_gt 
_reflns_shell.pdbx_redundancy 
_reflns_shell.pdbx_Rsym_value 
_reflns_shell.pdbx_chi_squared 
_reflns_shell.pdbx_netI_over_sigmaI_all 
_reflns_shell.pdbx_netI_over_sigmaI_obs 
_reflns_shell.pdbx_Rrim_I_all 
_reflns_shell.pdbx_Rpim_I_all 
_reflns_shell.pdbx_rejects 
_reflns_shell.pdbx_ordinal 
_reflns_shell.pdbx_diffrn_id 
_reflns_shell.pdbx_CC_half 
_reflns_shell.pdbx_CC_star 
_reflns_shell.pdbx_R_split 
2.900 2.950  ? ? ? ? ? ? 268 96.400  ? ? ? ? 1.443 ? ? ? ? ? ? ? ? 7.600  ? 0.459  ? ? 1.539 0.522 ? 1  1 0.671 ? ? 
2.950 3.000  ? ? ? ? ? ? 244 94.600  ? ? ? ? 0.839 ? ? ? ? ? ? ? ? 7.800  ? 0.517  ? ? 0.894 0.304 ? 2  1 0.873 ? ? 
3.000 3.060  ? ? ? ? ? ? 270 96.400  ? ? ? ? 0.516 ? ? ? ? ? ? ? ? 8.800  ? 0.747  ? ? 0.546 0.178 ? 3  1 0.953 ? ? 
3.060 3.120  ? ? ? ? ? ? 261 100.000 ? ? ? ? 0.337 ? ? ? ? ? ? ? ? 10.100 ? 1.970  ? ? 0.355 0.111 ? 4  1 0.981 ? ? 
3.120 3.190  ? ? ? ? ? ? 284 100.000 ? ? ? ? 0.290 ? ? ? ? ? ? ? ? 10.200 ? 4.324  ? ? 0.309 0.105 ? 5  1 0.956 ? ? 
3.190 3.270  ? ? ? ? ? ? 249 100.000 ? ? ? ? 0.282 ? ? ? ? ? ? ? ? 10.200 ? 2.702  ? ? 0.300 0.100 ? 6  1 0.932 ? ? 
3.270 3.350  ? ? ? ? ? ? 284 98.300  ? ? ? ? 0.263 ? ? ? ? ? ? ? ? 10.300 ? 4.145  ? ? 0.281 0.094 ? 7  1 0.939 ? ? 
3.350 3.440  ? ? ? ? ? ? 254 100.000 ? ? ? ? 0.252 ? ? ? ? ? ? ? ? 10.300 ? 4.709  ? ? 0.267 0.087 ? 8  1 0.968 ? ? 
3.440 3.540  ? ? ? ? ? ? 280 100.000 ? ? ? ? 0.223 ? ? ? ? ? ? ? ? 10.200 ? 5.305  ? ? 0.236 0.075 ? 9  1 0.986 ? ? 
3.540 3.650  ? ? ? ? ? ? 258 99.600  ? ? ? ? 0.220 ? ? ? ? ? ? ? ? 9.800  ? 3.515  ? ? 0.233 0.073 ? 10 1 0.985 ? ? 
3.650 3.780  ? ? ? ? ? ? 260 99.200  ? ? ? ? 0.211 ? ? ? ? ? ? ? ? 9.600  ? 3.598  ? ? 0.222 0.070 ? 11 1 0.985 ? ? 
3.780 3.940  ? ? ? ? ? ? 283 100.000 ? ? ? ? 0.212 ? ? ? ? ? ? ? ? 10.800 ? 4.266  ? ? 0.223 0.068 ? 12 1 0.964 ? ? 
3.940 4.110  ? ? ? ? ? ? 269 100.000 ? ? ? ? 0.197 ? ? ? ? ? ? ? ? 10.600 ? 6.991  ? ? 0.208 0.064 ? 13 1 0.967 ? ? 
4.110 4.330  ? ? ? ? ? ? 268 99.600  ? ? ? ? 0.181 ? ? ? ? ? ? ? ? 10.900 ? 5.895  ? ? 0.190 0.059 ? 14 1 0.981 ? ? 
4.330 4.600  ? ? ? ? ? ? 262 100.000 ? ? ? ? 0.177 ? ? ? ? ? ? ? ? 10.600 ? 7.936  ? ? 0.186 0.057 ? 15 1 0.976 ? ? 
4.600 4.960  ? ? ? ? ? ? 266 99.600  ? ? ? ? 0.172 ? ? ? ? ? ? ? ? 9.600  ? 10.262 ? ? 0.182 0.058 ? 16 1 0.973 ? ? 
4.960 5.460  ? ? ? ? ? ? 271 100.000 ? ? ? ? 0.140 ? ? ? ? ? ? ? ? 10.800 ? 9.129  ? ? 0.147 0.045 ? 17 1 0.983 ? ? 
5.460 6.240  ? ? ? ? ? ? 270 98.200  ? ? ? ? 0.137 ? ? ? ? ? ? ? ? 10.600 ? 13.168 ? ? 0.145 0.045 ? 18 1 0.976 ? ? 
6.240 7.860  ? ? ? ? ? ? 261 98.500  ? ? ? ? 0.127 ? ? ? ? ? ? ? ? 9.800  ? 10.576 ? ? 0.134 0.043 ? 19 1 0.972 ? ? 
7.860 50.000 ? ? ? ? ? ? 269 98.900  ? ? ? ? 0.136 ? ? ? ? ? ? ? ? 10.400 ? 23.555 ? ? 0.144 0.048 ? 20 1 0.939 ? ? 
# 
_refine.aniso_B[1][1]                            ? 
_refine.aniso_B[1][2]                            ? 
_refine.aniso_B[1][3]                            ? 
_refine.aniso_B[2][2]                            ? 
_refine.aniso_B[2][3]                            ? 
_refine.aniso_B[3][3]                            ? 
_refine.B_iso_max                                159.680 
_refine.B_iso_mean                               89.2384 
_refine.B_iso_min                                42.380 
_refine.correlation_coeff_Fo_to_Fc               ? 
_refine.correlation_coeff_Fo_to_Fc_free          ? 
_refine.details                                  ? 
_refine.diff_density_max                         ? 
_refine.diff_density_max_esd                     ? 
_refine.diff_density_min                         ? 
_refine.diff_density_min_esd                     ? 
_refine.diff_density_rms                         ? 
_refine.diff_density_rms_esd                     ? 
_refine.entry_id                                 7JIN 
_refine.pdbx_refine_id                           'X-RAY DIFFRACTION' 
_refine.ls_abs_structure_details                 ? 
_refine.ls_abs_structure_Flack                   ? 
_refine.ls_abs_structure_Flack_esd               ? 
_refine.ls_abs_structure_Rogers                  ? 
_refine.ls_abs_structure_Rogers_esd              ? 
_refine.ls_d_res_high                            2.9090 
_refine.ls_d_res_low                             35.5220 
_refine.ls_extinction_coef                       ? 
_refine.ls_extinction_coef_esd                   ? 
_refine.ls_extinction_expression                 ? 
_refine.ls_extinction_method                     ? 
_refine.ls_goodness_of_fit_all                   ? 
_refine.ls_goodness_of_fit_all_esd               ? 
_refine.ls_goodness_of_fit_obs                   ? 
_refine.ls_goodness_of_fit_obs_esd               ? 
_refine.ls_hydrogen_treatment                    ? 
_refine.ls_matrix_type                           ? 
_refine.ls_number_constraints                    ? 
_refine.ls_number_parameters                     ? 
_refine.ls_number_reflns_all                     ? 
_refine.ls_number_reflns_obs                     5171 
_refine.ls_number_reflns_R_free                  257 
_refine.ls_number_reflns_R_work                  4914 
_refine.ls_number_restraints                     ? 
_refine.ls_percent_reflns_obs                    95.8500 
_refine.ls_percent_reflns_R_free                 4.9700 
_refine.ls_R_factor_all                          ? 
_refine.ls_R_factor_obs                          0.2224 
_refine.ls_R_factor_R_free                       0.2417 
_refine.ls_R_factor_R_free_error                 ? 
_refine.ls_R_factor_R_free_error_details         ? 
_refine.ls_R_factor_R_work                       0.2213 
_refine.ls_R_Fsqd_factor_obs                     ? 
_refine.ls_R_I_factor_obs                        ? 
_refine.ls_redundancy_reflns_all                 ? 
_refine.ls_redundancy_reflns_obs                 ? 
_refine.ls_restrained_S_all                      ? 
_refine.ls_restrained_S_obs                      ? 
_refine.ls_shift_over_esd_max                    ? 
_refine.ls_shift_over_esd_mean                   ? 
_refine.ls_structure_factor_coef                 ? 
_refine.ls_weighting_details                     ? 
_refine.ls_weighting_scheme                      ? 
_refine.ls_wR_factor_all                         ? 
_refine.ls_wR_factor_obs                         ? 
_refine.ls_wR_factor_R_free                      ? 
_refine.ls_wR_factor_R_work                      ? 
_refine.occupancy_max                            ? 
_refine.occupancy_min                            ? 
_refine.solvent_model_details                    'FLAT BULK SOLVENT MODEL' 
_refine.solvent_model_param_bsol                 ? 
_refine.solvent_model_param_ksol                 ? 
_refine.pdbx_R_complete                          ? 
_refine.ls_R_factor_gt                           ? 
_refine.ls_goodness_of_fit_gt                    ? 
_refine.ls_goodness_of_fit_ref                   ? 
_refine.ls_shift_over_su_max                     ? 
_refine.ls_shift_over_su_max_lt                  ? 
_refine.ls_shift_over_su_mean                    ? 
_refine.ls_shift_over_su_mean_lt                 ? 
_refine.pdbx_ls_sigma_I                          ? 
_refine.pdbx_ls_sigma_F                          1.990 
_refine.pdbx_ls_sigma_Fsqd                       ? 
_refine.pdbx_data_cutoff_high_absF               ? 
_refine.pdbx_data_cutoff_high_rms_absF           ? 
_refine.pdbx_data_cutoff_low_absF                ? 
_refine.pdbx_isotropic_thermal_model             ? 
_refine.pdbx_ls_cross_valid_method               THROUGHOUT 
_refine.pdbx_method_to_determine_struct          'MOLECULAR REPLACEMENT' 
_refine.pdbx_starting_model                      6XNA 
_refine.pdbx_stereochemistry_target_values       ML 
_refine.pdbx_R_Free_selection_details            ? 
_refine.pdbx_stereochem_target_val_spec_case     ? 
_refine.pdbx_overall_ESU_R                       ? 
_refine.pdbx_overall_ESU_R_Free                  ? 
_refine.pdbx_solvent_vdw_probe_radii             1.1100 
_refine.pdbx_solvent_ion_probe_radii             ? 
_refine.pdbx_solvent_shrinkage_radii             0.9000 
_refine.pdbx_real_space_R                        ? 
_refine.pdbx_density_correlation                 ? 
_refine.pdbx_pd_number_of_powder_patterns        ? 
_refine.pdbx_pd_number_of_points                 ? 
_refine.pdbx_pd_meas_number_of_points            ? 
_refine.pdbx_pd_proc_ls_prof_R_factor            ? 
_refine.pdbx_pd_proc_ls_prof_wR_factor           ? 
_refine.pdbx_pd_Marquardt_correlation_coeff      ? 
_refine.pdbx_pd_Fsqrd_R_factor                   ? 
_refine.pdbx_pd_ls_matrix_band_width             ? 
_refine.pdbx_overall_phase_error                 30.2900 
_refine.pdbx_overall_SU_R_free_Cruickshank_DPI   ? 
_refine.pdbx_overall_SU_R_free_Blow_DPI          ? 
_refine.pdbx_overall_SU_R_Blow_DPI               ? 
_refine.pdbx_TLS_residual_ADP_flag               ? 
_refine.pdbx_diffrn_id                           1 
_refine.overall_SU_B                             ? 
_refine.overall_SU_ML                            0.0700 
_refine.overall_SU_R_Cruickshank_DPI             ? 
_refine.overall_SU_R_free                        ? 
_refine.overall_FOM_free_R_set                   ? 
_refine.overall_FOM_work_R_set                   ? 
_refine.pdbx_average_fsc_overall                 ? 
_refine.pdbx_average_fsc_work                    ? 
_refine.pdbx_average_fsc_free                    ? 
# 
_refine_hist.pdbx_refine_id                   'X-RAY DIFFRACTION' 
_refine_hist.cycle_id                         final 
_refine_hist.details                          ? 
_refine_hist.d_res_high                       2.9090 
_refine_hist.d_res_low                        35.5220 
_refine_hist.number_atoms_solvent             0 
_refine_hist.number_atoms_total               856 
_refine_hist.number_reflns_all                ? 
_refine_hist.number_reflns_obs                ? 
_refine_hist.number_reflns_R_free             ? 
_refine_hist.number_reflns_R_work             ? 
_refine_hist.R_factor_all                     ? 
_refine_hist.R_factor_obs                     ? 
_refine_hist.R_factor_R_free                  ? 
_refine_hist.R_factor_R_work                  ? 
_refine_hist.pdbx_number_residues_total       42 
_refine_hist.pdbx_B_iso_mean_ligand           141.54 
_refine_hist.pdbx_B_iso_mean_solvent          ? 
_refine_hist.pdbx_number_atoms_protein        0 
_refine_hist.pdbx_number_atoms_nucleic_acid   855 
_refine_hist.pdbx_number_atoms_ligand         1 
_refine_hist.pdbx_number_atoms_lipid          ? 
_refine_hist.pdbx_number_atoms_carb           ? 
_refine_hist.pdbx_pseudo_atom_details         ? 
# 
loop_
_refine_ls_restr.pdbx_refine_id 
_refine_ls_restr.criterion 
_refine_ls_restr.dev_ideal 
_refine_ls_restr.dev_ideal_target 
_refine_ls_restr.number 
_refine_ls_restr.rejects 
_refine_ls_restr.type 
_refine_ls_restr.weight 
_refine_ls_restr.pdbx_restraint_function 
'X-RAY DIFFRACTION' ? 0.006  ? 956  ? f_bond_d           ? ? 
'X-RAY DIFFRACTION' ? 0.778  ? 1467 ? f_angle_d          ? ? 
'X-RAY DIFFRACTION' ? 0.041  ? 166  ? f_chiral_restr     ? ? 
'X-RAY DIFFRACTION' ? 0.004  ? 42   ? f_plane_restr      ? ? 
'X-RAY DIFFRACTION' ? 34.988 ? 406  ? f_dihedral_angle_d ? ? 
# 
loop_
_refine_ls_shell.pdbx_refine_id 
_refine_ls_shell.d_res_high 
_refine_ls_shell.d_res_low 
_refine_ls_shell.number_reflns_all 
_refine_ls_shell.number_reflns_obs 
_refine_ls_shell.number_reflns_R_free 
_refine_ls_shell.number_reflns_R_work 
_refine_ls_shell.percent_reflns_obs 
_refine_ls_shell.percent_reflns_R_free 
_refine_ls_shell.R_factor_all 
_refine_ls_shell.R_factor_obs 
_refine_ls_shell.R_factor_R_free 
_refine_ls_shell.R_factor_R_free_error 
_refine_ls_shell.R_factor_R_work 
_refine_ls_shell.redundancy_reflns_all 
_refine_ls_shell.redundancy_reflns_obs 
_refine_ls_shell.wR_factor_all 
_refine_ls_shell.wR_factor_obs 
_refine_ls_shell.wR_factor_R_free 
_refine_ls_shell.wR_factor_R_work 
_refine_ls_shell.pdbx_R_complete 
_refine_ls_shell.pdbx_total_number_of_bins_used 
_refine_ls_shell.pdbx_phase_error 
_refine_ls_shell.pdbx_fsc_work 
_refine_ls_shell.pdbx_fsc_free 
'X-RAY DIFFRACTION' 2.909  3.6641 . . 123 2368 92.0000 . . . 0.3688 0.0000 0.3403 . . . . . . . . . . . 
'X-RAY DIFFRACTION' 3.6641 35.522 . . 134 2546 99.0000 . . . 0.2102 0.0000 0.1927 . . . . . . . . . . . 
# 
_struct.entry_id                     7JIN 
_struct.title                        
;Self-assembly of a 3D DNA crystal lattice (4x6 scramble junction version) containing the J24 immobile Holliday junction with R3 symmetry
;
_struct.pdbx_model_details           ? 
_struct.pdbx_formula_weight          ? 
_struct.pdbx_formula_weight_method   ? 
_struct.pdbx_model_type_details      ? 
_struct.pdbx_CASP_flag               N 
# 
_struct_keywords.entry_id        7JIN 
_struct_keywords.text            
'Structural DNA nanotechnology, immobile Holliday junctions, 3D DNA self-assembly, designer DNA crystals, DNA' 
_struct_keywords.pdbx_keywords   DNA 
# 
loop_
_struct_asym.id 
_struct_asym.pdbx_blank_PDB_chainid_flag 
_struct_asym.pdbx_modified 
_struct_asym.entity_id 
_struct_asym.details 
A N N 1 ? 
B N N 2 ? 
C N N 3 ? 
D N N 4 ? 
E N N 5 ? 
# 
loop_
_struct_conn.id 
_struct_conn.conn_type_id 
_struct_conn.pdbx_leaving_atom_flag 
_struct_conn.pdbx_PDB_id 
_struct_conn.ptnr1_label_asym_id 
_struct_conn.ptnr1_label_comp_id 
_struct_conn.ptnr1_label_seq_id 
_struct_conn.ptnr1_label_atom_id 
_struct_conn.pdbx_ptnr1_label_alt_id 
_struct_conn.pdbx_ptnr1_PDB_ins_code 
_struct_conn.pdbx_ptnr1_standard_comp_id 
_struct_conn.ptnr1_symmetry 
_struct_conn.ptnr2_label_asym_id 
_struct_conn.ptnr2_label_comp_id 
_struct_conn.ptnr2_label_seq_id 
_struct_conn.ptnr2_label_atom_id 
_struct_conn.pdbx_ptnr2_label_alt_id 
_struct_conn.pdbx_ptnr2_PDB_ins_code 
_struct_conn.ptnr1_auth_asym_id 
_struct_conn.ptnr1_auth_comp_id 
_struct_conn.ptnr1_auth_seq_id 
_struct_conn.ptnr2_auth_asym_id 
_struct_conn.ptnr2_auth_comp_id 
_struct_conn.ptnr2_auth_seq_id 
_struct_conn.ptnr2_symmetry 
_struct_conn.pdbx_ptnr3_label_atom_id 
_struct_conn.pdbx_ptnr3_label_seq_id 
_struct_conn.pdbx_ptnr3_label_comp_id 
_struct_conn.pdbx_ptnr3_label_asym_id 
_struct_conn.pdbx_ptnr3_label_alt_id 
_struct_conn.pdbx_ptnr3_PDB_ins_code 
_struct_conn.details 
_struct_conn.pdbx_dist_value 
_struct_conn.pdbx_value_order 
_struct_conn.pdbx_role 
hydrog1  hydrog ? ? A DA 3  N1 ? ? ? 1_555 D DT 15 N3 ? ? A DA 3  D DT 16 1_555 ? ? ? ? ? ? WATSON-CRICK ? ? ? 
hydrog2  hydrog ? ? A DA 3  N6 ? ? ? 1_555 D DT 15 O4 ? ? A DA 3  D DT 16 1_555 ? ? ? ? ? ? WATSON-CRICK ? ? ? 
hydrog3  hydrog ? ? A DC 4  N3 ? ? ? 1_555 D DG 14 N1 ? ? A DC 4  D DG 15 1_555 ? ? ? ? ? ? WATSON-CRICK ? ? ? 
hydrog4  hydrog ? ? A DC 4  N4 ? ? ? 1_555 D DG 14 O6 ? ? A DC 4  D DG 15 1_555 ? ? ? ? ? ? WATSON-CRICK ? ? ? 
hydrog5  hydrog ? ? A DC 4  O2 ? ? ? 1_555 D DG 14 N2 ? ? A DC 4  D DG 15 1_555 ? ? ? ? ? ? WATSON-CRICK ? ? ? 
hydrog6  hydrog ? ? A DG 5  N1 ? ? ? 1_555 D DC 13 N3 ? ? A DG 5  D DC 14 1_555 ? ? ? ? ? ? WATSON-CRICK ? ? ? 
hydrog7  hydrog ? ? A DG 5  N2 ? ? ? 1_555 D DC 13 O2 ? ? A DG 5  D DC 14 1_555 ? ? ? ? ? ? WATSON-CRICK ? ? ? 
hydrog8  hydrog ? ? A DG 5  O6 ? ? ? 1_555 D DC 13 N4 ? ? A DG 5  D DC 14 1_555 ? ? ? ? ? ? WATSON-CRICK ? ? ? 
hydrog9  hydrog ? ? A DA 6  N1 ? ? ? 1_555 D DT 12 N3 ? ? A DA 6  D DT 13 1_555 ? ? ? ? ? ? WATSON-CRICK ? ? ? 
hydrog10 hydrog ? ? A DA 6  N6 ? ? ? 1_555 D DT 12 O4 ? ? A DA 6  D DT 13 1_555 ? ? ? ? ? ? WATSON-CRICK ? ? ? 
hydrog11 hydrog ? ? A DC 7  N3 ? ? ? 1_555 D DG 11 N1 ? ? A DC 7  D DG 12 1_555 ? ? ? ? ? ? WATSON-CRICK ? ? ? 
hydrog12 hydrog ? ? A DC 7  N4 ? ? ? 1_555 D DG 11 O6 ? ? A DC 7  D DG 12 1_555 ? ? ? ? ? ? WATSON-CRICK ? ? ? 
hydrog13 hydrog ? ? A DC 7  O2 ? ? ? 1_555 D DG 11 N2 ? ? A DC 7  D DG 12 1_555 ? ? ? ? ? ? WATSON-CRICK ? ? ? 
hydrog14 hydrog ? ? A DA 8  N1 ? ? ? 1_555 D DT 10 N3 ? ? A DA 8  D DT 11 1_555 ? ? ? ? ? ? WATSON-CRICK ? ? ? 
hydrog15 hydrog ? ? A DA 8  N6 ? ? ? 1_555 D DT 10 O4 ? ? A DA 8  D DT 11 1_555 ? ? ? ? ? ? WATSON-CRICK ? ? ? 
hydrog16 hydrog ? ? A DC 9  N3 ? ? ? 1_555 D DG 9  N1 ? ? A DC 9  D DG 10 1_555 ? ? ? ? ? ? WATSON-CRICK ? ? ? 
hydrog17 hydrog ? ? A DC 9  N4 ? ? ? 1_555 D DG 9  O6 ? ? A DC 9  D DG 10 1_555 ? ? ? ? ? ? WATSON-CRICK ? ? ? 
hydrog18 hydrog ? ? A DC 9  O2 ? ? ? 1_555 D DG 9  N2 ? ? A DC 9  D DG 10 1_555 ? ? ? ? ? ? WATSON-CRICK ? ? ? 
hydrog19 hydrog ? ? A DA 10 N1 ? ? ? 1_555 C DT 3  N3 ? ? A DA 10 C DT 2  1_555 ? ? ? ? ? ? WATSON-CRICK ? ? ? 
hydrog20 hydrog ? ? A DA 10 N6 ? ? ? 1_555 C DT 3  O4 ? ? A DA 10 C DT 2  1_555 ? ? ? ? ? ? WATSON-CRICK ? ? ? 
hydrog21 hydrog ? ? A DG 11 N1 ? ? ? 1_555 C DC 2  N3 ? ? A DG 11 C DC 1  1_555 ? ? ? ? ? ? WATSON-CRICK ? ? ? 
hydrog22 hydrog ? ? A DG 11 N2 ? ? ? 1_555 C DC 2  O2 ? ? A DG 11 C DC 1  1_555 ? ? ? ? ? ? WATSON-CRICK ? ? ? 
hydrog23 hydrog ? ? A DG 11 O6 ? ? ? 1_555 C DC 2  N4 ? ? A DG 11 C DC 1  1_555 ? ? ? ? ? ? WATSON-CRICK ? ? ? 
hydrog24 hydrog ? ? A DA 12 N1 ? ? ? 1_555 C DT 1  N3 ? ? A DA 12 C DT 0  1_555 ? ? ? ? ? ? WATSON-CRICK ? ? ? 
hydrog25 hydrog ? ? A DA 12 N6 ? ? ? 1_555 C DT 1  O4 ? ? A DA 12 C DT 0  1_555 ? ? ? ? ? ? WATSON-CRICK ? ? ? 
hydrog26 hydrog ? ? B DC 1  N3 ? ? ? 1_555 C DG 6  N1 ? ? B DC 12 C DG 5  1_555 ? ? ? ? ? ? WATSON-CRICK ? ? ? 
hydrog27 hydrog ? ? B DC 1  N4 ? ? ? 1_555 C DG 6  O6 ? ? B DC 12 C DG 5  1_555 ? ? ? ? ? ? WATSON-CRICK ? ? ? 
hydrog28 hydrog ? ? B DC 1  O2 ? ? ? 1_555 C DG 6  N2 ? ? B DC 12 C DG 5  1_555 ? ? ? ? ? ? WATSON-CRICK ? ? ? 
hydrog29 hydrog ? ? B DG 2  N1 ? ? ? 1_555 C DC 5  N3 ? ? B DG 13 C DC 4  1_555 ? ? ? ? ? ? WATSON-CRICK ? ? ? 
hydrog30 hydrog ? ? B DG 2  N2 ? ? ? 1_555 C DC 5  O2 ? ? B DG 13 C DC 4  1_555 ? ? ? ? ? ? WATSON-CRICK ? ? ? 
hydrog31 hydrog ? ? B DG 2  O6 ? ? ? 1_555 C DC 5  N4 ? ? B DG 13 C DC 4  1_555 ? ? ? ? ? ? WATSON-CRICK ? ? ? 
hydrog32 hydrog ? ? B DT 3  N3 ? ? ? 1_555 C DA 4  N1 ? ? B DT 14 C DA 3  1_555 ? ? ? ? ? ? WATSON-CRICK ? ? ? 
hydrog33 hydrog ? ? B DT 3  O4 ? ? ? 1_555 C DA 4  N6 ? ? B DT 14 C DA 3  1_555 ? ? ? ? ? ? WATSON-CRICK ? ? ? 
hydrog34 hydrog ? ? B DC 4  N3 ? ? ? 1_555 D DG 8  N1 ? ? B DC 15 D DG 9  1_555 ? ? ? ? ? ? WATSON-CRICK ? ? ? 
hydrog35 hydrog ? ? B DC 4  N4 ? ? ? 1_555 D DG 8  O6 ? ? B DC 15 D DG 9  1_555 ? ? ? ? ? ? WATSON-CRICK ? ? ? 
hydrog36 hydrog ? ? B DC 4  O2 ? ? ? 1_555 D DG 8  N2 ? ? B DC 15 D DG 9  1_555 ? ? ? ? ? ? WATSON-CRICK ? ? ? 
hydrog37 hydrog ? ? B DG 5  N1 ? ? ? 1_555 D DC 7  N3 ? ? B DG 16 D DC 8  1_555 ? ? ? ? ? ? WATSON-CRICK ? ? ? 
hydrog38 hydrog ? ? B DG 5  N2 ? ? ? 1_555 D DC 7  O2 ? ? B DG 16 D DC 8  1_555 ? ? ? ? ? ? WATSON-CRICK ? ? ? 
hydrog39 hydrog ? ? B DG 5  O6 ? ? ? 1_555 D DC 7  N4 ? ? B DG 16 D DC 8  1_555 ? ? ? ? ? ? WATSON-CRICK ? ? ? 
hydrog40 hydrog ? ? B DA 6  N1 ? ? ? 1_555 D DT 6  N3 ? ? B DA 17 D DT 7  1_555 ? ? ? ? ? ? WATSON-CRICK ? ? ? 
hydrog41 hydrog ? ? B DA 6  N6 ? ? ? 1_555 D DT 6  O4 ? ? B DA 17 D DT 7  1_555 ? ? ? ? ? ? WATSON-CRICK ? ? ? 
hydrog42 hydrog ? ? B DC 7  N3 ? ? ? 1_555 D DG 5  N1 ? ? B DC 18 D DG 6  1_555 ? ? ? ? ? ? WATSON-CRICK ? ? ? 
hydrog43 hydrog ? ? B DC 7  N4 ? ? ? 1_555 D DG 5  O6 ? ? B DC 18 D DG 6  1_555 ? ? ? ? ? ? WATSON-CRICK ? ? ? 
hydrog44 hydrog ? ? B DC 7  O2 ? ? ? 1_555 D DG 5  N2 ? ? B DC 18 D DG 6  1_555 ? ? ? ? ? ? WATSON-CRICK ? ? ? 
hydrog45 hydrog ? ? B DT 8  N3 ? ? ? 1_555 D DA 4  N1 ? ? B DT 19 D DA 5  1_555 ? ? ? ? ? ? WATSON-CRICK ? ? ? 
hydrog46 hydrog ? ? B DT 8  O4 ? ? ? 1_555 D DA 4  N6 ? ? B DT 19 D DA 5  1_555 ? ? ? ? ? ? WATSON-CRICK ? ? ? 
hydrog47 hydrog ? ? B DC 9  N3 ? ? ? 1_555 D DG 3  N1 ? ? B DC 20 D DG 4  1_555 ? ? ? ? ? ? WATSON-CRICK ? ? ? 
hydrog48 hydrog ? ? B DC 9  N4 ? ? ? 1_555 D DG 3  O6 ? ? B DC 20 D DG 4  1_555 ? ? ? ? ? ? WATSON-CRICK ? ? ? 
hydrog49 hydrog ? ? B DC 9  O2 ? ? ? 1_555 D DG 3  N2 ? ? B DC 20 D DG 4  1_555 ? ? ? ? ? ? WATSON-CRICK ? ? ? 
# 
_struct_conn_type.id          hydrog 
_struct_conn_type.criteria    ? 
_struct_conn_type.reference   ? 
# 
_atom_sites.entry_id                    7JIN 
_atom_sites.Cartn_transf_matrix[1][1]   ? 
_atom_sites.Cartn_transf_matrix[1][2]   ? 
_atom_sites.Cartn_transf_matrix[1][3]   ? 
_atom_sites.Cartn_transf_matrix[2][1]   ? 
_atom_sites.Cartn_transf_matrix[2][2]   ? 
_atom_sites.Cartn_transf_matrix[2][3]   ? 
_atom_sites.Cartn_transf_matrix[3][1]   ? 
_atom_sites.Cartn_transf_matrix[3][2]   ? 
_atom_sites.Cartn_transf_matrix[3][3]   ? 
_atom_sites.Cartn_transf_vector[1]      ? 
_atom_sites.Cartn_transf_vector[2]      ? 
_atom_sites.Cartn_transf_vector[3]      ? 
_atom_sites.fract_transf_matrix[1][1]   -0.00466533 
_atom_sites.fract_transf_matrix[1][2]   0.00147680 
_atom_sites.fract_transf_matrix[1][3]   -0.00901234 
_atom_sites.fract_transf_matrix[2][1]   -0.00982876 
_atom_sites.fract_transf_matrix[2][2]   -0.00267491 
_atom_sites.fract_transf_matrix[2][3]   -0.00118543 
_atom_sites.fract_transf_matrix[3][1]   -0.00547482 
_atom_sites.fract_transf_matrix[3][2]   0.01758391 
_atom_sites.fract_transf_matrix[3][3]   0.00571547 
_atom_sites.fract_transf_vector[1]      1.162047 
_atom_sites.fract_transf_vector[2]      1.326319 
_atom_sites.fract_transf_vector[3]      0.089886 
_atom_sites.solution_primary            ? 
_atom_sites.solution_secondary          ? 
_atom_sites.solution_hydrogens          ? 
_atom_sites.special_details             ? 
# 
loop_
_atom_type.symbol 
AS 
C  
N  
O  
P  
# 
loop_
_atom_site.group_PDB 
_atom_site.id 
_atom_site.type_symbol 
_atom_site.label_atom_id 
_atom_site.label_alt_id 
_atom_site.label_comp_id 
_atom_site.label_asym_id 
_atom_site.label_entity_id 
_atom_site.label_seq_id 
_atom_site.pdbx_PDB_ins_code 
_atom_site.Cartn_x 
_atom_site.Cartn_y 
_atom_site.Cartn_z 
_atom_site.occupancy 
_atom_site.B_iso_or_equiv 
_atom_site.pdbx_formal_charge 
_atom_site.auth_seq_id 
_atom_site.auth_comp_id 
_atom_site.auth_asym_id 
_atom_site.auth_atom_id 
_atom_site.pdbx_PDB_model_num 
ATOM   1   O  "O5'" . DG  A 1 1  ? 21.531  -11.856 -11.897 1.00 137.09 ? 1   DG  A "O5'" 1 
ATOM   2   C  "C5'" . DG  A 1 1  ? 20.975  -12.168 -13.169 1.00 133.71 ? 1   DG  A "C5'" 1 
ATOM   3   C  "C4'" . DG  A 1 1  ? 20.829  -10.916 -14.015 1.00 134.27 ? 1   DG  A "C4'" 1 
ATOM   4   O  "O4'" . DG  A 1 1  ? 20.396  -11.283 -15.338 1.00 126.46 ? 1   DG  A "O4'" 1 
ATOM   5   C  "C3'" . DG  A 1 1  ? 19.778  -9.933  -13.525 1.00 130.05 ? 1   DG  A "C3'" 1 
ATOM   6   O  "O3'" . DG  A 1 1  ? 20.350  -9.035  -12.580 1.00 134.48 ? 1   DG  A "O3'" 1 
ATOM   7   C  "C2'" . DG  A 1 1  ? 19.363  -9.200  -14.802 1.00 118.25 ? 1   DG  A "C2'" 1 
ATOM   8   C  "C1'" . DG  A 1 1  ? 19.691  -10.201 -15.916 1.00 115.08 ? 1   DG  A "C1'" 1 
ATOM   9   N  N9    . DG  A 1 1  ? 18.519  -10.722 -16.612 1.00 108.34 ? 1   DG  A N9    1 
ATOM   10  C  C8    . DG  A 1 1  ? 18.165  -12.045 -16.763 1.00 107.16 ? 1   DG  A C8    1 
ATOM   11  N  N7    . DG  A 1 1  ? 17.069  -12.216 -17.450 1.00 98.25  ? 1   DG  A N7    1 
ATOM   12  C  C5    . DG  A 1 1  ? 16.671  -10.925 -17.779 1.00 95.60  ? 1   DG  A C5    1 
ATOM   13  C  C6    . DG  A 1 1  ? 15.548  -10.483 -18.518 1.00 93.88  ? 1   DG  A C6    1 
ATOM   14  O  O6    . DG  A 1 1  ? 14.659  -11.166 -19.044 1.00 97.31  ? 1   DG  A O6    1 
ATOM   15  N  N1    . DG  A 1 1  ? 15.515  -9.093  -18.620 1.00 87.06  ? 1   DG  A N1    1 
ATOM   16  C  C2    . DG  A 1 1  ? 16.446  -8.241  -18.077 1.00 93.41  ? 1   DG  A C2    1 
ATOM   17  N  N2    . DG  A 1 1  ? 16.244  -6.929  -18.283 1.00 90.21  ? 1   DG  A N2    1 
ATOM   18  N  N3    . DG  A 1 1  ? 17.505  -8.643  -17.383 1.00 92.82  ? 1   DG  A N3    1 
ATOM   19  C  C4    . DG  A 1 1  ? 17.551  -9.996  -17.274 1.00 97.70  ? 1   DG  A C4    1 
ATOM   20  P  P     . DA  A 1 2  ? 19.411  -8.322  -11.489 1.00 146.51 ? 2   DA  A P     1 
ATOM   21  O  OP1   . DA  A 1 2  ? 19.870  -8.757  -10.150 1.00 154.40 ? 2   DA  A OP1   1 
ATOM   22  O  OP2   . DA  A 1 2  ? 18.010  -8.560  -11.900 1.00 127.26 ? 2   DA  A OP2   1 
ATOM   23  O  "O5'" . DA  A 1 2  ? 19.722  -6.761  -11.653 1.00 136.62 ? 2   DA  A "O5'" 1 
ATOM   24  C  "C5'" . DA  A 1 2  ? 19.815  -6.178  -12.948 1.00 129.96 ? 2   DA  A "C5'" 1 
ATOM   25  C  "C4'" . DA  A 1 2  ? 18.549  -5.409  -13.304 1.00 123.94 ? 2   DA  A "C4'" 1 
ATOM   26  O  "O4'" . DA  A 1 2  ? 17.738  -6.194  -14.211 1.00 115.92 ? 2   DA  A "O4'" 1 
ATOM   27  C  "C3'" . DA  A 1 2  ? 17.639  -5.037  -12.127 1.00 122.68 ? 2   DA  A "C3'" 1 
ATOM   28  O  "O3'" . DA  A 1 2  ? 17.321  -3.650  -12.189 1.00 120.55 ? 2   DA  A "O3'" 1 
ATOM   29  C  "C2'" . DA  A 1 2  ? 16.397  -5.910  -12.339 1.00 119.12 ? 2   DA  A "C2'" 1 
ATOM   30  C  "C1'" . DA  A 1 2  ? 16.388  -6.070  -13.846 1.00 110.53 ? 2   DA  A "C1'" 1 
ATOM   31  N  N9    . DA  A 1 2  ? 15.689  -7.261  -14.307 1.00 106.06 ? 2   DA  A N9    1 
ATOM   32  C  C8    . DA  A 1 2  ? 15.997  -8.561  -14.017 1.00 106.38 ? 2   DA  A C8    1 
ATOM   33  N  N7    . DA  A 1 2  ? 15.200  -9.433  -14.585 1.00 101.85 ? 2   DA  A N7    1 
ATOM   34  C  C5    . DA  A 1 2  ? 14.311  -8.651  -15.303 1.00 102.19 ? 2   DA  A C5    1 
ATOM   35  C  C6    . DA  A 1 2  ? 13.218  -8.973  -16.129 1.00 103.21 ? 2   DA  A C6    1 
ATOM   36  N  N6    . DA  A 1 2  ? 12.821  -10.227 -16.368 1.00 102.11 ? 2   DA  A N6    1 
ATOM   37  N  N1    . DA  A 1 2  ? 12.540  -7.950  -16.695 1.00 103.81 ? 2   DA  A N1    1 
ATOM   38  C  C2    . DA  A 1 2  ? 12.939  -6.695  -16.449 1.00 104.18 ? 2   DA  A C2    1 
ATOM   39  N  N3    . DA  A 1 2  ? 13.952  -6.271  -15.693 1.00 101.71 ? 2   DA  A N3    1 
ATOM   40  C  C4    . DA  A 1 2  ? 14.603  -7.308  -15.144 1.00 99.69  ? 2   DA  A C4    1 
ATOM   41  P  P     . DA  A 1 3  ? 16.175  -3.030  -11.248 1.00 125.37 ? 3   DA  A P     1 
ATOM   42  O  OP1   . DA  A 1 3  ? 16.506  -1.602  -11.055 1.00 122.58 ? 3   DA  A OP1   1 
ATOM   43  O  OP2   . DA  A 1 3  ? 15.993  -3.900  -10.064 1.00 120.56 ? 3   DA  A OP2   1 
ATOM   44  O  "O5'" . DA  A 1 3  ? 14.858  -3.103  -12.149 1.00 116.84 ? 3   DA  A "O5'" 1 
ATOM   45  C  "C5'" . DA  A 1 3  ? 14.644  -2.120  -13.152 1.00 119.00 ? 3   DA  A "C5'" 1 
ATOM   46  C  "C4'" . DA  A 1 3  ? 13.160  -1.898  -13.401 1.00 120.20 ? 3   DA  A "C4'" 1 
ATOM   47  O  "O4'" . DA  A 1 3  ? 12.577  -3.092  -13.980 1.00 118.28 ? 3   DA  A "O4'" 1 
ATOM   48  C  "C3'" . DA  A 1 3  ? 12.323  -1.582  -12.167 1.00 117.23 ? 3   DA  A "C3'" 1 
ATOM   49  O  "O3'" . DA  A 1 3  ? 11.268  -0.711  -12.527 1.00 123.76 ? 3   DA  A "O3'" 1 
ATOM   50  C  "C2'" . DA  A 1 3  ? 11.791  -2.952  -11.764 1.00 110.30 ? 3   DA  A "C2'" 1 
ATOM   51  C  "C1'" . DA  A 1 3  ? 11.586  -3.617  -13.120 1.00 112.19 ? 3   DA  A "C1'" 1 
ATOM   52  N  N9    . DA  A 1 3  ? 11.751  -5.063  -13.082 1.00 107.79 ? 3   DA  A N9    1 
ATOM   53  C  C8    . DA  A 1 3  ? 12.704  -5.762  -12.395 1.00 108.40 ? 3   DA  A C8    1 
ATOM   54  N  N7    . DA  A 1 3  ? 12.619  -7.062  -12.546 1.00 106.49 ? 3   DA  A N7    1 
ATOM   55  C  C5    . DA  A 1 3  ? 11.538  -7.230  -13.397 1.00 102.04 ? 3   DA  A C5    1 
ATOM   56  C  C6    . DA  A 1 3  ? 10.928  -8.378  -13.945 1.00 103.60 ? 3   DA  A C6    1 
ATOM   57  N  N6    . DA  A 1 3  ? 11.350  -9.628  -13.701 1.00 97.81  ? 3   DA  A N6    1 
ATOM   58  N  N1    . DA  A 1 3  ? 9.868   -8.190  -14.761 1.00 106.44 ? 3   DA  A N1    1 
ATOM   59  C  C2    . DA  A 1 3  ? 9.450   -6.939  -15.004 1.00 105.12 ? 3   DA  A C2    1 
ATOM   60  N  N3    . DA  A 1 3  ? 9.941   -5.786  -14.545 1.00 101.75 ? 3   DA  A N3    1 
ATOM   61  C  C4    . DA  A 1 3  ? 10.993  -6.004  -13.739 1.00 102.21 ? 3   DA  A C4    1 
ATOM   62  P  P     . DC  A 1 4  ? 10.638  0.298   -11.448 1.00 136.29 ? 4   DC  A P     1 
ATOM   63  O  OP1   . DC  A 1 4  ? 10.934  1.675   -11.902 1.00 124.13 ? 4   DC  A OP1   1 
ATOM   64  O  OP2   . DC  A 1 4  ? 11.064  -0.139  -10.099 1.00 127.61 ? 4   DC  A OP2   1 
ATOM   65  O  "O5'" . DC  A 1 4  ? 9.066   0.045   -11.584 1.00 123.63 ? 4   DC  A "O5'" 1 
ATOM   66  C  "C5'" . DC  A 1 4  ? 8.442   0.178   -12.852 1.00 119.69 ? 4   DC  A "C5'" 1 
ATOM   67  C  "C4'" . DC  A 1 4  ? 7.318   -0.831  -13.012 1.00 119.98 ? 4   DC  A "C4'" 1 
ATOM   68  O  "O4'" . DC  A 1 4  ? 7.858   -2.169  -13.046 1.00 114.76 ? 4   DC  A "O4'" 1 
ATOM   69  C  "C3'" . DC  A 1 4  ? 6.276   -0.832  -11.888 1.00 115.88 ? 4   DC  A "C3'" 1 
ATOM   70  O  "O3'" . DC  A 1 4  ? 5.038   -0.301  -12.363 1.00 122.96 ? 4   DC  A "O3'" 1 
ATOM   71  C  "C2'" . DC  A 1 4  ? 6.143   -2.314  -11.483 1.00 112.18 ? 4   DC  A "C2'" 1 
ATOM   72  C  "C1'" . DC  A 1 4  ? 6.850   -3.042  -12.618 1.00 111.46 ? 4   DC  A "C1'" 1 
ATOM   73  N  N1    . DC  A 1 4  ? 7.473   -4.333  -12.212 1.00 103.71 ? 4   DC  A N1    1 
ATOM   74  C  C2    . DC  A 1 4  ? 6.963   -5.531  -12.719 1.00 96.61  ? 4   DC  A C2    1 
ATOM   75  O  O2    . DC  A 1 4  ? 6.001   -5.492  -13.493 1.00 99.69  ? 4   DC  A O2    1 
ATOM   76  N  N3    . DC  A 1 4  ? 7.540   -6.700  -12.347 1.00 89.95  ? 4   DC  A N3    1 
ATOM   77  C  C4    . DC  A 1 4  ? 8.578   -6.697  -11.512 1.00 92.75  ? 4   DC  A C4    1 
ATOM   78  N  N4    . DC  A 1 4  ? 9.115   -7.876  -11.174 1.00 89.44  ? 4   DC  A N4    1 
ATOM   79  C  C5    . DC  A 1 4  ? 9.111   -5.483  -10.984 1.00 99.32  ? 4   DC  A C5    1 
ATOM   80  C  C6    . DC  A 1 4  ? 8.534   -4.336  -11.358 1.00 103.89 ? 4   DC  A C6    1 
ATOM   81  P  P     . DG  A 1 5  ? 3.916   0.189   -11.320 1.00 127.32 ? 5   DG  A P     1 
ATOM   82  O  OP1   . DG  A 1 5  ? 3.279   1.415   -11.861 1.00 114.21 ? 5   DG  A OP1   1 
ATOM   83  O  OP2   . DG  A 1 5  ? 4.549   0.228   -9.983  1.00 112.28 ? 5   DG  A OP2   1 
ATOM   84  O  "O5'" . DG  A 1 5  ? 2.848   -1.001  -11.326 1.00 106.01 ? 5   DG  A "O5'" 1 
ATOM   85  C  "C5'" . DG  A 1 5  ? 2.075   -1.248  -12.489 1.00 102.10 ? 5   DG  A "C5'" 1 
ATOM   86  C  "C4'" . DG  A 1 5  ? 1.555   -2.677  -12.504 1.00 111.67 ? 5   DG  A "C4'" 1 
ATOM   87  O  "O4'" . DG  A 1 5  ? 2.640   -3.598  -12.242 1.00 107.97 ? 5   DG  A "O4'" 1 
ATOM   88  C  "C3'" . DG  A 1 5  ? 0.467   -2.989  -11.471 1.00 113.76 ? 5   DG  A "C3'" 1 
ATOM   89  O  "O3'" . DG  A 1 5  ? -0.668  -3.531  -12.122 1.00 120.69 ? 5   DG  A "O3'" 1 
ATOM   90  C  "C2'" . DG  A 1 5  ? 1.122   -4.012  -10.535 1.00 106.69 ? 5   DG  A "C2'" 1 
ATOM   91  C  "C1'" . DG  A 1 5  ? 2.161   -4.646  -11.441 1.00 104.93 ? 5   DG  A "C1'" 1 
ATOM   92  N  N9    . DG  A 1 5  ? 3.291   -5.221  -10.721 1.00 99.10  ? 5   DG  A N9    1 
ATOM   93  C  C8    . DG  A 1 5  ? 4.218   -4.547  -9.964  1.00 100.06 ? 5   DG  A C8    1 
ATOM   94  N  N7    . DG  A 1 5  ? 5.127   -5.323  -9.443  1.00 93.70  ? 5   DG  A N7    1 
ATOM   95  C  C5    . DG  A 1 5  ? 4.779   -6.592  -9.884  1.00 90.05  ? 5   DG  A C5    1 
ATOM   96  C  C6    . DG  A 1 5  ? 5.398   -7.836  -9.639  1.00 86.21  ? 5   DG  A C6    1 
ATOM   97  O  O6    . DG  A 1 5  ? 6.405   -8.072  -8.962  1.00 84.39  ? 5   DG  A O6    1 
ATOM   98  N  N1    . DG  A 1 5  ? 4.726   -8.878  -10.274 1.00 88.09  ? 5   DG  A N1    1 
ATOM   99  C  C2    . DG  A 1 5  ? 3.597   -8.731  -11.048 1.00 92.16  ? 5   DG  A C2    1 
ATOM   100 N  N2    . DG  A 1 5  ? 3.087   -9.853  -11.580 1.00 90.15  ? 5   DG  A N2    1 
ATOM   101 N  N3    . DG  A 1 5  ? 3.008   -7.566  -11.285 1.00 91.42  ? 5   DG  A N3    1 
ATOM   102 C  C4    . DG  A 1 5  ? 3.653   -6.545  -10.672 1.00 91.73  ? 5   DG  A C4    1 
ATOM   103 P  P     . DA  A 1 6  ? -2.058  -3.675  -11.334 1.00 137.97 ? 6   DA  A P     1 
ATOM   104 O  OP1   . DA  A 1 6  ? -3.138  -3.226  -12.243 1.00 129.03 ? 6   DA  A OP1   1 
ATOM   105 O  OP2   . DA  A 1 6  ? -1.901  -3.035  -10.009 1.00 128.20 ? 6   DA  A OP2   1 
ATOM   106 O  "O5'" . DA  A 1 6  ? -2.200  -5.251  -11.119 1.00 110.99 ? 6   DA  A "O5'" 1 
ATOM   107 C  "C5'" . DA  A 1 6  ? -2.370  -6.097  -12.246 1.00 112.49 ? 6   DA  A "C5'" 1 
ATOM   108 C  "C4'" . DA  A 1 6  ? -2.568  -7.539  -11.821 1.00 109.57 ? 6   DA  A "C4'" 1 
ATOM   109 O  "O4'" . DA  A 1 6  ? -1.323  -8.065  -11.299 1.00 102.18 ? 6   DA  A "O4'" 1 
ATOM   110 C  "C3'" . DA  A 1 6  ? -3.615  -7.758  -10.734 1.00 108.46 ? 6   DA  A "C3'" 1 
ATOM   111 O  "O3'" . DA  A 1 6  ? -4.346  -8.950  -10.997 1.00 108.46 ? 6   DA  A "O3'" 1 
ATOM   112 C  "C2'" . DA  A 1 6  ? -2.781  -7.866  -9.458  1.00 106.83 ? 6   DA  A "C2'" 1 
ATOM   113 C  "C1'" . DA  A 1 6  ? -1.492  -8.498  -9.964  1.00 99.75  ? 6   DA  A "C1'" 1 
ATOM   114 N  N9    . DA  A 1 6  ? -0.303  -8.091  -9.215  1.00 94.72  ? 6   DA  A N9    1 
ATOM   115 C  C8    . DA  A 1 6  ? 0.043   -6.822  -8.849  1.00 95.93  ? 6   DA  A C8    1 
ATOM   116 N  N7    . DA  A 1 6  ? 1.181   -6.749  -8.196  1.00 90.48  ? 6   DA  A N7    1 
ATOM   117 C  C5    . DA  A 1 6  ? 1.617   -8.063  -8.135  1.00 92.64  ? 6   DA  A C5    1 
ATOM   118 C  C6    . DA  A 1 6  ? 2.765   -8.664  -7.572  1.00 90.69  ? 6   DA  A C6    1 
ATOM   119 N  N6    . DA  A 1 6  ? 3.719   -7.979  -6.936  1.00 90.36  ? 6   DA  A N6    1 
ATOM   120 N  N1    . DA  A 1 6  ? 2.893   -10.001 -7.689  1.00 86.08  ? 6   DA  A N1    1 
ATOM   121 C  C2    . DA  A 1 6  ? 1.935   -10.687 -8.326  1.00 92.10  ? 6   DA  A C2    1 
ATOM   122 N  N3    . DA  A 1 6  ? 0.816   -10.235 -8.894  1.00 95.93  ? 6   DA  A N3    1 
ATOM   123 C  C4    . DA  A 1 6  ? 0.714   -8.904  -8.763  1.00 93.89  ? 6   DA  A C4    1 
ATOM   124 P  P     . DC  A 1 7  ? -5.577  -9.375  -10.056 1.00 121.74 ? 7   DC  A P     1 
ATOM   125 O  OP1   . DC  A 1 7  ? -6.583  -10.060 -10.899 1.00 117.00 ? 7   DC  A OP1   1 
ATOM   126 O  OP2   . DC  A 1 7  ? -5.978  -8.184  -9.274  1.00 109.26 ? 7   DC  A OP2   1 
ATOM   127 O  "O5'" . DC  A 1 7  ? -4.928  -10.445 -9.061  1.00 111.43 ? 7   DC  A "O5'" 1 
ATOM   128 C  "C5'" . DC  A 1 7  ? -4.093  -11.468 -9.586  1.00 103.05 ? 7   DC  A "C5'" 1 
ATOM   129 C  "C4'" . DC  A 1 7  ? -3.396  -12.231 -8.474  1.00 109.18 ? 7   DC  A "C4'" 1 
ATOM   130 O  "O4'" . DC  A 1 7  ? -2.224  -11.499 -8.021  1.00 109.55 ? 7   DC  A "O4'" 1 
ATOM   131 C  "C3'" . DC  A 1 7  ? -4.246  -12.490 -7.222  1.00 111.37 ? 7   DC  A "C3'" 1 
ATOM   132 O  "O3'" . DC  A 1 7  ? -4.148  -13.858 -6.858  1.00 121.10 ? 7   DC  A "O3'" 1 
ATOM   133 C  "C2'" . DC  A 1 7  ? -3.594  -11.593 -6.169  1.00 110.99 ? 7   DC  A "C2'" 1 
ATOM   134 C  "C1'" . DC  A 1 7  ? -2.150  -11.623 -6.622  1.00 107.43 ? 7   DC  A "C1'" 1 
ATOM   135 N  N1    . DC  A 1 7  ? -1.327  -10.510 -6.063  1.00 99.40  ? 7   DC  A N1    1 
ATOM   136 C  C2    . DC  A 1 7  ? -0.040  -10.774 -5.573  1.00 93.69  ? 7   DC  A C2    1 
ATOM   137 O  O2    . DC  A 1 7  ? 0.404   -11.929 -5.629  1.00 92.42  ? 7   DC  A O2    1 
ATOM   138 N  N3    . DC  A 1 7  ? 0.689   -9.751  -5.060  1.00 89.98  ? 7   DC  A N3    1 
ATOM   139 C  C4    . DC  A 1 7  ? 0.174   -8.518  -5.018  1.00 90.37  ? 7   DC  A C4    1 
ATOM   140 N  N4    . DC  A 1 7  ? 0.929   -7.542  -4.505  1.00 87.63  ? 7   DC  A N4    1 
ATOM   141 C  C5    . DC  A 1 7  ? -1.137  -8.233  -5.500  1.00 91.92  ? 7   DC  A C5    1 
ATOM   142 C  C6    . DC  A 1 7  ? -1.846  -9.249  -6.004  1.00 96.46  ? 7   DC  A C6    1 
ATOM   143 P  P     . DA  A 1 8  ? -5.111  -14.484 -5.733  1.00 131.46 ? 8   DA  A P     1 
ATOM   144 O  OP1   . DA  A 1 8  ? -6.024  -15.413 -6.432  1.00 127.83 ? 8   DA  A OP1   1 
ATOM   145 O  OP2   . DA  A 1 8  ? -5.676  -13.407 -4.889  1.00 115.84 ? 8   DA  A OP2   1 
ATOM   146 O  "O5'" . DA  A 1 8  ? -4.113  -15.345 -4.834  1.00 104.10 ? 8   DA  A "O5'" 1 
ATOM   147 C  "C5'" . DA  A 1 8  ? -3.190  -16.214 -5.461  1.00 100.09 ? 8   DA  A "C5'" 1 
ATOM   148 C  "C4'" . DA  A 1 8  ? -1.905  -16.280 -4.670  1.00 101.44 ? 8   DA  A "C4'" 1 
ATOM   149 O  "O4'" . DA  A 1 8  ? -1.377  -14.940 -4.494  1.00 101.22 ? 8   DA  A "O4'" 1 
ATOM   150 C  "C3'" . DA  A 1 8  ? -2.054  -16.868 -3.262  1.00 101.71 ? 8   DA  A "C3'" 1 
ATOM   151 O  "O3'" . DA  A 1 8  ? -1.119  -17.912 -3.069  1.00 104.05 ? 8   DA  A "O3'" 1 
ATOM   152 C  "C2'" . DA  A 1 8  ? -1.767  -15.686 -2.336  1.00 103.70 ? 8   DA  A "C2'" 1 
ATOM   153 C  "C1'" . DA  A 1 8  ? -0.852  -14.838 -3.197  1.00 102.17 ? 8   DA  A "C1'" 1 
ATOM   154 N  N9    . DA  A 1 8  ? -0.812  -13.434 -2.796  1.00 92.44  ? 8   DA  A N9    1 
ATOM   155 C  C8    . DA  A 1 8  ? -1.720  -12.457 -3.098  1.00 86.97  ? 8   DA  A C8    1 
ATOM   156 N  N7    . DA  A 1 8  ? -1.420  -11.284 -2.588  1.00 87.14  ? 8   DA  A N7    1 
ATOM   157 C  C5    . DA  A 1 8  ? -0.235  -11.510 -1.901  1.00 83.18  ? 8   DA  A C5    1 
ATOM   158 C  C6    . DA  A 1 8  ? 0.607   -10.665 -1.141  1.00 81.94  ? 8   DA  A C6    1 
ATOM   159 N  N6    . DA  A 1 8  ? 0.362   -9.366  -0.937  1.00 79.69  ? 8   DA  A N6    1 
ATOM   160 N  N1    . DA  A 1 8  ? 1.710   -11.212 -0.591  1.00 79.74  ? 8   DA  A N1    1 
ATOM   161 C  C2    . DA  A 1 8  ? 1.950   -12.513 -0.789  1.00 82.92  ? 8   DA  A C2    1 
ATOM   162 N  N3    . DA  A 1 8  ? 1.240   -13.403 -1.483  1.00 85.29  ? 8   DA  A N3    1 
ATOM   163 C  C4    . DA  A 1 8  ? 0.149   -12.830 -2.018  1.00 85.48  ? 8   DA  A C4    1 
ATOM   164 P  P     . DC  A 1 9  ? -1.268  -18.885 -1.800  1.00 120.60 ? 9   DC  A P     1 
ATOM   165 O  OP1   . DC  A 1 9  ? -0.607  -20.167 -2.125  1.00 123.66 ? 9   DC  A OP1   1 
ATOM   166 O  OP2   . DC  A 1 9  ? -2.699  -18.868 -1.417  1.00 114.14 ? 9   DC  A OP2   1 
ATOM   167 O  "O5'" . DC  A 1 9  ? -0.417  -18.161 -0.654  1.00 99.23  ? 9   DC  A "O5'" 1 
ATOM   168 C  "C5'" . DC  A 1 9  ? 0.991   -18.305 -0.630  1.00 97.49  ? 9   DC  A "C5'" 1 
ATOM   169 C  "C4'" . DC  A 1 9  ? 1.610   -17.472 0.477   1.00 95.66  ? 9   DC  A "C4'" 1 
ATOM   170 O  "O4'" . DC  A 1 9  ? 1.212   -16.085 0.336   1.00 96.51  ? 9   DC  A "O4'" 1 
ATOM   171 C  "C3'" . DC  A 1 9  ? 1.228   -17.882 1.909   1.00 92.24  ? 9   DC  A "C3'" 1 
ATOM   172 O  "O3'" . DC  A 1 9  ? 2.410   -18.133 2.662   1.00 91.01  ? 9   DC  A "O3'" 1 
ATOM   173 C  "C2'" . DC  A 1 9  ? 0.462   -16.663 2.445   1.00 98.57  ? 9   DC  A "C2'" 1 
ATOM   174 C  "C1'" . DC  A 1 9  ? 1.078   -15.545 1.625   1.00 95.79  ? 9   DC  A "C1'" 1 
ATOM   175 N  N1    . DC  A 1 9  ? 0.246   -14.311 1.550   1.00 87.08  ? 9   DC  A N1    1 
ATOM   176 C  C2    . DC  A 1 9  ? 0.702   -13.138 2.162   1.00 83.66  ? 9   DC  A C2    1 
ATOM   177 O  O2    . DC  A 1 9  ? 1.790   -13.149 2.755   1.00 87.95  ? 9   DC  A O2    1 
ATOM   178 N  N3    . DC  A 1 9  ? -0.058  -12.020 2.082   1.00 74.94  ? 9   DC  A N3    1 
ATOM   179 C  C4    . DC  A 1 9  ? -1.222  -12.051 1.432   1.00 77.86  ? 9   DC  A C4    1 
ATOM   180 N  N4    . DC  A 1 9  ? -1.939  -10.923 1.380   1.00 79.11  ? 9   DC  A N4    1 
ATOM   181 C  C5    . DC  A 1 9  ? -1.703  -13.237 0.804   1.00 78.07  ? 9   DC  A C5    1 
ATOM   182 C  C6    . DC  A 1 9  ? -0.944  -14.332 0.885   1.00 81.55  ? 9   DC  A C6    1 
ATOM   183 P  P     . DA  A 1 10 ? 2.332   -18.410 4.242   1.00 107.60 ? 10  DA  A P     1 
ATOM   184 O  OP1   . DA  A 1 10 ? 3.563   -19.128 4.649   1.00 95.53  ? 10  DA  A OP1   1 
ATOM   185 O  OP2   . DA  A 1 10 ? 0.998   -18.991 4.516   1.00 96.31  ? 10  DA  A OP2   1 
ATOM   186 O  "O5'" . DA  A 1 10 ? 2.388   -16.952 4.892   1.00 100.23 ? 10  DA  A "O5'" 1 
ATOM   187 C  "C5'" . DA  A 1 10 ? 3.489   -16.102 4.623   1.00 92.63  ? 10  DA  A "C5'" 1 
ATOM   188 C  "C4'" . DA  A 1 10 ? 4.027   -15.475 5.900   1.00 98.45  ? 10  DA  A "C4'" 1 
ATOM   189 O  "O4'" . DA  A 1 10 ? 3.555   -14.110 6.022   1.00 108.75 ? 10  DA  A "O4'" 1 
ATOM   190 C  "C3'" . DA  A 1 10 ? 3.614   -16.146 7.194   1.00 95.25  ? 10  DA  A "C3'" 1 
ATOM   191 O  "O3'" . DA  A 1 10 ? 4.597   -15.865 8.182   1.00 99.97  ? 10  DA  A "O3'" 1 
ATOM   192 C  "C2'" . DA  A 1 10 ? 2.282   -15.456 7.509   1.00 94.74  ? 10  DA  A "C2'" 1 
ATOM   193 C  "C1'" . DA  A 1 10 ? 2.533   -14.031 7.005   1.00 99.18  ? 10  DA  A "C1'" 1 
ATOM   194 N  N9    . DA  A 1 10 ? 1.374   -13.389 6.379   1.00 88.79  ? 10  DA  A N9    1 
ATOM   195 C  C8    . DA  A 1 10 ? 0.434   -13.971 5.572   1.00 87.57  ? 10  DA  A C8    1 
ATOM   196 N  N7    . DA  A 1 10 ? -0.477  -13.133 5.131   1.00 79.68  ? 10  DA  A N7    1 
ATOM   197 C  C5    . DA  A 1 10 ? -0.099  -11.916 5.672   1.00 72.28  ? 10  DA  A C5    1 
ATOM   198 C  C6    . DA  A 1 10 ? -0.651  -10.622 5.580   1.00 74.81  ? 10  DA  A C6    1 
ATOM   199 N  N6    . DA  A 1 10 ? -1.753  -10.339 4.874   1.00 75.44  ? 10  DA  A N6    1 
ATOM   200 N  N1    . DA  A 1 10 ? -0.025  -9.625  6.244   1.00 68.33  ? 10  DA  A N1    1 
ATOM   201 C  C2    . DA  A 1 10 ? 1.075   -9.912  6.951   1.00 70.46  ? 10  DA  A C2    1 
ATOM   202 N  N3    . DA  A 1 10 ? 1.686   -11.085 7.110   1.00 78.52  ? 10  DA  A N3    1 
ATOM   203 C  C4    . DA  A 1 10 ? 1.043   -12.054 6.437   1.00 76.60  ? 10  DA  A C4    1 
ATOM   204 P  P     . DG  A 1 11 ? 4.546   -16.582 9.616   1.00 118.10 ? 11  DG  A P     1 
ATOM   205 O  OP1   . DG  A 1 11 ? 5.933   -16.955 9.984   1.00 110.82 ? 11  DG  A OP1   1 
ATOM   206 O  OP2   . DG  A 1 11 ? 3.461   -17.590 9.579   1.00 106.31 ? 11  DG  A OP2   1 
ATOM   207 O  "O5'" . DG  A 1 11 ? 4.086   -15.417 10.602  1.00 105.56 ? 11  DG  A "O5'" 1 
ATOM   208 C  "C5'" . DG  A 1 11 ? 4.917   -14.281 10.810  1.00 96.84  ? 11  DG  A "C5'" 1 
ATOM   209 C  "C4'" . DG  A 1 11 ? 4.207   -13.268 11.686  1.00 85.39  ? 11  DG  A "C4'" 1 
ATOM   210 O  "O4'" . DG  A 1 11 ? 3.181   -12.588 10.913  1.00 93.27  ? 11  DG  A "O4'" 1 
ATOM   211 C  "C3'" . DG  A 1 11 ? 3.477   -13.863 12.888  1.00 83.40  ? 11  DG  A "C3'" 1 
ATOM   212 O  "O3'" . DG  A 1 11 ? 3.533   -12.960 13.937  1.00 78.32  ? 11  DG  A "O3'" 1 
ATOM   213 C  "C2'" . DG  A 1 11 ? 2.049   -13.988 12.376  1.00 75.93  ? 11  DG  A "C2'" 1 
ATOM   214 C  "C1'" . DG  A 1 11 ? 1.948   -12.701 11.589  1.00 80.69  ? 11  DG  A "C1'" 1 
ATOM   215 N  N9    . DG  A 1 11 ? 0.864   -12.686 10.617  1.00 72.81  ? 11  DG  A N9    1 
ATOM   216 C  C8    . DG  A 1 11 ? 0.394   -13.743 9.882   1.00 74.37  ? 11  DG  A C8    1 
ATOM   217 N  N7    . DG  A 1 11 ? -0.593  -13.424 9.089   1.00 71.26  ? 11  DG  A N7    1 
ATOM   218 C  C5    . DG  A 1 11 ? -0.791  -12.070 9.318   1.00 68.62  ? 11  DG  A C5    1 
ATOM   219 C  C6    . DG  A 1 11 ? -1.724  -11.175 8.745   1.00 65.71  ? 11  DG  A C6    1 
ATOM   220 O  O6    . DG  A 1 11 ? -2.589  -11.408 7.890   1.00 60.62  ? 11  DG  A O6    1 
ATOM   221 N  N1    . DG  A 1 11 ? -1.582  -9.890  9.260   1.00 69.15  ? 11  DG  A N1    1 
ATOM   222 C  C2    . DG  A 1 11 ? -0.653  -9.517  10.208  1.00 68.13  ? 11  DG  A C2    1 
ATOM   223 N  N2    . DG  A 1 11 ? -0.667  -8.229  10.582  1.00 68.88  ? 11  DG  A N2    1 
ATOM   224 N  N3    . DG  A 1 11 ? 0.225   -10.347 10.751  1.00 61.26  ? 11  DG  A N3    1 
ATOM   225 C  C4    . DG  A 1 11 ? 0.098   -11.603 10.260  1.00 68.66  ? 11  DG  A C4    1 
ATOM   226 P  P     . DA  A 1 12 ? 3.905   -13.454 15.411  1.00 86.45  ? 12  DA  A P     1 
ATOM   227 O  OP1   . DA  A 1 12 ? 5.180   -14.195 15.331  1.00 104.92 ? 12  DA  A OP1   1 
ATOM   228 O  OP2   . DA  A 1 12 ? 2.706   -14.112 15.986  1.00 80.82  ? 12  DA  A OP2   1 
ATOM   229 O  "O5'" . DA  A 1 12 ? 4.196   -12.080 16.165  1.00 79.16  ? 12  DA  A "O5'" 1 
ATOM   230 C  "C5'" . DA  A 1 12 ? 3.928   -10.849 15.488  1.00 85.86  ? 12  DA  A "C5'" 1 
ATOM   231 C  "C4'" . DA  A 1 12 ? 2.664   -10.209 16.035  1.00 83.79  ? 12  DA  A "C4'" 1 
ATOM   232 O  "O4'" . DA  A 1 12 ? 1.609   -10.284 15.057  1.00 76.29  ? 12  DA  A "O4'" 1 
ATOM   233 C  "C3'" . DA  A 1 12 ? 2.128   -10.872 17.300  1.00 84.43  ? 12  DA  A "C3'" 1 
ATOM   234 O  "O3'" . DA  A 1 12 ? 2.150   -9.954  18.349  1.00 84.83  ? 12  DA  A "O3'" 1 
ATOM   235 C  "C2'" . DA  A 1 12 ? 0.701   -11.314 16.950  1.00 73.94  ? 12  DA  A "C2'" 1 
ATOM   236 C  "C1'" . DA  A 1 12 ? 0.380   -10.509 15.701  1.00 69.95  ? 12  DA  A "C1'" 1 
ATOM   237 N  N9    . DA  A 1 12 ? -0.476  -11.219 14.756  1.00 70.68  ? 12  DA  A N9    1 
ATOM   238 C  C8    . DA  A 1 12 ? -0.410  -12.539 14.418  1.00 70.12  ? 12  DA  A C8    1 
ATOM   239 N  N7    . DA  A 1 12 ? -1.292  -12.901 13.515  1.00 62.72  ? 12  DA  A N7    1 
ATOM   240 C  C5    . DA  A 1 12 ? -1.973  -11.733 13.231  1.00 62.90  ? 12  DA  A C5    1 
ATOM   241 C  C6    . DA  A 1 12 ? -3.033  -11.442 12.350  1.00 64.88  ? 12  DA  A C6    1 
ATOM   242 N  N6    . DA  A 1 12 ? -3.613  -12.352 11.561  1.00 63.13  ? 12  DA  A N6    1 
ATOM   243 N  N1    . DA  A 1 12 ? -3.482  -10.174 12.315  1.00 65.46  ? 12  DA  A N1    1 
ATOM   244 C  C2    . DA  A 1 12 ? -2.902  -9.263  13.107  1.00 76.70  ? 12  DA  A C2    1 
ATOM   245 N  N3    . DA  A 1 12 ? -1.900  -9.418  13.971  1.00 73.85  ? 12  DA  A N3    1 
ATOM   246 C  C4    . DA  A 1 12 ? -1.479  -10.687 13.987  1.00 69.07  ? 12  DA  A C4    1 
ATOM   247 P  P     . DC  B 2 1  ? -8.259  7.396   21.616  1.00 86.80  ? 12  DC  B P     1 
ATOM   248 O  OP1   . DC  B 2 1  ? -8.788  8.767   21.790  1.00 110.58 ? 12  DC  B OP1   1 
ATOM   249 O  OP2   . DC  B 2 1  ? -8.803  6.508   20.565  1.00 74.53  ? 12  DC  B OP2   1 
ATOM   250 O  "O5'" . DC  B 2 1  ? -6.683  7.443   21.388  1.00 71.81  ? 12  DC  B "O5'" 1 
ATOM   251 C  "C5'" . DC  B 2 1  ? -6.176  7.723   20.095  1.00 77.53  ? 12  DC  B "C5'" 1 
ATOM   252 C  "C4'" . DC  B 2 1  ? -5.584  9.113   20.026  1.00 68.55  ? 12  DC  B "C4'" 1 
ATOM   253 O  "O4'" . DC  B 2 1  ? -4.146  9.005   19.926  1.00 73.87  ? 12  DC  B "O4'" 1 
ATOM   254 C  "C3'" . DC  B 2 1  ? -6.026  9.910   18.809  1.00 80.76  ? 12  DC  B "C3'" 1 
ATOM   255 O  "O3'" . DC  B 2 1  ? -6.074  11.296  19.086  1.00 89.69  ? 12  DC  B "O3'" 1 
ATOM   256 C  "C2'" . DC  B 2 1  ? -4.959  9.591   17.776  1.00 82.25  ? 12  DC  B "C2'" 1 
ATOM   257 C  "C1'" . DC  B 2 1  ? -3.712  9.376   18.627  1.00 74.61  ? 12  DC  B "C1'" 1 
ATOM   258 N  N1    . DC  B 2 1  ? -2.848  8.295   18.083  1.00 69.53  ? 12  DC  B N1    1 
ATOM   259 C  C2    . DC  B 2 1  ? -1.504  8.555   17.783  1.00 71.67  ? 12  DC  B C2    1 
ATOM   260 O  O2    . DC  B 2 1  ? -1.041  9.679   18.005  1.00 73.93  ? 12  DC  B O2    1 
ATOM   261 N  N3    . DC  B 2 1  ? -0.744  7.557   17.267  1.00 71.99  ? 12  DC  B N3    1 
ATOM   262 C  C4    . DC  B 2 1  ? -1.282  6.357   17.040  1.00 67.80  ? 12  DC  B C4    1 
ATOM   263 N  N4    . DC  B 2 1  ? -0.496  5.405   16.533  1.00 74.83  ? 12  DC  B N4    1 
ATOM   264 C  C5    . DC  B 2 1  ? -2.650  6.080   17.328  1.00 66.60  ? 12  DC  B C5    1 
ATOM   265 C  C6    . DC  B 2 1  ? -3.389  7.070   17.836  1.00 68.46  ? 12  DC  B C6    1 
ATOM   266 P  P     . DG  B 2 2  ? -6.943  12.249  18.130  1.00 84.94  ? 13  DG  B P     1 
ATOM   267 O  OP1   . DG  B 2 2  ? -7.569  13.281  18.985  1.00 81.61  ? 13  DG  B OP1   1 
ATOM   268 O  OP2   . DG  B 2 2  ? -7.785  11.361  17.291  1.00 69.91  ? 13  DG  B OP2   1 
ATOM   269 O  "O5'" . DG  B 2 2  ? -5.860  12.938  17.179  1.00 70.02  ? 13  DG  B "O5'" 1 
ATOM   270 C  "C5'" . DG  B 2 2  ? -4.971  13.901  17.716  1.00 76.20  ? 13  DG  B "C5'" 1 
ATOM   271 C  "C4'" . DG  B 2 2  ? -3.739  14.030  16.848  1.00 80.04  ? 13  DG  B "C4'" 1 
ATOM   272 O  "O4'" . DG  B 2 2  ? -3.164  12.727  16.642  1.00 81.22  ? 13  DG  B "O4'" 1 
ATOM   273 C  "C3'" . DG  B 2 2  ? -3.991  14.607  15.454  1.00 82.68  ? 13  DG  B "C3'" 1 
ATOM   274 O  "O3'" . DG  B 2 2  ? -3.377  15.883  15.347  1.00 89.69  ? 13  DG  B "O3'" 1 
ATOM   275 C  "C2'" . DG  B 2 2  ? -3.363  13.589  14.486  1.00 85.77  ? 13  DG  B "C2'" 1 
ATOM   276 C  "C1'" . DG  B 2 2  ? -2.519  12.711  15.401  1.00 80.68  ? 13  DG  B "C1'" 1 
ATOM   277 N  N9    . DG  B 2 2  ? -2.427  11.323  14.962  1.00 73.48  ? 13  DG  B N9    1 
ATOM   278 C  C8    . DG  B 2 2  ? -3.427  10.383  14.990  1.00 69.80  ? 13  DG  B C8    1 
ATOM   279 N  N7    . DG  B 2 2  ? -3.058  9.217   14.547  1.00 67.84  ? 13  DG  B N7    1 
ATOM   280 C  C5    . DG  B 2 2  ? -1.725  9.394   14.206  1.00 66.16  ? 13  DG  B C5    1 
ATOM   281 C  C6    . DG  B 2 2  ? -0.801  8.477   13.667  1.00 66.69  ? 13  DG  B C6    1 
ATOM   282 O  O6    . DG  B 2 2  ? -0.985  7.285   13.378  1.00 65.22  ? 13  DG  B O6    1 
ATOM   283 N  N1    . DG  B 2 2  ? 0.448   9.061   13.471  1.00 67.41  ? 13  DG  B N1    1 
ATOM   284 C  C2    . DG  B 2 2  ? 0.760   10.365  13.757  1.00 68.42  ? 13  DG  B C2    1 
ATOM   285 N  N2    . DG  B 2 2  ? 2.019   10.743  13.497  1.00 67.23  ? 13  DG  B N2    1 
ATOM   286 N  N3    . DG  B 2 2  ? -0.102  11.240  14.262  1.00 67.15  ? 13  DG  B N3    1 
ATOM   287 C  C4    . DG  B 2 2  ? -1.320  10.683  14.459  1.00 66.22  ? 13  DG  B C4    1 
ATOM   288 P  P     . DT  B 2 3  ? -3.677  16.820  14.080  1.00 97.41  ? 14  DT  B P     1 
ATOM   289 O  OP1   . DT  B 2 3  ? -3.377  18.217  14.476  1.00 86.01  ? 14  DT  B OP1   1 
ATOM   290 O  OP2   . DT  B 2 3  ? -5.014  16.458  13.561  1.00 86.07  ? 14  DT  B OP2   1 
ATOM   291 O  "O5'" . DT  B 2 3  ? -2.594  16.350  13.005  1.00 83.71  ? 14  DT  B "O5'" 1 
ATOM   292 C  "C5'" . DT  B 2 3  ? -1.215  16.415  13.336  1.00 87.99  ? 14  DT  B "C5'" 1 
ATOM   293 C  "C4'" . DT  B 2 3  ? -0.370  15.711  12.295  1.00 90.83  ? 14  DT  B "C4'" 1 
ATOM   294 O  "O4'" . DT  B 2 3  ? -0.570  14.288  12.391  1.00 84.98  ? 14  DT  B "O4'" 1 
ATOM   295 C  "C3'" . DT  B 2 3  ? -0.681  16.082  10.841  1.00 82.94  ? 14  DT  B "C3'" 1 
ATOM   296 O  "O3'" . DT  B 2 3  ? 0.401   16.826  10.295  1.00 88.35  ? 14  DT  B "O3'" 1 
ATOM   297 C  "C2'" . DT  B 2 3  ? -0.866  14.731  10.126  1.00 82.28  ? 14  DT  B "C2'" 1 
ATOM   298 C  "C1'" . DT  B 2 3  ? -0.321  13.728  11.133  1.00 77.71  ? 14  DT  B "C1'" 1 
ATOM   299 N  N1    . DT  B 2 3  ? -0.985  12.398  11.075  1.00 76.44  ? 14  DT  B N1    1 
ATOM   300 C  C2    . DT  B 2 3  ? -0.273  11.299  10.634  1.00 75.57  ? 14  DT  B C2    1 
ATOM   301 O  O2    . DT  B 2 3  ? 0.894   11.353  10.272  1.00 72.29  ? 14  DT  B O2    1 
ATOM   302 N  N3    . DT  B 2 3  ? -0.983  10.126  10.621  1.00 66.22  ? 14  DT  B N3    1 
ATOM   303 C  C4    . DT  B 2 3  ? -2.301  9.944   11.005  1.00 63.64  ? 14  DT  B C4    1 
ATOM   304 O  O4    . DT  B 2 3  ? -2.851  8.850   10.964  1.00 58.49  ? 14  DT  B O4    1 
ATOM   305 C  C5    . DT  B 2 3  ? -2.982  11.130  11.456  1.00 68.77  ? 14  DT  B C5    1 
ATOM   306 C  C7    . DT  B 2 3  ? -4.413  11.051  11.890  1.00 64.86  ? 14  DT  B C7    1 
ATOM   307 C  C6    . DT  B 2 3  ? -2.302  12.286  11.468  1.00 69.20  ? 14  DT  B C6    1 
ATOM   308 P  P     . DC  B 2 4  ? 0.379   17.293  8.757   1.00 104.41 ? 15  DC  B P     1 
ATOM   309 O  OP1   . DC  B 2 4  ? 1.290   18.453  8.645   1.00 99.66  ? 15  DC  B OP1   1 
ATOM   310 O  OP2   . DC  B 2 4  ? -1.027  17.406  8.307   1.00 76.35  ? 15  DC  B OP2   1 
ATOM   311 O  "O5'" . DC  B 2 4  ? 1.020   16.057  7.984   1.00 90.12  ? 15  DC  B "O5'" 1 
ATOM   312 C  "C5'" . DC  B 2 4  ? 2.219   15.458  8.462   1.00 82.01  ? 15  DC  B "C5'" 1 
ATOM   313 C  "C4'" . DC  B 2 4  ? 2.748   14.493  7.426   1.00 82.23  ? 15  DC  B "C4'" 1 
ATOM   314 O  "O4'" . DC  B 2 4  ? 2.175   13.179  7.651   1.00 75.49  ? 15  DC  B "O4'" 1 
ATOM   315 C  "C3'" . DC  B 2 4  ? 2.382   14.878  5.994   1.00 89.48  ? 15  DC  B "C3'" 1 
ATOM   316 O  "O3'" . DC  B 2 4  ? 3.507   14.793  5.144   1.00 99.72  ? 15  DC  B "O3'" 1 
ATOM   317 C  "C2'" . DC  B 2 4  ? 1.305   13.871  5.607   1.00 86.03  ? 15  DC  B "C2'" 1 
ATOM   318 C  "C1'" . DC  B 2 4  ? 1.690   12.662  6.437   1.00 68.50  ? 15  DC  B "C1'" 1 
ATOM   319 N  N1    . DC  B 2 4  ? 0.539   11.763  6.735   1.00 64.16  ? 15  DC  B N1    1 
ATOM   320 C  C2    . DC  B 2 4  ? 0.570   10.428  6.318   1.00 69.51  ? 15  DC  B C2    1 
ATOM   321 O  O2    . DC  B 2 4  ? 1.563   10.007  5.712   1.00 74.81  ? 15  DC  B O2    1 
ATOM   322 N  N3    . DC  B 2 4  ? -0.491  9.627   6.597   1.00 65.98  ? 15  DC  B N3    1 
ATOM   323 C  C4    . DC  B 2 4  ? -1.545  10.118  7.251   1.00 66.08  ? 15  DC  B C4    1 
ATOM   324 N  N4    . DC  B 2 4  ? -2.565  9.297   7.500   1.00 62.58  ? 15  DC  B N4    1 
ATOM   325 C  C5    . DC  B 2 4  ? -1.598  11.476  7.678   1.00 65.52  ? 15  DC  B C5    1 
ATOM   326 C  C6    . DC  B 2 4  ? -0.544  12.255  7.400   1.00 69.35  ? 15  DC  B C6    1 
ATOM   327 P  P     . DG  B 2 5  ? 3.541   15.662  3.793   1.00 105.94 ? 16  DG  B P     1 
ATOM   328 O  OP1   . DG  B 2 5  ? 4.828   16.393  3.776   1.00 101.05 ? 16  DG  B OP1   1 
ATOM   329 O  OP2   . DG  B 2 5  ? 2.263   16.407  3.696   1.00 79.67  ? 16  DG  B OP2   1 
ATOM   330 O  "O5'" . DG  B 2 5  ? 3.577   14.561  2.639   1.00 90.70  ? 16  DG  B "O5'" 1 
ATOM   331 C  "C5'" . DG  B 2 5  ? 4.709   13.710  2.522   1.00 90.15  ? 16  DG  B "C5'" 1 
ATOM   332 C  "C4'" . DG  B 2 5  ? 4.419   12.556  1.587   1.00 91.41  ? 16  DG  B "C4'" 1 
ATOM   333 O  "O4'" . DG  B 2 5  ? 3.369   11.728  2.152   1.00 90.82  ? 16  DG  B "O4'" 1 
ATOM   334 C  "C3'" . DG  B 2 5  ? 3.933   12.961  0.201   1.00 87.97  ? 16  DG  B "C3'" 1 
ATOM   335 O  "O3'" . DG  B 2 5  ? 4.452   12.067  -0.758  1.00 93.05  ? 16  DG  B "O3'" 1 
ATOM   336 C  "C2'" . DG  B 2 5  ? 2.418   12.837  0.319   1.00 84.84  ? 16  DG  B "C2'" 1 
ATOM   337 C  "C1'" . DG  B 2 5  ? 2.284   11.644  1.253   1.00 86.13  ? 16  DG  B "C1'" 1 
ATOM   338 N  N9    . DG  B 2 5  ? 1.049   11.651  2.028   1.00 77.58  ? 16  DG  B N9    1 
ATOM   339 C  C8    . DG  B 2 5  ? 0.475   12.729  2.652   1.00 73.88  ? 16  DG  B C8    1 
ATOM   340 N  N7    . DG  B 2 5  ? -0.629  12.436  3.282   1.00 71.50  ? 16  DG  B N7    1 
ATOM   341 C  C5    . DG  B 2 5  ? -0.802  11.074  3.058   1.00 67.78  ? 16  DG  B C5    1 
ATOM   342 C  C6    . DG  B 2 5  ? -1.827  10.198  3.497   1.00 73.14  ? 16  DG  B C6    1 
ATOM   343 O  O6    . DG  B 2 5  ? -2.822  10.461  4.191   1.00 77.76  ? 16  DG  B O6    1 
ATOM   344 N  N1    . DG  B 2 5  ? -1.622  8.897   3.049   1.00 69.65  ? 16  DG  B N1    1 
ATOM   345 C  C2    . DG  B 2 5  ? -0.559  8.493   2.280   1.00 75.57  ? 16  DG  B C2    1 
ATOM   346 N  N2    . DG  B 2 5  ? -0.530  7.192   1.948   1.00 74.06  ? 16  DG  B N2    1 
ATOM   347 N  N3    . DG  B 2 5  ? 0.409   9.305   1.861   1.00 75.71  ? 16  DG  B N3    1 
ATOM   348 C  C4    . DG  B 2 5  ? 0.222   10.577  2.287   1.00 69.80  ? 16  DG  B C4    1 
ATOM   349 P  P     . DA  B 2 6  ? 4.361   12.416  -2.321  1.00 111.85 ? 17  DA  B P     1 
ATOM   350 O  OP1   . DA  B 2 6  ? 5.714   12.217  -2.887  1.00 101.15 ? 17  DA  B OP1   1 
ATOM   351 O  OP2   . DA  B 2 6  ? 3.664   13.713  -2.466  1.00 101.86 ? 17  DA  B OP2   1 
ATOM   352 O  "O5'" . DA  B 2 6  ? 3.400   11.284  -2.905  1.00 93.54  ? 17  DA  B "O5'" 1 
ATOM   353 C  "C5'" . DA  B 2 6  ? 3.722   9.923   -2.691  1.00 87.28  ? 17  DA  B "C5'" 1 
ATOM   354 C  "C4'" . DA  B 2 6  ? 2.526   9.042   -2.966  1.00 81.95  ? 17  DA  B "C4'" 1 
ATOM   355 O  "O4'" . DA  B 2 6  ? 1.534   9.215   -1.924  1.00 82.11  ? 17  DA  B "O4'" 1 
ATOM   356 C  "C3'" . DA  B 2 6  ? 1.812   9.325   -4.285  1.00 88.18  ? 17  DA  B "C3'" 1 
ATOM   357 O  "O3'" . DA  B 2 6  ? 1.565   8.104   -4.951  1.00 98.41  ? 17  DA  B "O3'" 1 
ATOM   358 C  "C2'" . DA  B 2 6  ? 0.512   10.008  -3.853  1.00 88.51  ? 17  DA  B "C2'" 1 
ATOM   359 C  "C1'" . DA  B 2 6  ? 0.263   9.347   -2.512  1.00 81.86  ? 17  DA  B "C1'" 1 
ATOM   360 N  N9    . DA  B 2 6  ? -0.579  10.127  -1.607  1.00 83.42  ? 17  DA  B N9    1 
ATOM   361 C  C8    . DA  B 2 6  ? -0.414  11.437  -1.248  1.00 83.37  ? 17  DA  B C8    1 
ATOM   362 N  N7    . DA  B 2 6  ? -1.320  11.872  -0.395  1.00 81.63  ? 17  DA  B N7    1 
ATOM   363 C  C5    . DA  B 2 6  ? -2.130  10.768  -0.178  1.00 74.89  ? 17  DA  B C5    1 
ATOM   364 C  C6    . DA  B 2 6  ? -3.270  10.570  0.622   1.00 73.31  ? 17  DA  B C6    1 
ATOM   365 N  N6    . DA  B 2 6  ? -3.809  11.526  1.383   1.00 73.17  ? 17  DA  B N6    1 
ATOM   366 N  N1    . DA  B 2 6  ? -3.837  9.343   0.611   1.00 75.37  ? 17  DA  B N1    1 
ATOM   367 C  C2    . DA  B 2 6  ? -3.295  8.386   -0.156  1.00 71.61  ? 17  DA  B C2    1 
ATOM   368 N  N3    . DA  B 2 6  ? -2.228  8.454   -0.951  1.00 70.26  ? 17  DA  B N3    1 
ATOM   369 C  C4    . DA  B 2 6  ? -1.685  9.683   -0.916  1.00 78.79  ? 17  DA  B C4    1 
ATOM   370 P  P     . DC  B 2 7  ? 1.126   8.097   -6.493  1.00 112.81 ? 18  DC  B P     1 
ATOM   371 O  OP1   . DC  B 2 7  ? 1.813   6.950   -7.131  1.00 104.06 ? 18  DC  B OP1   1 
ATOM   372 O  OP2   . DC  B 2 7  ? 1.293   9.470   -7.027  1.00 87.24  ? 18  DC  B OP2   1 
ATOM   373 O  "O5'" . DC  B 2 7  ? -0.434  7.775   -6.428  1.00 87.15  ? 18  DC  B "O5'" 1 
ATOM   374 C  "C5'" . DC  B 2 7  ? -0.863  6.577   -5.810  1.00 87.17  ? 18  DC  B "C5'" 1 
ATOM   375 C  "C4'" . DC  B 2 7  ? -2.342  6.637   -5.493  1.00 83.61  ? 18  DC  B "C4'" 1 
ATOM   376 O  "O4'" . DC  B 2 7  ? -2.574  7.571   -4.429  1.00 80.73  ? 18  DC  B "O4'" 1 
ATOM   377 C  "C3'" . DC  B 2 7  ? -3.224  7.116   -6.640  1.00 88.46  ? 18  DC  B "C3'" 1 
ATOM   378 O  "O3'" . DC  B 2 7  ? -3.862  6.013   -7.248  1.00 97.74  ? 18  DC  B "O3'" 1 
ATOM   379 C  "C2'" . DC  B 2 7  ? -4.240  8.065   -5.977  1.00 85.27  ? 18  DC  B "C2'" 1 
ATOM   380 C  "C1'" . DC  B 2 7  ? -3.917  7.947   -4.494  1.00 80.98  ? 18  DC  B "C1'" 1 
ATOM   381 N  N1    . DC  B 2 7  ? -4.100  9.215   -3.743  1.00 75.92  ? 18  DC  B N1    1 
ATOM   382 C  C2    . DC  B 2 7  ? -5.147  9.321   -2.823  1.00 75.43  ? 18  DC  B C2    1 
ATOM   383 O  O2    . DC  B 2 7  ? -5.894  8.351   -2.648  1.00 76.78  ? 18  DC  B O2    1 
ATOM   384 N  N3    . DC  B 2 7  ? -5.312  10.484  -2.144  1.00 66.54  ? 18  DC  B N3    1 
ATOM   385 C  C4    . DC  B 2 7  ? -4.485  11.501  -2.360  1.00 71.15  ? 18  DC  B C4    1 
ATOM   386 N  N4    . DC  B 2 7  ? -4.686  12.624  -1.668  1.00 74.20  ? 18  DC  B N4    1 
ATOM   387 C  C5    . DC  B 2 7  ? -3.414  11.414  -3.300  1.00 75.01  ? 18  DC  B C5    1 
ATOM   388 C  C6    . DC  B 2 7  ? -3.261  10.262  -3.963  1.00 73.09  ? 18  DC  B C6    1 
ATOM   389 P  P     . DT  B 2 8  ? -4.926  6.253   -8.424  1.00 112.52 ? 19  DT  B P     1 
ATOM   390 O  OP1   . DT  B 2 8  ? -4.996  5.000   -9.211  1.00 104.75 ? 19  DT  B OP1   1 
ATOM   391 O  OP2   . DT  B 2 8  ? -4.584  7.524   -9.103  1.00 94.61  ? 19  DT  B OP2   1 
ATOM   392 O  "O5'" . DT  B 2 8  ? -6.300  6.467   -7.639  1.00 84.84  ? 19  DT  B "O5'" 1 
ATOM   393 C  "C5'" . DT  B 2 8  ? -6.662  5.569   -6.605  1.00 87.65  ? 19  DT  B "C5'" 1 
ATOM   394 C  "C4'" . DT  B 2 8  ? -8.078  5.839   -6.134  1.00 94.90  ? 19  DT  B "C4'" 1 
ATOM   395 O  "O4'" . DT  B 2 8  ? -8.088  6.972   -5.228  1.00 87.23  ? 19  DT  B "O4'" 1 
ATOM   396 C  "C3'" . DT  B 2 8  ? -9.072  6.172   -7.242  1.00 99.52  ? 19  DT  B "C3'" 1 
ATOM   397 O  "O3'" . DT  B 2 8  ? -10.308 5.555   -6.969  1.00 100.06 ? 19  DT  B "O3'" 1 
ATOM   398 C  "C2'" . DT  B 2 8  ? -9.179  7.696   -7.173  1.00 102.02 ? 19  DT  B "C2'" 1 
ATOM   399 C  "C1'" . DT  B 2 8  ? -9.005  7.948   -5.683  1.00 93.63  ? 19  DT  B "C1'" 1 
ATOM   400 N  N1    . DT  B 2 8  ? -8.442  9.293   -5.362  1.00 81.23  ? 19  DT  B N1    1 
ATOM   401 C  C2    . DT  B 2 8  ? -9.034  10.058  -4.380  1.00 77.12  ? 19  DT  B C2    1 
ATOM   402 O  O2    . DT  B 2 8  ? -10.018 9.701   -3.754  1.00 79.57  ? 19  DT  B O2    1 
ATOM   403 N  N3    . DT  B 2 8  ? -8.431  11.267  -4.156  1.00 65.82  ? 19  DT  B N3    1 
ATOM   404 C  C4    . DT  B 2 8  ? -7.316  11.775  -4.799  1.00 73.94  ? 19  DT  B C4    1 
ATOM   405 O  O4    . DT  B 2 8  ? -6.846  12.875  -4.525  1.00 71.08  ? 19  DT  B O4    1 
ATOM   406 C  C5    . DT  B 2 8  ? -6.744  10.922  -5.815  1.00 75.82  ? 19  DT  B C5    1 
ATOM   407 C  C7    . DT  B 2 8  ? -5.535  11.366  -6.581  1.00 69.50  ? 19  DT  B C7    1 
ATOM   408 C  C6    . DT  B 2 8  ? -7.327  9.737   -6.044  1.00 76.94  ? 19  DT  B C6    1 
ATOM   409 P  P     . DC  B 2 9  ? -11.438 5.494   -8.102  1.00 111.63 ? 20  DC  B P     1 
ATOM   410 O  OP1   . DC  B 2 9  ? -11.899 4.086   -8.173  1.00 113.61 ? 20  DC  B OP1   1 
ATOM   411 O  OP2   . DC  B 2 9  ? -10.900 6.167   -9.309  1.00 105.95 ? 20  DC  B OP2   1 
ATOM   412 O  "O5'" . DC  B 2 9  ? -12.608 6.405   -7.508  1.00 110.97 ? 20  DC  B "O5'" 1 
ATOM   413 C  "C5'" . DC  B 2 9  ? -13.197 6.074   -6.251  1.00 114.28 ? 20  DC  B "C5'" 1 
ATOM   414 C  "C4'" . DC  B 2 9  ? -14.147 7.168   -5.791  1.00 116.18 ? 20  DC  B "C4'" 1 
ATOM   415 O  "O4'" . DC  B 2 9  ? -13.393 8.365   -5.466  1.00 113.78 ? 20  DC  B "O4'" 1 
ATOM   416 C  "C3'" . DC  B 2 9  ? -15.191 7.596   -6.823  1.00 120.04 ? 20  DC  B "C3'" 1 
ATOM   417 O  "O3'" . DC  B 2 9  ? -16.431 7.863   -6.172  1.00 129.48 ? 20  DC  B "O3'" 1 
ATOM   418 C  "C2'" . DC  B 2 9  ? -14.584 8.866   -7.415  1.00 107.35 ? 20  DC  B "C2'" 1 
ATOM   419 C  "C1'" . DC  B 2 9  ? -13.905 9.461   -6.193  1.00 100.70 ? 20  DC  B "C1'" 1 
ATOM   420 N  N1    . DC  B 2 9  ? -12.781 10.372  -6.519  1.00 95.22  ? 20  DC  B N1    1 
ATOM   421 C  C2    . DC  B 2 9  ? -12.559 11.503  -5.724  1.00 90.93  ? 20  DC  B C2    1 
ATOM   422 O  O2    . DC  B 2 9  ? -13.307 11.721  -4.763  1.00 92.82  ? 20  DC  B O2    1 
ATOM   423 N  N3    . DC  B 2 9  ? -11.526 12.329  -6.029  1.00 81.10  ? 20  DC  B N3    1 
ATOM   424 C  C4    . DC  B 2 9  ? -10.743 12.060  -7.073  1.00 86.13  ? 20  DC  B C4    1 
ATOM   425 N  N4    . DC  B 2 9  ? -9.735  12.903  -7.334  1.00 71.37  ? 20  DC  B N4    1 
ATOM   426 C  C5    . DC  B 2 9  ? -10.955 10.909  -7.897  1.00 91.86  ? 20  DC  B C5    1 
ATOM   427 C  C6    . DC  B 2 9  ? -11.976 10.100  -7.584  1.00 93.27  ? 20  DC  B C6    1 
ATOM   428 P  P     . DT  C 3 1  ? -12.187 -8.809  6.118   1.00 98.25  ? 0   DT  C P     1 
ATOM   429 O  OP1   . DT  C 3 1  ? -13.157 -7.711  5.882   1.00 105.52 ? 0   DT  C OP1   1 
ATOM   430 O  OP2   . DT  C 3 1  ? -11.326 -9.354  5.044   1.00 95.40  ? 0   DT  C OP2   1 
ATOM   431 O  "O5'" . DT  C 3 1  ? -11.268 -8.486  7.396   1.00 87.62  ? 0   DT  C "O5'" 1 
ATOM   432 C  "C5'" . DT  C 3 1  ? -11.814 -7.774  8.500   1.00 79.14  ? 0   DT  C "C5'" 1 
ATOM   433 C  "C4'" . DT  C 3 1  ? -10.735 -7.015  9.257   1.00 72.72  ? 0   DT  C "C4'" 1 
ATOM   434 O  "O4'" . DT  C 3 1  ? -9.763  -7.947  9.805   1.00 70.96  ? 0   DT  C "O4'" 1 
ATOM   435 C  "C3'" . DT  C 3 1  ? -9.933  -6.009  8.430   1.00 73.21  ? 0   DT  C "C3'" 1 
ATOM   436 O  "O3'" . DT  C 3 1  ? -9.703  -4.833  9.217   1.00 77.23  ? 0   DT  C "O3'" 1 
ATOM   437 C  "C2'" . DT  C 3 1  ? -8.635  -6.770  8.149   1.00 75.56  ? 0   DT  C "C2'" 1 
ATOM   438 C  "C1'" . DT  C 3 1  ? -8.466  -7.527  9.452   1.00 73.03  ? 0   DT  C "C1'" 1 
ATOM   439 N  N1    . DT  C 3 1  ? -7.594  -8.738  9.371   1.00 75.22  ? 0   DT  C N1    1 
ATOM   440 C  C2    . DT  C 3 1  ? -6.505  -8.829  10.205  1.00 74.38  ? 0   DT  C C2    1 
ATOM   441 O  O2    . DT  C 3 1  ? -6.197  -7.956  10.995  1.00 76.46  ? 0   DT  C O2    1 
ATOM   442 N  N3    . DT  C 3 1  ? -5.778  -9.983  10.078  1.00 71.17  ? 0   DT  C N3    1 
ATOM   443 C  C4    . DT  C 3 1  ? -6.031  -11.040 9.226   1.00 73.43  ? 0   DT  C C4    1 
ATOM   444 O  O4    . DT  C 3 1  ? -5.315  -12.040 9.188   1.00 70.40  ? 0   DT  C O4    1 
ATOM   445 C  C5    . DT  C 3 1  ? -7.192  -10.886 8.382   1.00 72.07  ? 0   DT  C C5    1 
ATOM   446 C  C7    . DT  C 3 1  ? -7.567  -11.968 7.415   1.00 69.82  ? 0   DT  C C7    1 
ATOM   447 C  C6    . DT  C 3 1  ? -7.912  -9.755  8.495   1.00 71.92  ? 0   DT  C C6    1 
ATOM   448 P  P     . DC  C 3 2  ? -9.370  -3.417  8.527   1.00 80.14  ? 1   DC  C P     1 
ATOM   449 O  OP1   . DC  C 3 2  ? -10.165 -2.379  9.219   1.00 81.00  ? 1   DC  C OP1   1 
ATOM   450 O  OP2   . DC  C 3 2  ? -9.517  -3.559  7.063   1.00 67.07  ? 1   DC  C OP2   1 
ATOM   451 O  "O5'" . DC  C 3 2  ? -7.833  -3.209  8.902   1.00 67.97  ? 1   DC  C "O5'" 1 
ATOM   452 C  "C5'" . DC  C 3 2  ? -7.280  -4.014  9.915   1.00 66.28  ? 1   DC  C "C5'" 1 
ATOM   453 C  "C4'" . DC  C 3 2  ? -5.946  -3.486  10.397  1.00 72.85  ? 1   DC  C "C4'" 1 
ATOM   454 O  "O4'" . DC  C 3 2  ? -5.001  -4.582  10.439  1.00 76.81  ? 1   DC  C "O4'" 1 
ATOM   455 C  "C3'" . DC  C 3 2  ? -5.276  -2.457  9.513   1.00 60.66  ? 1   DC  C "C3'" 1 
ATOM   456 O  "O3'" . DC  C 3 2  ? -4.267  -1.798  10.277  1.00 64.01  ? 1   DC  C "O3'" 1 
ATOM   457 C  "C2'" . DC  C 3 2  ? -4.660  -3.354  8.452   1.00 68.23  ? 1   DC  C "C2'" 1 
ATOM   458 C  "C1'" . DC  C 3 2  ? -4.156  -4.518  9.306   1.00 68.25  ? 1   DC  C "C1'" 1 
ATOM   459 N  N1    . DC  C 3 2  ? -4.201  -5.834  8.611   1.00 70.22  ? 1   DC  C N1    1 
ATOM   460 C  C2    . DC  C 3 2  ? -3.241  -6.810  8.910   1.00 69.43  ? 1   DC  C C2    1 
ATOM   461 O  O2    . DC  C 3 2  ? -2.369  -6.564  9.752   1.00 67.33  ? 1   DC  C O2    1 
ATOM   462 N  N3    . DC  C 3 2  ? -3.295  -8.000  8.263   1.00 68.83  ? 1   DC  C N3    1 
ATOM   463 C  C4    . DC  C 3 2  ? -4.249  -8.228  7.362   1.00 72.96  ? 1   DC  C C4    1 
ATOM   464 N  N4    . DC  C 3 2  ? -4.262  -9.418  6.751   1.00 71.30  ? 1   DC  C N4    1 
ATOM   465 C  C5    . DC  C 3 2  ? -5.234  -7.246  7.048   1.00 77.68  ? 1   DC  C C5    1 
ATOM   466 C  C6    . DC  C 3 2  ? -5.172  -6.075  7.691   1.00 69.19  ? 1   DC  C C6    1 
ATOM   467 P  P     . DT  C 3 3  ? -3.489  -0.518  9.704   1.00 61.77  ? 2   DT  C P     1 
ATOM   468 O  OP1   . DT  C 3 3  ? -2.898  0.223   10.841  1.00 43.70  ? 2   DT  C OP1   1 
ATOM   469 O  OP2   . DT  C 3 3  ? -4.382  0.137   8.722   1.00 59.03  ? 2   DT  C OP2   1 
ATOM   470 O  "O5'" . DT  C 3 3  ? -2.249  -1.139  8.937   1.00 62.97  ? 2   DT  C "O5'" 1 
ATOM   471 C  "C5'" . DT  C 3 3  ? -0.969  -0.584  9.142   1.00 62.64  ? 2   DT  C "C5'" 1 
ATOM   472 C  "C4'" . DT  C 3 3  ? 0.086   -1.658  9.078   1.00 55.42  ? 2   DT  C "C4'" 1 
ATOM   473 O  "O4'" . DT  C 3 3  ? -0.551  -2.935  8.943   1.00 58.58  ? 2   DT  C "O4'" 1 
ATOM   474 C  "C3'" . DT  C 3 3  ? 0.969   -1.596  7.865   1.00 56.44  ? 2   DT  C "C3'" 1 
ATOM   475 O  "O3'" . DT  C 3 3  ? 1.966   -0.585  8.005   1.00 61.38  ? 2   DT  C "O3'" 1 
ATOM   476 C  "C2'" . DT  C 3 3  ? 1.542   -3.000  7.832   1.00 50.07  ? 2   DT  C "C2'" 1 
ATOM   477 C  "C1'" . DT  C 3 3  ? 0.374   -3.833  8.365   1.00 63.52  ? 2   DT  C "C1'" 1 
ATOM   478 N  N1    . DT  C 3 3  ? -0.327  -4.653  7.335   1.00 62.54  ? 2   DT  C N1    1 
ATOM   479 C  C2    . DT  C 3 3  ? 0.131   -5.921  7.072   1.00 66.22  ? 2   DT  C C2    1 
ATOM   480 O  O2    . DT  C 3 3  ? 1.101   -6.403  7.626   1.00 65.87  ? 2   DT  C O2    1 
ATOM   481 N  N3    . DT  C 3 3  ? -0.586  -6.611  6.126   1.00 69.11  ? 2   DT  C N3    1 
ATOM   482 C  C4    . DT  C 3 3  ? -1.701  -6.173  5.439   1.00 70.31  ? 2   DT  C C4    1 
ATOM   483 O  O4    . DT  C 3 3  ? -2.282  -6.871  4.606   1.00 65.89  ? 2   DT  C O4    1 
ATOM   484 C  C5    . DT  C 3 3  ? -2.135  -4.835  5.765   1.00 73.03  ? 2   DT  C C5    1 
ATOM   485 C  C7    . DT  C 3 3  ? -3.333  -4.254  5.080   1.00 69.74  ? 2   DT  C C7    1 
ATOM   486 C  C6    . DT  C 3 3  ? -1.434  -4.145  6.691   1.00 63.87  ? 2   DT  C C6    1 
ATOM   487 P  P     . DA  C 3 4  ? 3.115   -0.654  9.124   1.00 68.86  ? 3   DA  C P     1 
ATOM   488 O  OP1   . DA  C 3 4  ? 4.024   -1.787  8.856   1.00 77.83  ? 3   DA  C OP1   1 
ATOM   489 O  OP2   . DA  C 3 4  ? 2.513   -0.449  10.457  1.00 63.12  ? 3   DA  C OP2   1 
ATOM   490 O  "O5'" . DA  C 3 4  ? 3.985   0.634   8.792   1.00 76.44  ? 3   DA  C "O5'" 1 
ATOM   491 C  "C5'" . DA  C 3 4  ? 4.327   0.908   7.439   1.00 72.92  ? 3   DA  C "C5'" 1 
ATOM   492 C  "C4'" . DA  C 3 4  ? 4.347   2.397   7.177   1.00 65.91  ? 3   DA  C "C4'" 1 
ATOM   493 O  "O4'" . DA  C 3 4  ? 3.013   2.851   6.903   1.00 61.63  ? 3   DA  C "O4'" 1 
ATOM   494 C  "C3'" . DA  C 3 4  ? 4.789   3.241   8.350   1.00 68.52  ? 3   DA  C "C3'" 1 
ATOM   495 O  "O3'" . DA  C 3 4  ? 6.192   3.282   8.403   1.00 65.52  ? 3   DA  C "O3'" 1 
ATOM   496 C  "C2'" . DA  C 3 4  ? 4.198   4.600   8.002   1.00 59.86  ? 3   DA  C "C2'" 1 
ATOM   497 C  "C1'" . DA  C 3 4  ? 2.897   4.209   7.305   1.00 61.51  ? 3   DA  C "C1'" 1 
ATOM   498 N  N9    . DA  C 3 4  ? 1.706   4.344   8.133   1.00 57.92  ? 3   DA  C N9    1 
ATOM   499 C  C8    . DA  C 3 4  ? 0.836   3.353   8.481   1.00 60.55  ? 3   DA  C C8    1 
ATOM   500 N  N7    . DA  C 3 4  ? -0.171  3.761   9.215   1.00 57.29  ? 3   DA  C N7    1 
ATOM   501 C  C5    . DA  C 3 4  ? 0.051   5.115   9.355   1.00 59.47  ? 3   DA  C C5    1 
ATOM   502 C  C6    . DA  C 3 4  ? -0.665  6.121   10.022  1.00 60.14  ? 3   DA  C C6    1 
ATOM   503 N  N6    . DA  C 3 4  ? -1.794  5.885   10.700  1.00 53.34  ? 3   DA  C N6    1 
ATOM   504 N  N1    . DA  C 3 4  ? -0.175  7.382   9.965   1.00 64.41  ? 3   DA  C N1    1 
ATOM   505 C  C2    . DA  C 3 4  ? 0.957   7.604   9.281   1.00 62.36  ? 3   DA  C C2    1 
ATOM   506 N  N3    . DA  C 3 4  ? 1.718   6.734   8.612   1.00 65.07  ? 3   DA  C N3    1 
ATOM   507 C  C4    . DA  C 3 4  ? 1.204   5.496   8.688   1.00 62.00  ? 3   DA  C C4    1 
ATOM   508 P  P     . DC  C 3 5  ? 6.942   2.905   9.765   1.00 65.58  ? 4   DC  C P     1 
ATOM   509 O  OP1   . DC  C 3 5  ? 8.162   2.150   9.400   1.00 79.51  ? 4   DC  C OP1   1 
ATOM   510 O  OP2   . DC  C 3 5  ? 5.941   2.323   10.688  1.00 58.54  ? 4   DC  C OP2   1 
ATOM   511 O  "O5'" . DC  C 3 5  ? 7.380   4.325   10.334  1.00 73.65  ? 4   DC  C "O5'" 1 
ATOM   512 C  "C5'" . DC  C 3 5  ? 7.911   5.292   9.443   1.00 73.96  ? 4   DC  C "C5'" 1 
ATOM   513 C  "C4'" . DC  C 3 5  ? 7.430   6.680   9.814   1.00 77.46  ? 4   DC  C "C4'" 1 
ATOM   514 O  "O4'" . DC  C 3 5  ? 6.003   6.753   9.648   1.00 73.78  ? 4   DC  C "O4'" 1 
ATOM   515 C  "C3'" . DC  C 3 5  ? 7.680   7.073   11.255  1.00 72.34  ? 4   DC  C "C3'" 1 
ATOM   516 O  "O3'" . DC  C 3 5  ? 8.965   7.665   11.364  1.00 71.66  ? 4   DC  C "O3'" 1 
ATOM   517 C  "C2'" . DC  C 3 5  ? 6.575   8.094   11.528  1.00 75.89  ? 4   DC  C "C2'" 1 
ATOM   518 C  "C1'" . DC  C 3 5  ? 5.465   7.689   10.562  1.00 72.54  ? 4   DC  C "C1'" 1 
ATOM   519 N  N1    . DC  C 3 5  ? 4.286   7.073   11.228  1.00 75.62  ? 4   DC  C N1    1 
ATOM   520 C  C2    . DC  C 3 5  ? 3.370   7.885   11.900  1.00 68.04  ? 4   DC  C C2    1 
ATOM   521 O  O2    . DC  C 3 5  ? 3.562   9.103   11.945  1.00 71.26  ? 4   DC  C O2    1 
ATOM   522 N  N3    . DC  C 3 5  ? 2.292   7.311   12.485  1.00 65.87  ? 4   DC  C N3    1 
ATOM   523 C  C4    . DC  C 3 5  ? 2.118   5.990   12.411  1.00 65.69  ? 4   DC  C C4    1 
ATOM   524 N  N4    . DC  C 3 5  ? 1.038   5.468   13.004  1.00 60.78  ? 4   DC  C N4    1 
ATOM   525 C  C5    . DC  C 3 5  ? 3.043   5.147   11.729  1.00 65.89  ? 4   DC  C C5    1 
ATOM   526 C  C6    . DC  C 3 5  ? 4.103   5.726   11.161  1.00 71.86  ? 4   DC  C C6    1 
ATOM   527 P  P     . DG  C 3 6  ? 9.644   7.859   12.803  1.00 96.55  ? 5   DG  C P     1 
ATOM   528 O  OP1   . DG  C 3 6  ? 11.039  8.294   12.579  1.00 102.24 ? 5   DG  C OP1   1 
ATOM   529 O  OP2   . DG  C 3 6  ? 9.357   6.658   13.623  1.00 83.07  ? 5   DG  C OP2   1 
ATOM   530 O  "O5'" . DG  C 3 6  ? 8.854   9.094   13.423  1.00 82.93  ? 5   DG  C "O5'" 1 
ATOM   531 C  "C5'" . DG  C 3 6  ? 8.855   10.336  12.745  1.00 82.73  ? 5   DG  C "C5'" 1 
ATOM   532 C  "C4'" . DG  C 3 6  ? 7.985   11.342  13.473  1.00 90.36  ? 5   DG  C "C4'" 1 
ATOM   533 O  "O4'" . DG  C 3 6  ? 6.643   10.812  13.660  1.00 87.21  ? 5   DG  C "O4'" 1 
ATOM   534 C  "C3'" . DG  C 3 6  ? 8.461   11.698  14.860  1.00 91.54  ? 5   DG  C "C3'" 1 
ATOM   535 O  "O3'" . DG  C 3 6  ? 8.054   13.024  15.159  1.00 97.10  ? 5   DG  C "O3'" 1 
ATOM   536 C  "C2'" . DG  C 3 6  ? 7.732   10.672  15.733  1.00 77.61  ? 5   DG  C "C2'" 1 
ATOM   537 C  "C1'" . DG  C 3 6  ? 6.379   10.619  15.045  1.00 77.03  ? 5   DG  C "C1'" 1 
ATOM   538 N  N9    . DG  C 3 6  ? 5.678   9.342   15.184  1.00 74.96  ? 5   DG  C N9    1 
ATOM   539 C  C8    . DG  C 3 6  ? 6.134   8.109   14.795  1.00 77.13  ? 5   DG  C C8    1 
ATOM   540 N  N7    . DG  C 3 6  ? 5.281   7.148   15.002  1.00 70.63  ? 5   DG  C N7    1 
ATOM   541 C  C5    . DG  C 3 6  ? 4.180   7.782   15.553  1.00 59.21  ? 5   DG  C C5    1 
ATOM   542 C  C6    . DG  C 3 6  ? 2.944   7.245   15.982  1.00 69.67  ? 5   DG  C C6    1 
ATOM   543 O  O6    . DG  C 3 6  ? 2.571   6.061   15.961  1.00 68.43  ? 5   DG  C O6    1 
ATOM   544 N  N1    . DG  C 3 6  ? 2.097   8.232   16.480  1.00 70.87  ? 5   DG  C N1    1 
ATOM   545 C  C2    . DG  C 3 6  ? 2.406   9.568   16.554  1.00 75.39  ? 5   DG  C C2    1 
ATOM   546 N  N2    . DG  C 3 6  ? 1.458   10.367  17.064  1.00 70.00  ? 5   DG  C N2    1 
ATOM   547 N  N3    . DG  C 3 6  ? 3.564   10.087  16.153  1.00 78.35  ? 5   DG  C N3    1 
ATOM   548 C  C4    . DG  C 3 6  ? 4.401   9.137   15.666  1.00 68.67  ? 5   DG  C C4    1 
ATOM   549 O  "O5'" . DT  D 4 1  ? -4.634  21.808  -12.571 1.00 144.04 ? 2   DT  D "O5'" 1 
ATOM   550 C  "C5'" . DT  D 4 1  ? -4.934  21.690  -11.185 1.00 141.00 ? 2   DT  D "C5'" 1 
ATOM   551 C  "C4'" . DT  D 4 1  ? -6.135  22.543  -10.818 1.00 131.48 ? 2   DT  D "C4'" 1 
ATOM   552 O  "O4'" . DT  D 4 1  ? -7.357  21.899  -11.287 1.00 127.81 ? 2   DT  D "O4'" 1 
ATOM   553 C  "C3'" . DT  D 4 1  ? -6.330  22.774  -9.316  1.00 133.45 ? 2   DT  D "C3'" 1 
ATOM   554 O  "O3'" . DT  D 4 1  ? -6.689  24.150  -9.080  1.00 134.25 ? 2   DT  D "O3'" 1 
ATOM   555 C  "C2'" . DT  D 4 1  ? -7.459  21.807  -8.976  1.00 133.24 ? 2   DT  D "C2'" 1 
ATOM   556 C  "C1'" . DT  D 4 1  ? -8.294  21.879  -10.237 1.00 123.17 ? 2   DT  D "C1'" 1 
ATOM   557 N  N1    . DT  D 4 1  ? -9.210  20.706  -10.405 1.00 117.25 ? 2   DT  D N1    1 
ATOM   558 C  C2    . DT  D 4 1  ? -10.441 20.728  -9.789  1.00 109.74 ? 2   DT  D C2    1 
ATOM   559 O  O2    . DT  D 4 1  ? -10.833 21.663  -9.115  1.00 106.28 ? 2   DT  D O2    1 
ATOM   560 N  N3    . DT  D 4 1  ? -11.202 19.607  -9.992  1.00 107.49 ? 2   DT  D N3    1 
ATOM   561 C  C4    . DT  D 4 1  ? -10.861 18.485  -10.730 1.00 113.17 ? 2   DT  D C4    1 
ATOM   562 O  O4    . DT  D 4 1  ? -11.619 17.528  -10.859 1.00 128.79 ? 2   DT  D O4    1 
ATOM   563 C  C5    . DT  D 4 1  ? -9.558  18.527  -11.351 1.00 110.76 ? 2   DT  D C5    1 
ATOM   564 C  C7    . DT  D 4 1  ? -9.078  17.368  -12.175 1.00 107.17 ? 2   DT  D C7    1 
ATOM   565 C  C6    . DT  D 4 1  ? -8.802  19.621  -11.158 1.00 114.01 ? 2   DT  D C6    1 
ATOM   566 P  P     . DC  D 4 2  ? -7.579  24.606  -7.814  1.00 151.28 ? 3   DC  D P     1 
ATOM   567 O  OP1   . DC  D 4 2  ? -8.970  24.129  -8.029  1.00 137.75 ? 3   DC  D OP1   1 
ATOM   568 O  OP2   . DC  D 4 2  ? -7.381  26.068  -7.711  1.00 159.11 ? 3   DC  D OP2   1 
ATOM   569 O  "O5'" . DC  D 4 2  ? -6.843  23.978  -6.520  1.00 125.41 ? 3   DC  D "O5'" 1 
ATOM   570 C  "C5'" . DC  D 4 2  ? -7.424  22.897  -5.758  1.00 123.38 ? 3   DC  D "C5'" 1 
ATOM   571 C  "C4'" . DC  D 4 2  ? -8.803  23.250  -5.217  1.00 120.25 ? 3   DC  D "C4'" 1 
ATOM   572 O  "O4'" . DC  D 4 2  ? -9.804  22.496  -5.961  1.00 116.84 ? 3   DC  D "O4'" 1 
ATOM   573 C  "C3'" . DC  D 4 2  ? -9.039  22.861  -3.768  1.00 117.84 ? 3   DC  D "C3'" 1 
ATOM   574 O  "O3'" . DC  D 4 2  ? -10.138 23.609  -3.228  1.00 123.08 ? 3   DC  D "O3'" 1 
ATOM   575 C  "C2'" . DC  D 4 2  ? -9.404  21.396  -3.928  1.00 119.15 ? 3   DC  D "C2'" 1 
ATOM   576 C  "C1'" . DC  D 4 2  ? -10.323 21.463  -5.138  1.00 112.87 ? 3   DC  D "C1'" 1 
ATOM   577 N  N1    . DC  D 4 2  ? -10.373 20.182  -5.916  1.00 103.45 ? 3   DC  D N1    1 
ATOM   578 C  C2    . DC  D 4 2  ? -11.494 19.347  -5.801  1.00 101.79 ? 3   DC  D C2    1 
ATOM   579 O  O2    . DC  D 4 2  ? -12.433 19.694  -5.069  1.00 103.89 ? 3   DC  D O2    1 
ATOM   580 N  N3    . DC  D 4 2  ? -11.524 18.185  -6.502  1.00 97.27  ? 3   DC  D N3    1 
ATOM   581 C  C4    . DC  D 4 2  ? -10.493 17.848  -7.280  1.00 100.32 ? 3   DC  D C4    1 
ATOM   582 N  N4    . DC  D 4 2  ? -10.568 16.693  -7.953  1.00 96.13  ? 3   DC  D N4    1 
ATOM   583 C  C5    . DC  D 4 2  ? -9.339  18.680  -7.402  1.00 100.39 ? 3   DC  D C5    1 
ATOM   584 C  C6    . DC  D 4 2  ? -9.320  19.824  -6.706  1.00 101.23 ? 3   DC  D C6    1 
ATOM   585 P  P     . DG  D 4 3  ? -10.403 23.661  -1.638  1.00 139.32 ? 4   DG  D P     1 
ATOM   586 O  OP1   . DG  D 4 3  ? -11.843 23.936  -1.428  1.00 122.08 ? 4   DG  D OP1   1 
ATOM   587 O  OP2   . DG  D 4 3  ? -9.383  24.545  -1.031  1.00 134.01 ? 4   DG  D OP2   1 
ATOM   588 O  "O5'" . DG  D 4 3  ? -10.096 22.174  -1.137  1.00 123.52 ? 4   DG  D "O5'" 1 
ATOM   589 C  "C5'" . DG  D 4 3  ? -10.600 21.722  0.106   1.00 113.35 ? 4   DG  D "C5'" 1 
ATOM   590 C  "C4'" . DG  D 4 3  ? -11.848 20.876  -0.090  1.00 111.12 ? 4   DG  D "C4'" 1 
ATOM   591 O  "O4'" . DG  D 4 3  ? -11.780 20.171  -1.358  1.00 112.10 ? 4   DG  D "O4'" 1 
ATOM   592 C  "C3'" . DG  D 4 3  ? -12.066 19.813  0.981   1.00 112.50 ? 4   DG  D "C3'" 1 
ATOM   593 O  "O3'" . DG  D 4 3  ? -13.417 19.811  1.397   1.00 112.35 ? 4   DG  D "O3'" 1 
ATOM   594 C  "C2'" . DG  D 4 3  ? -11.670 18.504  0.289   1.00 100.63 ? 4   DG  D "C2'" 1 
ATOM   595 C  "C1'" . DG  D 4 3  ? -12.008 18.790  -1.163  1.00 97.18  ? 4   DG  D "C1'" 1 
ATOM   596 N  N9    . DG  D 4 3  ? -11.186 18.058  -2.130  1.00 86.73  ? 4   DG  D N9    1 
ATOM   597 C  C8    . DG  D 4 3  ? -9.971  18.447  -2.641  1.00 86.46  ? 4   DG  D C8    1 
ATOM   598 N  N7    . DG  D 4 3  ? -9.474  17.613  -3.512  1.00 80.82  ? 4   DG  D N7    1 
ATOM   599 C  C5    . DG  D 4 3  ? -10.420 16.604  -3.588  1.00 83.39  ? 4   DG  D C5    1 
ATOM   600 C  C6    . DG  D 4 3  ? -10.428 15.427  -4.368  1.00 81.81  ? 4   DG  D C6    1 
ATOM   601 O  O6    . DG  D 4 3  ? -9.568  15.033  -5.170  1.00 83.73  ? 4   DG  D O6    1 
ATOM   602 N  N1    . DG  D 4 3  ? -11.579 14.671  -4.148  1.00 83.88  ? 4   DG  D N1    1 
ATOM   603 C  C2    . DG  D 4 3  ? -12.596 15.014  -3.280  1.00 86.53  ? 4   DG  D C2    1 
ATOM   604 N  N2    . DG  D 4 3  ? -13.626 14.156  -3.205  1.00 82.40  ? 4   DG  D N2    1 
ATOM   605 N  N3    . DG  D 4 3  ? -12.602 16.119  -2.542  1.00 85.51  ? 4   DG  D N3    1 
ATOM   606 C  C4    . DG  D 4 3  ? -11.486 16.864  -2.746  1.00 87.19  ? 4   DG  D C4    1 
ATOM   607 P  P     . DA  D 4 4  ? -13.771 19.465  2.924   1.00 130.23 ? 5   DA  D P     1 
ATOM   608 O  OP1   . DA  D 4 4  ? -15.129 19.982  3.216   1.00 116.10 ? 5   DA  D OP1   1 
ATOM   609 O  OP2   . DA  D 4 4  ? -12.609 19.874  3.751   1.00 107.65 ? 5   DA  D OP2   1 
ATOM   610 O  "O5'" . DA  D 4 4  ? -13.833 17.874  2.931   1.00 111.59 ? 5   DA  D "O5'" 1 
ATOM   611 C  "C5'" . DA  D 4 4  ? -14.635 17.206  1.971   1.00 107.08 ? 5   DA  D "C5'" 1 
ATOM   612 C  "C4'" . DA  D 4 4  ? -14.343 15.726  1.987   1.00 106.43 ? 5   DA  D "C4'" 1 
ATOM   613 O  "O4'" . DA  D 4 4  ? -13.384 15.404  0.947   1.00 102.42 ? 5   DA  D "O4'" 1 
ATOM   614 C  "C3'" . DA  D 4 4  ? -13.733 15.218  3.294   1.00 102.27 ? 5   DA  D "C3'" 1 
ATOM   615 O  "O3'" . DA  D 4 4  ? -14.336 13.999  3.639   1.00 101.69 ? 5   DA  D "O3'" 1 
ATOM   616 C  "C2'" . DA  D 4 4  ? -12.261 15.027  2.936   1.00 89.63  ? 5   DA  D "C2'" 1 
ATOM   617 C  "C1'" . DA  D 4 4  ? -12.390 14.577  1.496   1.00 86.62  ? 5   DA  D "C1'" 1 
ATOM   618 N  N9    . DA  D 4 4  ? -11.175 14.729  0.714   1.00 82.53  ? 5   DA  D N9    1 
ATOM   619 C  C8    . DA  D 4 4  ? -10.231 15.711  0.827   1.00 79.45  ? 5   DA  D C8    1 
ATOM   620 N  N7    . DA  D 4 4  ? -9.239  15.591  -0.026  1.00 75.32  ? 5   DA  D N7    1 
ATOM   621 C  C5    . DA  D 4 4  ? -9.554  14.445  -0.738  1.00 74.68  ? 5   DA  D C5    1 
ATOM   622 C  C6    . DA  D 4 4  ? -8.901  13.771  -1.784  1.00 75.95  ? 5   DA  D C6    1 
ATOM   623 N  N6    . DA  D 4 4  ? -7.744  14.181  -2.313  1.00 76.99  ? 5   DA  D N6    1 
ATOM   624 N  N1    . DA  D 4 4  ? -9.485  12.653  -2.269  1.00 76.31  ? 5   DA  D N1    1 
ATOM   625 C  C2    . DA  D 4 4  ? -10.644 12.246  -1.735  1.00 72.67  ? 5   DA  D C2    1 
ATOM   626 N  N3    . DA  D 4 4  ? -11.350 12.796  -0.750  1.00 68.89  ? 5   DA  D N3    1 
ATOM   627 C  C4    . DA  D 4 4  ? -10.743 13.902  -0.293  1.00 76.99  ? 5   DA  D C4    1 
ATOM   628 P  P     . DG  D 4 5  ? -14.628 13.650  5.176   1.00 117.87 ? 6   DG  D P     1 
ATOM   629 O  OP1   . DG  D 4 5  ? -16.027 14.027  5.486   1.00 115.56 ? 6   DG  D OP1   1 
ATOM   630 O  OP2   . DG  D 4 5  ? -13.516 14.230  5.966   1.00 96.99  ? 6   DG  D OP2   1 
ATOM   631 O  "O5'" . DG  D 4 5  ? -14.485 12.060  5.214   1.00 110.24 ? 6   DG  D "O5'" 1 
ATOM   632 C  "C5'" . DG  D 4 5  ? -13.241 11.467  4.870   1.00 100.21 ? 6   DG  D "C5'" 1 
ATOM   633 C  "C4'" . DG  D 4 5  ? -13.428 10.358  3.855   1.00 94.82  ? 6   DG  D "C4'" 1 
ATOM   634 O  "O4'" . DG  D 4 5  ? -12.918 10.793  2.576   1.00 92.96  ? 6   DG  D "O4'" 1 
ATOM   635 C  "C3'" . DG  D 4 5  ? -12.713 9.064   4.216   1.00 89.95  ? 6   DG  D "C3'" 1 
ATOM   636 O  "O3'" . DG  D 4 5  ? -13.624 7.990   4.253   1.00 94.58  ? 6   DG  D "O3'" 1 
ATOM   637 C  "C2'" . DG  D 4 5  ? -11.645 8.854   3.142   1.00 84.08  ? 6   DG  D "C2'" 1 
ATOM   638 C  "C1'" . DG  D 4 5  ? -11.832 9.999   2.159   1.00 76.47  ? 6   DG  D "C1'" 1 
ATOM   639 N  N9    . DG  D 4 5  ? -10.650 10.843  2.025   1.00 66.78  ? 6   DG  D N9    1 
ATOM   640 C  C8    . DG  D 4 5  ? -10.384 12.021  2.680   1.00 76.61  ? 6   DG  D C8    1 
ATOM   641 N  N7    . DG  D 4 5  ? -9.236  12.553  2.349   1.00 71.87  ? 6   DG  D N7    1 
ATOM   642 C  C5    . DG  D 4 5  ? -8.711  11.668  1.416   1.00 66.23  ? 6   DG  D C5    1 
ATOM   643 C  C6    . DG  D 4 5  ? -7.488  11.711  0.702   1.00 67.39  ? 6   DG  D C6    1 
ATOM   644 O  O6    . DG  D 4 5  ? -6.598  12.571  0.752   1.00 64.33  ? 6   DG  D O6    1 
ATOM   645 N  N1    . DG  D 4 5  ? -7.348  10.607  -0.142  1.00 68.59  ? 6   DG  D N1    1 
ATOM   646 C  C2    . DG  D 4 5  ? -8.275  9.593   -0.274  1.00 67.63  ? 6   DG  D C2    1 
ATOM   647 N  N2    . DG  D 4 5  ? -7.969  8.613   -1.135  1.00 67.10  ? 6   DG  D N2    1 
ATOM   648 N  N3    . DG  D 4 5  ? -9.420  9.544   0.389   1.00 67.79  ? 6   DG  D N3    1 
ATOM   649 C  C4    . DG  D 4 5  ? -9.571  10.610  1.212   1.00 68.69  ? 6   DG  D C4    1 
ATOM   650 P  P     . DT  D 4 6  ? -13.286 6.714   5.163   1.00 112.27 ? 7   DT  D P     1 
ATOM   651 O  OP1   . DT  D 4 6  ? -14.461 5.813   5.155   1.00 101.54 ? 7   DT  D OP1   1 
ATOM   652 O  OP2   . DT  D 4 6  ? -12.751 7.242   6.439   1.00 104.55 ? 7   DT  D OP2   1 
ATOM   653 O  "O5'" . DT  D 4 6  ? -12.071 6.003   4.400   1.00 93.51  ? 7   DT  D "O5'" 1 
ATOM   654 C  "C5'" . DT  D 4 6  ? -12.290 5.370   3.144   1.00 78.54  ? 7   DT  D "C5'" 1 
ATOM   655 C  "C4'" . DT  D 4 6  ? -10.977 4.911   2.541   1.00 72.70  ? 7   DT  D "C4'" 1 
ATOM   656 O  "O4'" . DT  D 4 6  ? -10.138 6.056   2.275   1.00 73.02  ? 7   DT  D "O4'" 1 
ATOM   657 C  "C3'" . DT  D 4 6  ? -10.142 3.979   3.430   1.00 69.25  ? 7   DT  D "C3'" 1 
ATOM   658 O  "O3'" . DT  D 4 6  ? -10.016 2.706   2.802   1.00 68.98  ? 7   DT  D "O3'" 1 
ATOM   659 C  "C2'" . DT  D 4 6  ? -8.785  4.695   3.564   1.00 65.15  ? 7   DT  D "C2'" 1 
ATOM   660 C  "C1'" . DT  D 4 6  ? -8.807  5.642   2.382   1.00 62.36  ? 7   DT  D "C1'" 1 
ATOM   661 N  N1    . DT  D 4 6  ? -7.932  6.849   2.527   1.00 58.81  ? 7   DT  D N1    1 
ATOM   662 C  C2    . DT  D 4 6  ? -6.760  6.909   1.806   1.00 64.34  ? 7   DT  D C2    1 
ATOM   663 O  O2    . DT  D 4 6  ? -6.384  6.019   1.065   1.00 65.71  ? 7   DT  D O2    1 
ATOM   664 N  N3    . DT  D 4 6  ? -6.029  8.056   1.984   1.00 63.76  ? 7   DT  D N3    1 
ATOM   665 C  C4    . DT  D 4 6  ? -6.344  9.130   2.794   1.00 68.49  ? 7   DT  D C4    1 
ATOM   666 O  O4    . DT  D 4 6  ? -5.614  10.121  2.888   1.00 62.53  ? 7   DT  D O4    1 
ATOM   667 C  C5    . DT  D 4 6  ? -7.589  9.007   3.521   1.00 62.68  ? 7   DT  D C5    1 
ATOM   668 C  C7    . DT  D 4 6  ? -8.033  10.111  4.431   1.00 58.60  ? 7   DT  D C7    1 
ATOM   669 C  C6    . DT  D 4 6  ? -8.318  7.882   3.354   1.00 54.86  ? 7   DT  D C6    1 
ATOM   670 P  P     . DC  D 4 7  ? -9.260  1.497   3.544   1.00 71.69  ? 8   DC  D P     1 
ATOM   671 O  OP1   . DC  D 4 7  ? -9.702  0.228   2.920   1.00 63.17  ? 8   DC  D OP1   1 
ATOM   672 O  OP2   . DC  D 4 7  ? -9.445  1.670   4.999   1.00 67.06  ? 8   DC  D OP2   1 
ATOM   673 O  "O5'" . DC  D 4 7  ? -7.722  1.738   3.169   1.00 64.62  ? 8   DC  D "O5'" 1 
ATOM   674 C  "C5'" . DC  D 4 7  ? -7.340  1.765   1.802   1.00 56.29  ? 8   DC  D "C5'" 1 
ATOM   675 C  "C4'" . DC  D 4 7  ? -5.826  1.769   1.640   1.00 63.69  ? 8   DC  D "C4'" 1 
ATOM   676 O  "O4'" . DC  D 4 7  ? -5.310  3.117   1.801   1.00 67.76  ? 8   DC  D "O4'" 1 
ATOM   677 C  "C3'" . DC  D 4 7  ? -5.042  0.893   2.613   1.00 64.97  ? 8   DC  D "C3'" 1 
ATOM   678 O  "O3'" . DC  D 4 7  ? -4.029  0.195   1.896   1.00 70.48  ? 8   DC  D "O3'" 1 
ATOM   679 C  "C2'" . DC  D 4 7  ? -4.442  1.910   3.597   1.00 62.90  ? 8   DC  D "C2'" 1 
ATOM   680 C  "C1'" . DC  D 4 7  ? -4.212  3.107   2.688   1.00 59.82  ? 8   DC  D "C1'" 1 
ATOM   681 N  N1    . DC  D 4 7  ? -4.192  4.431   3.384   1.00 55.72  ? 8   DC  D N1    1 
ATOM   682 C  C2    . DC  D 4 7  ? -3.126  5.314   3.166   1.00 58.65  ? 8   DC  D C2    1 
ATOM   683 O  O2    . DC  D 4 7  ? -2.195  4.966   2.431   1.00 65.57  ? 8   DC  D O2    1 
ATOM   684 N  N3    . DC  D 4 7  ? -3.138  6.524   3.777   1.00 59.98  ? 8   DC  D N3    1 
ATOM   685 C  C4    . DC  D 4 7  ? -4.161  6.865   4.565   1.00 63.15  ? 8   DC  D C4    1 
ATOM   686 N  N4    . DC  D 4 7  ? -4.129  8.071   5.147   1.00 62.76  ? 8   DC  D N4    1 
ATOM   687 C  C5    . DC  D 4 7  ? -5.261  5.984   4.790   1.00 57.41  ? 8   DC  D C5    1 
ATOM   688 C  C6    . DC  D 4 7  ? -5.239  4.793   4.179   1.00 56.66  ? 8   DC  D C6    1 
ATOM   689 P  P     . DG  D 4 8  ? -3.237  -1.018  2.584   1.00 64.73  ? 9   DG  D P     1 
ATOM   690 O  OP1   . DG  D 4 8  ? -2.917  -2.018  1.541   1.00 64.13  ? 9   DG  D OP1   1 
ATOM   691 O  OP2   . DG  D 4 8  ? -4.055  -1.418  3.747   1.00 52.67  ? 9   DG  D OP2   1 
ATOM   692 O  "O5'" . DG  D 4 8  ? -1.866  -0.353  3.082   1.00 42.38  ? 9   DG  D "O5'" 1 
ATOM   693 C  "C5'" . DG  D 4 8  ? -0.776  -0.229  2.182   1.00 49.78  ? 9   DG  D "C5'" 1 
ATOM   694 C  "C4'" . DG  D 4 8  ? 0.309   0.649   2.775   1.00 62.67  ? 9   DG  D "C4'" 1 
ATOM   695 O  "O4'" . DG  D 4 8  ? -0.289  1.864   3.289   1.00 64.31  ? 9   DG  D "O4'" 1 
ATOM   696 C  "C3'" . DG  D 4 8  ? 1.078   0.026   3.952   1.00 64.61  ? 9   DG  D "C3'" 1 
ATOM   697 O  "O3'" . DG  D 4 8  ? 2.479   0.092   3.717   1.00 68.85  ? 9   DG  D "O3'" 1 
ATOM   698 C  "C2'" . DG  D 4 8  ? 0.671   0.886   5.149   1.00 63.97  ? 9   DG  D "C2'" 1 
ATOM   699 C  "C1'" . DG  D 4 8  ? 0.367   2.211   4.478   1.00 59.69  ? 9   DG  D "C1'" 1 
ATOM   700 N  N9    . DG  D 4 8  ? -0.505  3.070   5.263   1.00 49.36  ? 9   DG  D N9    1 
ATOM   701 C  C8    . DG  D 4 8  ? -1.681  2.712   5.873   1.00 50.23  ? 9   DG  D C8    1 
ATOM   702 N  N7    . DG  D 4 8  ? -2.249  3.692   6.515   1.00 54.04  ? 9   DG  D N7    1 
ATOM   703 C  C5    . DG  D 4 8  ? -1.392  4.770   6.316   1.00 53.77  ? 9   DG  D C5    1 
ATOM   704 C  C6    . DG  D 4 8  ? -1.490  6.102   6.772   1.00 53.02  ? 9   DG  D C6    1 
ATOM   705 O  O6    . DG  D 4 8  ? -2.377  6.605   7.468   1.00 60.73  ? 9   DG  D O6    1 
ATOM   706 N  N1    . DG  D 4 8  ? -0.413  6.874   6.349   1.00 53.50  ? 9   DG  D N1    1 
ATOM   707 C  C2    . DG  D 4 8  ? 0.627   6.412   5.578   1.00 62.77  ? 9   DG  D C2    1 
ATOM   708 N  N2    . DG  D 4 8  ? 1.577   7.305   5.267   1.00 70.27  ? 9   DG  D N2    1 
ATOM   709 N  N3    . DG  D 4 8  ? 0.730   5.161   5.142   1.00 58.56  ? 9   DG  D N3    1 
ATOM   710 C  C4    . DG  D 4 8  ? -0.314  4.400   5.552   1.00 54.68  ? 9   DG  D C4    1 
ATOM   711 P  P     . DG  D 4 9  ? 3.218   -1.142  3.008   1.00 63.76  ? 10  DG  D P     1 
ATOM   712 O  OP1   . DG  D 4 9  ? 3.901   -0.613  1.810   1.00 59.19  ? 10  DG  D OP1   1 
ATOM   713 O  OP2   . DG  D 4 9  ? 2.227   -2.237  2.918   1.00 57.98  ? 10  DG  D OP2   1 
ATOM   714 O  "O5'" . DG  D 4 9  ? 4.343   -1.602  4.048   1.00 81.87  ? 10  DG  D "O5'" 1 
ATOM   715 C  "C5'" . DG  D 4 9  ? 3.982   -2.033  5.350   1.00 70.85  ? 10  DG  D "C5'" 1 
ATOM   716 C  "C4'" . DG  D 4 9  ? 4.242   -3.522  5.548   1.00 68.01  ? 10  DG  D "C4'" 1 
ATOM   717 O  "O4'" . DG  D 4 9  ? 2.995   -4.229  5.532   1.00 66.26  ? 10  DG  D "O4'" 1 
ATOM   718 C  "C3'" . DG  D 4 9  ? 5.065   -4.205  4.478   1.00 70.14  ? 10  DG  D "C3'" 1 
ATOM   719 O  "O3'" . DG  D 4 9  ? 6.441   -4.054  4.762   1.00 78.07  ? 10  DG  D "O3'" 1 
ATOM   720 C  "C2'" . DG  D 4 9  ? 4.631   -5.671  4.612   1.00 73.65  ? 10  DG  D "C2'" 1 
ATOM   721 C  "C1'" . DG  D 4 9  ? 3.229   -5.578  5.224   1.00 58.44  ? 10  DG  D "C1'" 1 
ATOM   722 N  N9    . DG  D 4 9  ? 2.164   -6.024  4.339   1.00 60.77  ? 10  DG  D N9    1 
ATOM   723 C  C8    . DG  D 4 9  ? 1.204   -5.239  3.749   1.00 64.84  ? 10  DG  D C8    1 
ATOM   724 N  N7    . DG  D 4 9  ? 0.366   -5.907  3.007   1.00 62.30  ? 10  DG  D N7    1 
ATOM   725 C  C5    . DG  D 4 9  ? 0.798   -7.222  3.115   1.00 70.04  ? 10  DG  D C5    1 
ATOM   726 C  C6    . DG  D 4 9  ? 0.276   -8.401  2.529   1.00 72.73  ? 10  DG  D C6    1 
ATOM   727 O  O6    . DG  D 4 9  ? -0.700  -8.518  1.771   1.00 73.10  ? 10  DG  D O6    1 
ATOM   728 N  N1    . DG  D 4 9  ? 1.013   -9.524  2.900   1.00 67.95  ? 10  DG  D N1    1 
ATOM   729 C  C2    . DG  D 4 9  ? 2.109   -9.507  3.731   1.00 72.06  ? 10  DG  D C2    1 
ATOM   730 N  N2    . DG  D 4 9  ? 2.688   -10.692 3.976   1.00 80.35  ? 10  DG  D N2    1 
ATOM   731 N  N3    . DG  D 4 9  ? 2.606   -8.409  4.284   1.00 65.48  ? 10  DG  D N3    1 
ATOM   732 C  C4    . DG  D 4 9  ? 1.901   -7.310  3.934   1.00 67.11  ? 10  DG  D C4    1 
ATOM   733 P  P     . DT  D 4 10 ? 7.537   -4.424  3.650   1.00 78.52  ? 11  DT  D P     1 
ATOM   734 O  OP1   . DT  D 4 10 ? 8.862   -4.038  4.196   1.00 59.61  ? 11  DT  D OP1   1 
ATOM   735 O  OP2   . DT  D 4 10 ? 7.047   -3.917  2.348   1.00 61.55  ? 11  DT  D OP2   1 
ATOM   736 O  "O5'" . DT  D 4 10 ? 7.493   -6.016  3.569   1.00 68.10  ? 11  DT  D "O5'" 1 
ATOM   737 C  "C5'" . DT  D 4 10 ? 8.187   -6.782  4.538   1.00 72.18  ? 11  DT  D "C5'" 1 
ATOM   738 C  "C4'" . DT  D 4 10 ? 8.131   -8.256  4.197   1.00 77.74  ? 11  DT  D "C4'" 1 
ATOM   739 O  "O4'" . DT  D 4 10 ? 6.780   -8.613  3.803   1.00 77.09  ? 11  DT  D "O4'" 1 
ATOM   740 C  "C3'" . DT  D 4 10 ? 9.026   -8.683  3.038   1.00 84.59  ? 11  DT  D "C3'" 1 
ATOM   741 O  "O3'" . DT  D 4 10 ? 9.540   -9.980  3.290   1.00 95.46  ? 11  DT  D "O3'" 1 
ATOM   742 C  "C2'" . DT  D 4 10 ? 8.068   -8.683  1.851   1.00 81.00  ? 11  DT  D "C2'" 1 
ATOM   743 C  "C1'" . DT  D 4 10 ? 6.782   -9.155  2.503   1.00 69.66  ? 11  DT  D "C1'" 1 
ATOM   744 N  N1    . DT  D 4 10 ? 5.556   -8.696  1.805   1.00 66.64  ? 11  DT  D N1    1 
ATOM   745 C  C2    . DT  D 4 10 ? 4.670   -9.628  1.324   1.00 73.19  ? 11  DT  D C2    1 
ATOM   746 O  O2    . DT  D 4 10 ? 4.838   -10.828 1.442   1.00 79.73  ? 11  DT  D O2    1 
ATOM   747 N  N3    . DT  D 4 10 ? 3.569   -9.108  0.701   1.00 73.38  ? 11  DT  D N3    1 
ATOM   748 C  C4    . DT  D 4 10 ? 3.270   -7.772  0.510   1.00 72.90  ? 11  DT  D C4    1 
ATOM   749 O  O4    . DT  D 4 10 ? 2.250   -7.403  -0.068  1.00 72.21  ? 11  DT  D O4    1 
ATOM   750 C  C5    . DT  D 4 10 ? 4.242   -6.844  1.036   1.00 69.33  ? 11  DT  D C5    1 
ATOM   751 C  C7    . DT  D 4 10 ? 4.026   -5.371  0.888   1.00 64.74  ? 11  DT  D C7    1 
ATOM   752 C  C6    . DT  D 4 10 ? 5.328   -7.344  1.653   1.00 67.35  ? 11  DT  D C6    1 
ATOM   753 P  P     . DG  D 4 11 ? 10.680  -10.603 2.347   1.00 92.28  ? 12  DG  D P     1 
ATOM   754 O  OP1   . DG  D 4 11 ? 11.529  -11.448 3.220   1.00 75.08  ? 12  DG  D OP1   1 
ATOM   755 O  OP2   . DG  D 4 11 ? 11.302  -9.514  1.562   1.00 95.34  ? 12  DG  D OP2   1 
ATOM   756 O  "O5'" . DG  D 4 11 ? 9.860   -11.546 1.352   1.00 80.66  ? 12  DG  D "O5'" 1 
ATOM   757 C  "C5'" . DG  D 4 11 ? 9.268   -12.726 1.856   1.00 77.31  ? 12  DG  D "C5'" 1 
ATOM   758 C  "C4'" . DG  D 4 11 ? 8.419   -13.420 0.807   1.00 81.35  ? 12  DG  D "C4'" 1 
ATOM   759 O  "O4'" . DG  D 4 11 ? 7.335   -12.555 0.376   1.00 74.63  ? 12  DG  D "O4'" 1 
ATOM   760 C  "C3'" . DG  D 4 11 ? 9.153   -13.836 -0.470  1.00 100.58 ? 12  DG  D "C3'" 1 
ATOM   761 O  "O3'" . DG  D 4 11 ? 8.778   -15.171 -0.794  1.00 110.98 ? 12  DG  D "O3'" 1 
ATOM   762 C  "C2'" . DG  D 4 11 ? 8.625   -12.835 -1.507  1.00 92.32  ? 12  DG  D "C2'" 1 
ATOM   763 C  "C1'" . DG  D 4 11 ? 7.203   -12.672 -1.017  1.00 76.32  ? 12  DG  D "C1'" 1 
ATOM   764 N  N9    . DG  D 4 11 ? 6.514   -11.491 -1.514  1.00 80.89  ? 12  DG  D N9    1 
ATOM   765 C  C8    . DG  D 4 11 ? 6.842   -10.178 -1.274  1.00 83.56  ? 12  DG  D C8    1 
ATOM   766 N  N7    . DG  D 4 11 ? 6.023   -9.327  -1.829  1.00 81.87  ? 12  DG  D N7    1 
ATOM   767 C  C5    . DG  D 4 11 ? 5.083   -10.127 -2.470  1.00 77.81  ? 12  DG  D C5    1 
ATOM   768 C  C6    . DG  D 4 11 ? 3.951   -9.768  -3.240  1.00 78.98  ? 12  DG  D C6    1 
ATOM   769 O  O6    . DG  D 4 11 ? 3.539   -8.636  -3.519  1.00 77.26  ? 12  DG  D O6    1 
ATOM   770 N  N1    . DG  D 4 11 ? 3.268   -10.887 -3.705  1.00 81.44  ? 12  DG  D N1    1 
ATOM   771 C  C2    . DG  D 4 11 ? 3.636   -12.191 -3.465  1.00 86.61  ? 12  DG  D C2    1 
ATOM   772 N  N2    . DG  D 4 11 ? 2.847   -13.137 -3.997  1.00 89.65  ? 12  DG  D N2    1 
ATOM   773 N  N3    . DG  D 4 11 ? 4.695   -12.545 -2.741  1.00 77.37  ? 12  DG  D N3    1 
ATOM   774 C  C4    . DG  D 4 11 ? 5.370   -11.464 -2.279  1.00 78.28  ? 12  DG  D C4    1 
ATOM   775 P  P     . DT  D 4 12 ? 9.632   -16.050 -1.830  1.00 109.68 ? 13  DT  D P     1 
ATOM   776 O  OP1   . DT  D 4 12 ? 10.128  -17.223 -1.075  1.00 102.33 ? 13  DT  D OP1   1 
ATOM   777 O  OP2   . DT  D 4 12 ? 10.600  -15.158 -2.512  1.00 99.29  ? 13  DT  D OP2   1 
ATOM   778 O  "O5'" . DT  D 4 12 ? 8.540   -16.514 -2.911  1.00 77.95  ? 13  DT  D "O5'" 1 
ATOM   779 C  "C5'" . DT  D 4 12 ? 7.701   -15.541 -3.494  1.00 80.23  ? 13  DT  D "C5'" 1 
ATOM   780 C  "C4'" . DT  D 4 12 ? 6.700   -16.157 -4.442  1.00 91.82  ? 13  DT  D "C4'" 1 
ATOM   781 O  "O4'" . DT  D 4 12 ? 5.731   -15.142 -4.797  1.00 98.75  ? 13  DT  D "O4'" 1 
ATOM   782 C  "C3'" . DT  D 4 12 ? 7.277   -16.597 -5.776  1.00 111.47 ? 13  DT  D "C3'" 1 
ATOM   783 O  "O3'" . DT  D 4 12 ? 6.359   -17.466 -6.440  1.00 122.49 ? 13  DT  D "O3'" 1 
ATOM   784 C  "C2'" . DT  D 4 12 ? 7.373   -15.264 -6.495  1.00 107.11 ? 13  DT  D "C2'" 1 
ATOM   785 C  "C1'" . DT  D 4 12 ? 6.053   -14.614 -6.074  1.00 102.92 ? 13  DT  D "C1'" 1 
ATOM   786 N  N1    . DT  D 4 12 ? 6.124   -13.123 -5.985  1.00 94.91  ? 13  DT  D N1    1 
ATOM   787 C  C2    . DT  D 4 12 ? 5.069   -12.368 -6.451  1.00 92.62  ? 13  DT  D C2    1 
ATOM   788 O  O2    . DT  D 4 12 ? 4.054   -12.853 -6.923  1.00 93.11  ? 13  DT  D O2    1 
ATOM   789 N  N3    . DT  D 4 12 ? 5.241   -11.014 -6.337  1.00 87.14  ? 13  DT  D N3    1 
ATOM   790 C  C4    . DT  D 4 12 ? 6.340   -10.350 -5.822  1.00 90.76  ? 13  DT  D C4    1 
ATOM   791 O  O4    . DT  D 4 12 ? 6.398   -9.125  -5.763  1.00 92.20  ? 13  DT  D O4    1 
ATOM   792 C  C5    . DT  D 4 12 ? 7.414   -11.201 -5.357  1.00 91.87  ? 13  DT  D C5    1 
ATOM   793 C  C7    . DT  D 4 12 ? 8.659   -10.594 -4.776  1.00 79.08  ? 13  DT  D C7    1 
ATOM   794 C  C6    . DT  D 4 12 ? 7.258   -12.531 -5.464  1.00 89.52  ? 13  DT  D C6    1 
ATOM   795 P  P     . DC  D 4 13 ? 6.887   -18.614 -7.436  1.00 117.71 ? 14  DC  D P     1 
ATOM   796 O  OP1   . DC  D 4 13 ? 5.696   -19.200 -8.089  1.00 111.58 ? 14  DC  D OP1   1 
ATOM   797 O  OP2   . DC  D 4 13 ? 7.813   -19.487 -6.676  1.00 102.63 ? 14  DC  D OP2   1 
ATOM   798 O  "O5'" . DC  D 4 13 ? 7.738   -17.822 -8.536  1.00 120.87 ? 14  DC  D "O5'" 1 
ATOM   799 C  "C5'" . DC  D 4 13 ? 7.371   -17.894 -9.914  1.00 124.79 ? 14  DC  D "C5'" 1 
ATOM   800 C  "C4'" . DC  D 4 13 ? 6.195   -16.981 -10.198 1.00 125.47 ? 14  DC  D "C4'" 1 
ATOM   801 O  "O4'" . DC  D 4 13 ? 6.396   -15.736 -9.520  1.00 122.20 ? 14  DC  D "O4'" 1 
ATOM   802 C  "C3'" . DC  D 4 13 ? 5.993   -16.612 -11.663 1.00 138.12 ? 14  DC  D "C3'" 1 
ATOM   803 O  "O3'" . DC  D 4 13 ? 5.030   -17.497 -12.258 1.00 149.19 ? 14  DC  D "O3'" 1 
ATOM   804 C  "C2'" . DC  D 4 13 ? 5.484   -15.154 -11.615 1.00 133.15 ? 14  DC  D "C2'" 1 
ATOM   805 C  "C1'" . DC  D 4 13 ? 5.610   -14.757 -10.142 1.00 121.93 ? 14  DC  D "C1'" 1 
ATOM   806 N  N1    . DC  D 4 13 ? 6.243   -13.412 -9.884  1.00 113.82 ? 14  DC  D N1    1 
ATOM   807 C  C2    . DC  D 4 13 ? 5.535   -12.232 -10.170 1.00 107.25 ? 14  DC  D C2    1 
ATOM   808 O  O2    . DC  D 4 13 ? 4.404   -12.307 -10.673 1.00 98.50  ? 14  DC  D O2    1 
ATOM   809 N  N3    . DC  D 4 13 ? 6.123   -11.035 -9.898  1.00 100.25 ? 14  DC  D N3    1 
ATOM   810 C  C4    . DC  D 4 13 ? 7.344   -10.993 -9.356  1.00 101.02 ? 14  DC  D C4    1 
ATOM   811 N  N4    . DC  D 4 13 ? 7.879   -9.793  -9.107  1.00 103.81 ? 14  DC  D N4    1 
ATOM   812 C  C5    . DC  D 4 13 ? 8.070   -12.181 -9.047  1.00 99.11  ? 14  DC  D C5    1 
ATOM   813 C  C6    . DC  D 4 13 ? 7.487   -13.354 -9.320  1.00 105.37 ? 14  DC  D C6    1 
ATOM   814 P  P     . DG  D 4 14 ? 4.864   -17.596 -13.857 1.00 140.31 ? 15  DG  D P     1 
ATOM   815 O  OP1   . DG  D 4 14 ? 4.526   -18.999 -14.181 1.00 136.84 ? 15  DG  D OP1   1 
ATOM   816 O  OP2   . DG  D 4 14 ? 6.049   -16.974 -14.489 1.00 126.46 ? 15  DG  D OP2   1 
ATOM   817 O  "O5'" . DG  D 4 14 ? 3.553   -16.721 -14.155 1.00 130.00 ? 15  DG  D "O5'" 1 
ATOM   818 C  "C5'" . DG  D 4 14 ? 2.978   -16.705 -15.460 1.00 124.18 ? 15  DG  D "C5'" 1 
ATOM   819 C  "C4'" . DG  D 4 14 ? 2.977   -15.297 -16.020 1.00 129.44 ? 15  DG  D "C4'" 1 
ATOM   820 O  "O4'" . DG  D 4 14 ? 3.330   -14.371 -14.956 1.00 127.80 ? 15  DG  D "O4'" 1 
ATOM   821 C  "C3'" . DG  D 4 14 ? 4.013   -15.039 -17.098 1.00 130.17 ? 15  DG  D "C3'" 1 
ATOM   822 O  "O3'" . DG  D 4 14 ? 3.550   -15.454 -18.437 1.00 133.12 ? 15  DG  D "O3'" 1 
ATOM   823 C  "C2'" . DG  D 4 14 ? 4.235   -13.538 -16.988 1.00 126.04 ? 15  DG  D "C2'" 1 
ATOM   824 C  "C1'" . DG  D 4 14 ? 4.013   -13.251 -15.498 1.00 124.77 ? 15  DG  D "C1'" 1 
ATOM   825 N  N9    . DG  D 4 14 ? 5.262   -13.031 -14.756 1.00 118.22 ? 15  DG  D N9    1 
ATOM   826 C  C8    . DG  D 4 14 ? 6.206   -13.974 -14.433 1.00 121.38 ? 15  DG  D C8    1 
ATOM   827 N  N7    . DG  D 4 14 ? 7.227   -13.495 -13.774 1.00 116.66 ? 15  DG  D N7    1 
ATOM   828 C  C5    . DG  D 4 14 ? 6.957   -12.138 -13.667 1.00 114.98 ? 15  DG  D C5    1 
ATOM   829 C  C6    . DG  D 4 14 ? 7.713   -11.102 -13.056 1.00 106.75 ? 15  DG  D C6    1 
ATOM   830 O  O6    . DG  D 4 14 ? 8.804   -11.187 -12.470 1.00 102.65 ? 15  DG  D O6    1 
ATOM   831 N  N1    . DG  D 4 14 ? 7.079   -9.868  -13.173 1.00 98.00  ? 15  DG  D N1    1 
ATOM   832 C  C2    . DG  D 4 14 ? 5.870   -9.657  -13.800 1.00 102.75 ? 15  DG  D C2    1 
ATOM   833 N  N2    . DG  D 4 14 ? 5.420   -8.393  -13.811 1.00 97.80  ? 15  DG  D N2    1 
ATOM   834 N  N3    . DG  D 4 14 ? 5.151   -10.618 -14.377 1.00 102.83 ? 15  DG  D N3    1 
ATOM   835 C  C4    . DG  D 4 14 ? 5.753   -11.830 -14.273 1.00 109.04 ? 15  DG  D C4    1 
ATOM   836 P  P     . DT  D 4 15 ? 2.146   -14.987 -19.095 1.00 151.95 ? 16  DT  D P     1 
ATOM   837 O  OP1   . DT  D 4 15 ? 1.024   -15.663 -18.406 1.00 159.68 ? 16  DT  D OP1   1 
ATOM   838 O  OP2   . DT  D 4 15 ? 2.297   -15.176 -20.554 1.00 144.22 ? 16  DT  D OP2   1 
ATOM   839 O  "O5'" . DT  D 4 15 ? 2.057   -13.404 -18.874 1.00 133.16 ? 16  DT  D "O5'" 1 
ATOM   840 C  "C5'" . DT  D 4 15 ? 2.311   -12.511 -19.961 1.00 131.29 ? 16  DT  D "C5'" 1 
ATOM   841 C  "C4'" . DT  D 4 15 ? 2.269   -11.069 -19.482 1.00 131.87 ? 16  DT  D "C4'" 1 
ATOM   842 O  "O4'" . DT  D 4 15 ? 3.274   -10.873 -18.453 1.00 127.87 ? 16  DT  D "O4'" 1 
ATOM   843 C  "C3'" . DT  D 4 15 ? 2.544   -10.010 -20.556 1.00 129.73 ? 16  DT  D "C3'" 1 
ATOM   844 O  "O3'" . DT  D 4 15 ? 1.580   -8.959  -20.465 1.00 123.03 ? 16  DT  D "O3'" 1 
ATOM   845 C  "C2'" . DT  D 4 15 ? 3.956   -9.518  -20.222 1.00 125.27 ? 16  DT  D "C2'" 1 
ATOM   846 C  "C1'" . DT  D 4 15 ? 3.987   -9.687  -18.715 1.00 124.71 ? 16  DT  D "C1'" 1 
ATOM   847 N  N1    . DT  D 4 15 ? 5.362   -9.822  -18.125 1.00 118.84 ? 16  DT  D N1    1 
ATOM   848 C  C2    . DT  D 4 15 ? 6.027   -8.700  -17.689 1.00 121.83 ? 16  DT  D C2    1 
ATOM   849 O  O2    . DT  D 4 15 ? 5.568   -7.573  -17.776 1.00 137.93 ? 16  DT  D O2    1 
ATOM   850 N  N3    . DT  D 4 15 ? 7.267   -8.944  -17.150 1.00 117.50 ? 16  DT  D N3    1 
ATOM   851 C  C4    . DT  D 4 15 ? 7.887   -10.176 -16.998 1.00 110.18 ? 16  DT  D C4    1 
ATOM   852 O  O4    . DT  D 4 15 ? 9.002   -10.298 -16.498 1.00 108.16 ? 16  DT  D O4    1 
ATOM   853 C  C5    . DT  D 4 15 ? 7.131   -11.305 -17.468 1.00 106.71 ? 16  DT  D C5    1 
ATOM   854 C  C7    . DT  D 4 15 ? 7.699   -12.688 -17.356 1.00 103.37 ? 16  DT  D C7    1 
ATOM   855 C  C6    . DT  D 4 15 ? 5.924   -11.074 -18.006 1.00 113.22 ? 16  DT  D C6    1 
HETATM 856 AS AS    . CAC E 5 .  ? -5.274  4.366   9.520   1.00 141.54 ? 101 CAC C AS    1 
# 
loop_
_pdbx_poly_seq_scheme.asym_id 
_pdbx_poly_seq_scheme.entity_id 
_pdbx_poly_seq_scheme.seq_id 
_pdbx_poly_seq_scheme.mon_id 
_pdbx_poly_seq_scheme.ndb_seq_num 
_pdbx_poly_seq_scheme.pdb_seq_num 
_pdbx_poly_seq_scheme.auth_seq_num 
_pdbx_poly_seq_scheme.pdb_mon_id 
_pdbx_poly_seq_scheme.auth_mon_id 
_pdbx_poly_seq_scheme.pdb_strand_id 
_pdbx_poly_seq_scheme.pdb_ins_code 
_pdbx_poly_seq_scheme.hetero 
A 1 1  DG 1  1  1  DG DG A . n 
A 1 2  DA 2  2  2  DA DA A . n 
A 1 3  DA 3  3  3  DA DA A . n 
A 1 4  DC 4  4  4  DC DC A . n 
A 1 5  DG 5  5  5  DG DG A . n 
A 1 6  DA 6  6  6  DA DA A . n 
A 1 7  DC 7  7  7  DC DC A . n 
A 1 8  DA 8  8  8  DA DA A . n 
A 1 9  DC 9  9  9  DC DC A . n 
A 1 10 DA 10 10 10 DA DA A . n 
A 1 11 DG 11 11 11 DG DG A . n 
A 1 12 DA 12 12 12 DA DA A . n 
B 2 1  DC 1  12 12 DC DC B . n 
B 2 2  DG 2  13 13 DG DG B . n 
B 2 3  DT 3  14 14 DT DT B . n 
B 2 4  DC 4  15 15 DC DC B . n 
B 2 5  DG 5  16 16 DG DG B . n 
B 2 6  DA 6  17 17 DA DA B . n 
B 2 7  DC 7  18 18 DC DC B . n 
B 2 8  DT 8  19 19 DT DT B . n 
B 2 9  DC 9  20 20 DC DC B . n 
C 3 1  DT 1  0  0  DT DT C . n 
C 3 2  DC 2  1  1  DC DC C . n 
C 3 3  DT 3  2  2  DT DT C . n 
C 3 4  DA 4  3  3  DA DA C . n 
C 3 5  DC 5  4  4  DC DC C . n 
C 3 6  DG 6  5  5  DG DG C . n 
D 4 1  DT 1  2  2  DT DT D . n 
D 4 2  DC 2  3  3  DC DC D . n 
D 4 3  DG 3  4  4  DG DG D . n 
D 4 4  DA 4  5  5  DA DA D . n 
D 4 5  DG 5  6  6  DG DG D . n 
D 4 6  DT 6  7  7  DT DT D . n 
D 4 7  DC 7  8  8  DC DC D . n 
D 4 8  DG 8  9  9  DG DG D . n 
D 4 9  DG 9  10 10 DG DG D . n 
D 4 10 DT 10 11 11 DT DT D . n 
D 4 11 DG 11 12 12 DG DG D . n 
D 4 12 DT 12 13 13 DT DT D . n 
D 4 13 DC 13 14 14 DC DC D . n 
D 4 14 DG 14 15 15 DG DG D . n 
D 4 15 DT 15 16 16 DT DT D . n 
# 
_pdbx_nonpoly_scheme.asym_id         E 
_pdbx_nonpoly_scheme.entity_id       5 
_pdbx_nonpoly_scheme.mon_id          CAC 
_pdbx_nonpoly_scheme.ndb_seq_num     1 
_pdbx_nonpoly_scheme.pdb_seq_num     101 
_pdbx_nonpoly_scheme.auth_seq_num    1 
_pdbx_nonpoly_scheme.pdb_mon_id      CAC 
_pdbx_nonpoly_scheme.auth_mon_id     AS 
_pdbx_nonpoly_scheme.pdb_strand_id   C 
_pdbx_nonpoly_scheme.pdb_ins_code    . 
# 
_pdbx_struct_assembly.id                   1 
_pdbx_struct_assembly.details              author_and_software_defined_assembly 
_pdbx_struct_assembly.method_details       PISA 
_pdbx_struct_assembly.oligomeric_details   tetrameric 
_pdbx_struct_assembly.oligomeric_count     4 
# 
_pdbx_struct_assembly_gen.assembly_id       1 
_pdbx_struct_assembly_gen.oper_expression   1 
_pdbx_struct_assembly_gen.asym_id_list      A,B,C,D,E 
# 
loop_
_pdbx_struct_assembly_prop.biol_id 
_pdbx_struct_assembly_prop.type 
_pdbx_struct_assembly_prop.value 
_pdbx_struct_assembly_prop.details 
1 'ABSA (A^2)' 2560 ? 
1 MORE         -11  ? 
1 'SSA (A^2)'  7900 ? 
# 
_pdbx_struct_oper_list.id                   1 
_pdbx_struct_oper_list.type                 'identity operation' 
_pdbx_struct_oper_list.name                 1_555 
_pdbx_struct_oper_list.symmetry_operation   x,y,z 
_pdbx_struct_oper_list.matrix[1][1]         1.0000000000 
_pdbx_struct_oper_list.matrix[1][2]         0.0000000000 
_pdbx_struct_oper_list.matrix[1][3]         0.0000000000 
_pdbx_struct_oper_list.vector[1]            0.0000000000 
_pdbx_struct_oper_list.matrix[2][1]         0.0000000000 
_pdbx_struct_oper_list.matrix[2][2]         1.0000000000 
_pdbx_struct_oper_list.matrix[2][3]         0.0000000000 
_pdbx_struct_oper_list.vector[2]            0.0000000000 
_pdbx_struct_oper_list.matrix[3][1]         0.0000000000 
_pdbx_struct_oper_list.matrix[3][2]         0.0000000000 
_pdbx_struct_oper_list.matrix[3][3]         1.0000000000 
_pdbx_struct_oper_list.vector[3]            0.0000000000 
# 
loop_
_pdbx_audit_revision_history.ordinal 
_pdbx_audit_revision_history.data_content_type 
_pdbx_audit_revision_history.major_revision 
_pdbx_audit_revision_history.minor_revision 
_pdbx_audit_revision_history.revision_date 
1 'Structure model' 1 0 2021-07-14 
2 'Structure model' 1 1 2022-07-06 
3 'Structure model' 1 2 2023-10-18 
# 
_pdbx_audit_revision_details.ordinal             1 
_pdbx_audit_revision_details.revision_ordinal    1 
_pdbx_audit_revision_details.data_content_type   'Structure model' 
_pdbx_audit_revision_details.provider            repository 
_pdbx_audit_revision_details.type                'Initial release' 
_pdbx_audit_revision_details.description         ? 
_pdbx_audit_revision_details.details             ? 
# 
loop_
_pdbx_audit_revision_group.ordinal 
_pdbx_audit_revision_group.revision_ordinal 
_pdbx_audit_revision_group.data_content_type 
_pdbx_audit_revision_group.group 
1 2 'Structure model' 'Database references'    
2 3 'Structure model' 'Data collection'        
3 3 'Structure model' 'Refinement description' 
# 
loop_
_pdbx_audit_revision_category.ordinal 
_pdbx_audit_revision_category.revision_ordinal 
_pdbx_audit_revision_category.data_content_type 
_pdbx_audit_revision_category.category 
1 2 'Structure model' citation                      
2 2 'Structure model' citation_author               
3 2 'Structure model' database_2                    
4 3 'Structure model' chem_comp_atom                
5 3 'Structure model' chem_comp_bond                
6 3 'Structure model' pdbx_initial_refinement_model 
# 
loop_
_pdbx_audit_revision_item.ordinal 
_pdbx_audit_revision_item.revision_ordinal 
_pdbx_audit_revision_item.data_content_type 
_pdbx_audit_revision_item.item 
1  2 'Structure model' '_citation.country'                   
2  2 'Structure model' '_citation.journal_abbrev'            
3  2 'Structure model' '_citation.journal_id_CSD'            
4  2 'Structure model' '_citation.journal_id_ISSN'           
5  2 'Structure model' '_citation.journal_volume'            
6  2 'Structure model' '_citation.page_first'                
7  2 'Structure model' '_citation.page_last'                 
8  2 'Structure model' '_citation.pdbx_database_id_DOI'      
9  2 'Structure model' '_citation.pdbx_database_id_PubMed'   
10 2 'Structure model' '_citation.title'                     
11 2 'Structure model' '_citation.year'                      
12 2 'Structure model' '_database_2.pdbx_DOI'                
13 2 'Structure model' '_database_2.pdbx_database_accession' 
# 
loop_
_software.citation_id 
_software.classification 
_software.compiler_name 
_software.compiler_version 
_software.contact_author 
_software.contact_author_email 
_software.date 
_software.description 
_software.dependencies 
_software.hardware 
_software.language 
_software.location 
_software.mods 
_software.name 
_software.os 
_software.os_version 
_software.type 
_software.version 
_software.pdbx_ordinal 
? 'data reduction'  ? ? ? ? ? ? ? ? ? ? ? HKL-2000    ? ? ? .           1 
? 'data scaling'    ? ? ? ? ? ? ? ? ? ? ? HKL-2000    ? ? ? .           2 
? refinement        ? ? ? ? ? ? ? ? ? ? ? PHENIX      ? ? ? 1.11.1_2575 3 
? 'data extraction' ? ? ? ? ? ? ? ? ? ? ? PDB_EXTRACT ? ? ? 3.25        4 
? phasing           ? ? ? ? ? ? ? ? ? ? ? PHASER      ? ? ? .           5 
# 
_pdbx_entry_details.entry_id                 7JIN 
_pdbx_entry_details.has_ligand_of_interest   N 
_pdbx_entry_details.compound_details         ? 
_pdbx_entry_details.source_details           ? 
_pdbx_entry_details.nonpolymer_details       ? 
_pdbx_entry_details.sequence_details         ? 
# 
loop_
_pdbx_unobs_or_zero_occ_atoms.id 
_pdbx_unobs_or_zero_occ_atoms.PDB_model_num 
_pdbx_unobs_or_zero_occ_atoms.polymer_flag 
_pdbx_unobs_or_zero_occ_atoms.occupancy_flag 
_pdbx_unobs_or_zero_occ_atoms.auth_asym_id 
_pdbx_unobs_or_zero_occ_atoms.auth_comp_id 
_pdbx_unobs_or_zero_occ_atoms.auth_seq_id 
_pdbx_unobs_or_zero_occ_atoms.PDB_ins_code 
_pdbx_unobs_or_zero_occ_atoms.auth_atom_id 
_pdbx_unobs_or_zero_occ_atoms.label_alt_id 
_pdbx_unobs_or_zero_occ_atoms.label_asym_id 
_pdbx_unobs_or_zero_occ_atoms.label_comp_id 
_pdbx_unobs_or_zero_occ_atoms.label_seq_id 
_pdbx_unobs_or_zero_occ_atoms.label_atom_id 
1 1 N 1 C CAC 101 ? O1 ? E CAC 1 O1 
2 1 N 1 C CAC 101 ? O2 ? E CAC 1 O2 
3 1 N 1 C CAC 101 ? C1 ? E CAC 1 C1 
4 1 N 1 C CAC 101 ? C2 ? E CAC 1 C2 
# 
loop_
_chem_comp_atom.comp_id 
_chem_comp_atom.atom_id 
_chem_comp_atom.type_symbol 
_chem_comp_atom.pdbx_aromatic_flag 
_chem_comp_atom.pdbx_stereo_config 
_chem_comp_atom.pdbx_ordinal 
CAC AS     AS N N 1   
CAC O1     O  N N 2   
CAC O2     O  N N 3   
CAC C1     C  N N 4   
CAC C2     C  N N 5   
CAC H11    H  N N 6   
CAC H12    H  N N 7   
CAC H13    H  N N 8   
CAC H21    H  N N 9   
CAC H22    H  N N 10  
CAC H23    H  N N 11  
DA  OP3    O  N N 12  
DA  P      P  N N 13  
DA  OP1    O  N N 14  
DA  OP2    O  N N 15  
DA  "O5'"  O  N N 16  
DA  "C5'"  C  N N 17  
DA  "C4'"  C  N R 18  
DA  "O4'"  O  N N 19  
DA  "C3'"  C  N S 20  
DA  "O3'"  O  N N 21  
DA  "C2'"  C  N N 22  
DA  "C1'"  C  N R 23  
DA  N9     N  Y N 24  
DA  C8     C  Y N 25  
DA  N7     N  Y N 26  
DA  C5     C  Y N 27  
DA  C6     C  Y N 28  
DA  N6     N  N N 29  
DA  N1     N  Y N 30  
DA  C2     C  Y N 31  
DA  N3     N  Y N 32  
DA  C4     C  Y N 33  
DA  HOP3   H  N N 34  
DA  HOP2   H  N N 35  
DA  "H5'"  H  N N 36  
DA  "H5''" H  N N 37  
DA  "H4'"  H  N N 38  
DA  "H3'"  H  N N 39  
DA  "HO3'" H  N N 40  
DA  "H2'"  H  N N 41  
DA  "H2''" H  N N 42  
DA  "H1'"  H  N N 43  
DA  H8     H  N N 44  
DA  H61    H  N N 45  
DA  H62    H  N N 46  
DA  H2     H  N N 47  
DC  OP3    O  N N 48  
DC  P      P  N N 49  
DC  OP1    O  N N 50  
DC  OP2    O  N N 51  
DC  "O5'"  O  N N 52  
DC  "C5'"  C  N N 53  
DC  "C4'"  C  N R 54  
DC  "O4'"  O  N N 55  
DC  "C3'"  C  N S 56  
DC  "O3'"  O  N N 57  
DC  "C2'"  C  N N 58  
DC  "C1'"  C  N R 59  
DC  N1     N  N N 60  
DC  C2     C  N N 61  
DC  O2     O  N N 62  
DC  N3     N  N N 63  
DC  C4     C  N N 64  
DC  N4     N  N N 65  
DC  C5     C  N N 66  
DC  C6     C  N N 67  
DC  HOP3   H  N N 68  
DC  HOP2   H  N N 69  
DC  "H5'"  H  N N 70  
DC  "H5''" H  N N 71  
DC  "H4'"  H  N N 72  
DC  "H3'"  H  N N 73  
DC  "HO3'" H  N N 74  
DC  "H2'"  H  N N 75  
DC  "H2''" H  N N 76  
DC  "H1'"  H  N N 77  
DC  H41    H  N N 78  
DC  H42    H  N N 79  
DC  H5     H  N N 80  
DC  H6     H  N N 81  
DG  OP3    O  N N 82  
DG  P      P  N N 83  
DG  OP1    O  N N 84  
DG  OP2    O  N N 85  
DG  "O5'"  O  N N 86  
DG  "C5'"  C  N N 87  
DG  "C4'"  C  N R 88  
DG  "O4'"  O  N N 89  
DG  "C3'"  C  N S 90  
DG  "O3'"  O  N N 91  
DG  "C2'"  C  N N 92  
DG  "C1'"  C  N R 93  
DG  N9     N  Y N 94  
DG  C8     C  Y N 95  
DG  N7     N  Y N 96  
DG  C5     C  Y N 97  
DG  C6     C  N N 98  
DG  O6     O  N N 99  
DG  N1     N  N N 100 
DG  C2     C  N N 101 
DG  N2     N  N N 102 
DG  N3     N  N N 103 
DG  C4     C  Y N 104 
DG  HOP3   H  N N 105 
DG  HOP2   H  N N 106 
DG  "H5'"  H  N N 107 
DG  "H5''" H  N N 108 
DG  "H4'"  H  N N 109 
DG  "H3'"  H  N N 110 
DG  "HO3'" H  N N 111 
DG  "H2'"  H  N N 112 
DG  "H2''" H  N N 113 
DG  "H1'"  H  N N 114 
DG  H8     H  N N 115 
DG  H1     H  N N 116 
DG  H21    H  N N 117 
DG  H22    H  N N 118 
DT  OP3    O  N N 119 
DT  P      P  N N 120 
DT  OP1    O  N N 121 
DT  OP2    O  N N 122 
DT  "O5'"  O  N N 123 
DT  "C5'"  C  N N 124 
DT  "C4'"  C  N R 125 
DT  "O4'"  O  N N 126 
DT  "C3'"  C  N S 127 
DT  "O3'"  O  N N 128 
DT  "C2'"  C  N N 129 
DT  "C1'"  C  N R 130 
DT  N1     N  N N 131 
DT  C2     C  N N 132 
DT  O2     O  N N 133 
DT  N3     N  N N 134 
DT  C4     C  N N 135 
DT  O4     O  N N 136 
DT  C5     C  N N 137 
DT  C7     C  N N 138 
DT  C6     C  N N 139 
DT  HOP3   H  N N 140 
DT  HOP2   H  N N 141 
DT  "H5'"  H  N N 142 
DT  "H5''" H  N N 143 
DT  "H4'"  H  N N 144 
DT  "H3'"  H  N N 145 
DT  "HO3'" H  N N 146 
DT  "H2'"  H  N N 147 
DT  "H2''" H  N N 148 
DT  "H1'"  H  N N 149 
DT  H3     H  N N 150 
DT  H71    H  N N 151 
DT  H72    H  N N 152 
DT  H73    H  N N 153 
DT  H6     H  N N 154 
# 
loop_
_chem_comp_bond.comp_id 
_chem_comp_bond.atom_id_1 
_chem_comp_bond.atom_id_2 
_chem_comp_bond.value_order 
_chem_comp_bond.pdbx_aromatic_flag 
_chem_comp_bond.pdbx_stereo_config 
_chem_comp_bond.pdbx_ordinal 
CAC AS    O1     doub N N 1   
CAC AS    O2     sing N N 2   
CAC AS    C1     sing N N 3   
CAC AS    C2     sing N N 4   
CAC C1    H11    sing N N 5   
CAC C1    H12    sing N N 6   
CAC C1    H13    sing N N 7   
CAC C2    H21    sing N N 8   
CAC C2    H22    sing N N 9   
CAC C2    H23    sing N N 10  
DA  OP3   P      sing N N 11  
DA  OP3   HOP3   sing N N 12  
DA  P     OP1    doub N N 13  
DA  P     OP2    sing N N 14  
DA  P     "O5'"  sing N N 15  
DA  OP2   HOP2   sing N N 16  
DA  "O5'" "C5'"  sing N N 17  
DA  "C5'" "C4'"  sing N N 18  
DA  "C5'" "H5'"  sing N N 19  
DA  "C5'" "H5''" sing N N 20  
DA  "C4'" "O4'"  sing N N 21  
DA  "C4'" "C3'"  sing N N 22  
DA  "C4'" "H4'"  sing N N 23  
DA  "O4'" "C1'"  sing N N 24  
DA  "C3'" "O3'"  sing N N 25  
DA  "C3'" "C2'"  sing N N 26  
DA  "C3'" "H3'"  sing N N 27  
DA  "O3'" "HO3'" sing N N 28  
DA  "C2'" "C1'"  sing N N 29  
DA  "C2'" "H2'"  sing N N 30  
DA  "C2'" "H2''" sing N N 31  
DA  "C1'" N9     sing N N 32  
DA  "C1'" "H1'"  sing N N 33  
DA  N9    C8     sing Y N 34  
DA  N9    C4     sing Y N 35  
DA  C8    N7     doub Y N 36  
DA  C8    H8     sing N N 37  
DA  N7    C5     sing Y N 38  
DA  C5    C6     sing Y N 39  
DA  C5    C4     doub Y N 40  
DA  C6    N6     sing N N 41  
DA  C6    N1     doub Y N 42  
DA  N6    H61    sing N N 43  
DA  N6    H62    sing N N 44  
DA  N1    C2     sing Y N 45  
DA  C2    N3     doub Y N 46  
DA  C2    H2     sing N N 47  
DA  N3    C4     sing Y N 48  
DC  OP3   P      sing N N 49  
DC  OP3   HOP3   sing N N 50  
DC  P     OP1    doub N N 51  
DC  P     OP2    sing N N 52  
DC  P     "O5'"  sing N N 53  
DC  OP2   HOP2   sing N N 54  
DC  "O5'" "C5'"  sing N N 55  
DC  "C5'" "C4'"  sing N N 56  
DC  "C5'" "H5'"  sing N N 57  
DC  "C5'" "H5''" sing N N 58  
DC  "C4'" "O4'"  sing N N 59  
DC  "C4'" "C3'"  sing N N 60  
DC  "C4'" "H4'"  sing N N 61  
DC  "O4'" "C1'"  sing N N 62  
DC  "C3'" "O3'"  sing N N 63  
DC  "C3'" "C2'"  sing N N 64  
DC  "C3'" "H3'"  sing N N 65  
DC  "O3'" "HO3'" sing N N 66  
DC  "C2'" "C1'"  sing N N 67  
DC  "C2'" "H2'"  sing N N 68  
DC  "C2'" "H2''" sing N N 69  
DC  "C1'" N1     sing N N 70  
DC  "C1'" "H1'"  sing N N 71  
DC  N1    C2     sing N N 72  
DC  N1    C6     sing N N 73  
DC  C2    O2     doub N N 74  
DC  C2    N3     sing N N 75  
DC  N3    C4     doub N N 76  
DC  C4    N4     sing N N 77  
DC  C4    C5     sing N N 78  
DC  N4    H41    sing N N 79  
DC  N4    H42    sing N N 80  
DC  C5    C6     doub N N 81  
DC  C5    H5     sing N N 82  
DC  C6    H6     sing N N 83  
DG  OP3   P      sing N N 84  
DG  OP3   HOP3   sing N N 85  
DG  P     OP1    doub N N 86  
DG  P     OP2    sing N N 87  
DG  P     "O5'"  sing N N 88  
DG  OP2   HOP2   sing N N 89  
DG  "O5'" "C5'"  sing N N 90  
DG  "C5'" "C4'"  sing N N 91  
DG  "C5'" "H5'"  sing N N 92  
DG  "C5'" "H5''" sing N N 93  
DG  "C4'" "O4'"  sing N N 94  
DG  "C4'" "C3'"  sing N N 95  
DG  "C4'" "H4'"  sing N N 96  
DG  "O4'" "C1'"  sing N N 97  
DG  "C3'" "O3'"  sing N N 98  
DG  "C3'" "C2'"  sing N N 99  
DG  "C3'" "H3'"  sing N N 100 
DG  "O3'" "HO3'" sing N N 101 
DG  "C2'" "C1'"  sing N N 102 
DG  "C2'" "H2'"  sing N N 103 
DG  "C2'" "H2''" sing N N 104 
DG  "C1'" N9     sing N N 105 
DG  "C1'" "H1'"  sing N N 106 
DG  N9    C8     sing Y N 107 
DG  N9    C4     sing Y N 108 
DG  C8    N7     doub Y N 109 
DG  C8    H8     sing N N 110 
DG  N7    C5     sing Y N 111 
DG  C5    C6     sing N N 112 
DG  C5    C4     doub Y N 113 
DG  C6    O6     doub N N 114 
DG  C6    N1     sing N N 115 
DG  N1    C2     sing N N 116 
DG  N1    H1     sing N N 117 
DG  C2    N2     sing N N 118 
DG  C2    N3     doub N N 119 
DG  N2    H21    sing N N 120 
DG  N2    H22    sing N N 121 
DG  N3    C4     sing N N 122 
DT  OP3   P      sing N N 123 
DT  OP3   HOP3   sing N N 124 
DT  P     OP1    doub N N 125 
DT  P     OP2    sing N N 126 
DT  P     "O5'"  sing N N 127 
DT  OP2   HOP2   sing N N 128 
DT  "O5'" "C5'"  sing N N 129 
DT  "C5'" "C4'"  sing N N 130 
DT  "C5'" "H5'"  sing N N 131 
DT  "C5'" "H5''" sing N N 132 
DT  "C4'" "O4'"  sing N N 133 
DT  "C4'" "C3'"  sing N N 134 
DT  "C4'" "H4'"  sing N N 135 
DT  "O4'" "C1'"  sing N N 136 
DT  "C3'" "O3'"  sing N N 137 
DT  "C3'" "C2'"  sing N N 138 
DT  "C3'" "H3'"  sing N N 139 
DT  "O3'" "HO3'" sing N N 140 
DT  "C2'" "C1'"  sing N N 141 
DT  "C2'" "H2'"  sing N N 142 
DT  "C2'" "H2''" sing N N 143 
DT  "C1'" N1     sing N N 144 
DT  "C1'" "H1'"  sing N N 145 
DT  N1    C2     sing N N 146 
DT  N1    C6     sing N N 147 
DT  C2    O2     doub N N 148 
DT  C2    N3     sing N N 149 
DT  N3    C4     sing N N 150 
DT  N3    H3     sing N N 151 
DT  C4    O4     doub N N 152 
DT  C4    C5     sing N N 153 
DT  C5    C7     sing N N 154 
DT  C5    C6     doub N N 155 
DT  C7    H71    sing N N 156 
DT  C7    H72    sing N N 157 
DT  C7    H73    sing N N 158 
DT  C6    H6     sing N N 159 
# 
loop_
_ndb_struct_conf_na.entry_id 
_ndb_struct_conf_na.feature 
7JIN 'double helix'        
7JIN 'a-form double helix' 
7JIN 'b-form double helix' 
# 
loop_
_ndb_struct_na_base_pair.model_number 
_ndb_struct_na_base_pair.i_label_asym_id 
_ndb_struct_na_base_pair.i_label_comp_id 
_ndb_struct_na_base_pair.i_label_seq_id 
_ndb_struct_na_base_pair.i_symmetry 
_ndb_struct_na_base_pair.j_label_asym_id 
_ndb_struct_na_base_pair.j_label_comp_id 
_ndb_struct_na_base_pair.j_label_seq_id 
_ndb_struct_na_base_pair.j_symmetry 
_ndb_struct_na_base_pair.shear 
_ndb_struct_na_base_pair.stretch 
_ndb_struct_na_base_pair.stagger 
_ndb_struct_na_base_pair.buckle 
_ndb_struct_na_base_pair.propeller 
_ndb_struct_na_base_pair.opening 
_ndb_struct_na_base_pair.pair_number 
_ndb_struct_na_base_pair.pair_name 
_ndb_struct_na_base_pair.i_auth_asym_id 
_ndb_struct_na_base_pair.i_auth_seq_id 
_ndb_struct_na_base_pair.i_PDB_ins_code 
_ndb_struct_na_base_pair.j_auth_asym_id 
_ndb_struct_na_base_pair.j_auth_seq_id 
_ndb_struct_na_base_pair.j_PDB_ins_code 
_ndb_struct_na_base_pair.hbond_type_28 
_ndb_struct_na_base_pair.hbond_type_12 
1 A DA 3  1_555 D DT 15 1_555 2.322  0.052  0.826  7.311  -11.155 -4.355  1  A_DA3:DT16_D A 3  ? D 16 ? 20 1 
1 A DC 4  1_555 D DG 14 1_555 -0.825 0.329  0.208  -0.947 -11.541 5.951   2  A_DC4:DG15_D A 4  ? D 15 ? 19 1 
1 A DG 5  1_555 D DC 13 1_555 -0.143 -0.565 0.332  2.477  -12.706 -11.558 3  A_DG5:DC14_D A 5  ? D 14 ? 19 1 
1 A DA 6  1_555 D DT 12 1_555 -0.614 -0.171 -0.153 -0.289 -7.591  3.485   4  A_DA6:DT13_D A 6  ? D 13 ? 20 1 
1 A DC 7  1_555 D DG 11 1_555 0.689  -0.051 -0.161 11.855 -10.380 -4.027  5  A_DC7:DG12_D A 7  ? D 12 ? 19 1 
1 A DA 8  1_555 D DT 10 1_555 -0.149 0.025  -0.026 -9.729 -10.325 -9.483  6  A_DA8:DT11_D A 8  ? D 11 ? 20 1 
1 A DC 9  1_555 D DG 9  1_555 0.025  -0.250 0.534  -4.363 -10.051 -5.193  7  A_DC9:DG10_D A 9  ? D 10 ? 19 1 
1 A DA 10 1_555 C DT 3  1_555 -0.002 0.135  0.819  10.578 -5.004  6.991   8  A_DA10:DT2_C A 10 ? C 2  ? 20 1 
1 A DG 11 1_555 C DC 2  1_555 -0.253 -0.279 0.361  8.563  -2.927  2.023   9  A_DG11:DC1_C A 11 ? C 1  ? 19 1 
1 A DA 12 1_555 C DT 1  1_555 -0.308 0.057  0.424  7.159  -11.714 -11.972 10 A_DA12:DT0_C A 12 ? C 0  ? 20 1 
1 B DC 1  1_555 C DG 6  1_555 0.158  0.054  -0.005 7.637  -8.104  3.327   11 B_DC12:DG5_C B 12 ? C 5  ? 19 1 
1 B DG 2  1_555 C DC 5  1_555 -0.222 -0.352 0.452  9.060  -14.766 -2.908  12 B_DG13:DC4_C B 13 ? C 4  ? 19 1 
1 B DT 3  1_555 C DA 4  1_555 -0.847 -0.052 0.249  6.684  -13.442 -0.372  13 B_DT14:DA3_C B 14 ? C 3  ? 20 1 
1 B DC 4  1_555 D DG 8  1_555 -0.155 -0.309 0.580  -0.644 -5.363  -3.613  14 B_DC15:DG9_D B 15 ? D 9  ? 19 1 
1 B DG 5  1_555 D DC 7  1_555 0.447  -0.133 0.733  9.756  -5.983  -2.445  15 B_DG16:DC8_D B 16 ? D 8  ? 19 1 
1 B DA 6  1_555 D DT 6  1_555 1.045  -0.177 0.485  6.769  -7.673  -8.987  16 B_DA17:DT7_D B 17 ? D 7  ? 20 1 
1 B DC 7  1_555 D DG 5  1_555 0.063  -0.122 0.386  5.276  -12.266 3.563   17 B_DC18:DG6_D B 18 ? D 6  ? 19 1 
1 B DT 8  1_555 D DA 4  1_555 -0.041 -0.395 0.157  -3.860 -8.200  -0.203  18 B_DT19:DA5_D B 19 ? D 5  ? 20 1 
1 B DC 9  1_555 D DG 3  1_555 0.648  -0.131 0.065  3.952  -11.163 -0.161  19 B_DC20:DG4_D B 20 ? D 4  ? 19 1 
# 
loop_
_ndb_struct_na_base_pair_step.model_number 
_ndb_struct_na_base_pair_step.i_label_asym_id_1 
_ndb_struct_na_base_pair_step.i_label_comp_id_1 
_ndb_struct_na_base_pair_step.i_label_seq_id_1 
_ndb_struct_na_base_pair_step.i_symmetry_1 
_ndb_struct_na_base_pair_step.j_label_asym_id_1 
_ndb_struct_na_base_pair_step.j_label_comp_id_1 
_ndb_struct_na_base_pair_step.j_label_seq_id_1 
_ndb_struct_na_base_pair_step.j_symmetry_1 
_ndb_struct_na_base_pair_step.i_label_asym_id_2 
_ndb_struct_na_base_pair_step.i_label_comp_id_2 
_ndb_struct_na_base_pair_step.i_label_seq_id_2 
_ndb_struct_na_base_pair_step.i_symmetry_2 
_ndb_struct_na_base_pair_step.j_label_asym_id_2 
_ndb_struct_na_base_pair_step.j_label_comp_id_2 
_ndb_struct_na_base_pair_step.j_label_seq_id_2 
_ndb_struct_na_base_pair_step.j_symmetry_2 
_ndb_struct_na_base_pair_step.shift 
_ndb_struct_na_base_pair_step.slide 
_ndb_struct_na_base_pair_step.rise 
_ndb_struct_na_base_pair_step.tilt 
_ndb_struct_na_base_pair_step.roll 
_ndb_struct_na_base_pair_step.twist 
_ndb_struct_na_base_pair_step.x_displacement 
_ndb_struct_na_base_pair_step.y_displacement 
_ndb_struct_na_base_pair_step.helical_rise 
_ndb_struct_na_base_pair_step.inclination 
_ndb_struct_na_base_pair_step.tip 
_ndb_struct_na_base_pair_step.helical_twist 
_ndb_struct_na_base_pair_step.step_number 
_ndb_struct_na_base_pair_step.step_name 
_ndb_struct_na_base_pair_step.i_auth_asym_id_1 
_ndb_struct_na_base_pair_step.i_auth_seq_id_1 
_ndb_struct_na_base_pair_step.i_PDB_ins_code_1 
_ndb_struct_na_base_pair_step.j_auth_asym_id_1 
_ndb_struct_na_base_pair_step.j_auth_seq_id_1 
_ndb_struct_na_base_pair_step.j_PDB_ins_code_1 
_ndb_struct_na_base_pair_step.i_auth_asym_id_2 
_ndb_struct_na_base_pair_step.i_auth_seq_id_2 
_ndb_struct_na_base_pair_step.i_PDB_ins_code_2 
_ndb_struct_na_base_pair_step.j_auth_asym_id_2 
_ndb_struct_na_base_pair_step.j_auth_seq_id_2 
_ndb_struct_na_base_pair_step.j_PDB_ins_code_2 
1 A DA 3  1_555 D DT 15 1_555 A DC 4  1_555 D DG 14 1_555 0.372  -0.707 3.412 3.120  -0.819 19.918 -1.621 0.449  3.455 -2.347 
-8.943 20.175 1  AA_DA3DC4:DG15DT16_DD A 3  ? D 16 ? A 4  ? D 15 ? 
1 A DC 4  1_555 D DG 14 1_555 A DG 5  1_555 D DC 13 1_555 -0.323 0.565  3.390 -2.731 4.101  43.908 0.349  0.162  3.440 5.464  
3.639  44.170 2  AA_DC4DG5:DC14DG15_DD A 4  ? D 15 ? A 5  ? D 14 ? 
1 A DG 5  1_555 D DC 13 1_555 A DA 6  1_555 D DT 12 1_555 -0.320 -0.041 3.410 1.674  2.112  31.964 -0.469 0.892  3.380 3.826  
-3.033 32.075 3  AA_DG5DA6:DT13DC14_DD A 5  ? D 14 ? A 6  ? D 13 ? 
1 A DA 6  1_555 D DT 12 1_555 A DC 7  1_555 D DG 11 1_555 0.156  -0.617 3.110 -0.939 -1.893 37.207 -0.725 -0.363 3.132 -2.964 
1.471  37.265 4  AA_DA6DC7:DG12DT13_DD A 6  ? D 13 ? A 7  ? D 12 ? 
1 A DC 7  1_555 D DG 11 1_555 A DA 8  1_555 D DT 10 1_555 -0.333 -0.875 3.821 -2.361 0.139  32.827 -1.572 0.117  3.831 0.245  
4.170  32.909 5  AA_DC7DA8:DT11DG12_DD A 7  ? D 12 ? A 8  ? D 11 ? 
1 A DA 8  1_555 D DT 10 1_555 A DC 9  1_555 D DG 9  1_555 0.418  -0.920 3.171 -5.427 -1.605 39.478 -1.170 -1.220 3.122 -2.361 
7.985  39.866 6  AA_DA8DC9:DG10DT11_DD A 8  ? D 11 ? A 9  ? D 10 ? 
1 A DC 9  1_555 D DG 9  1_555 A DA 10 1_555 C DT 3  1_555 -0.950 -1.597 2.559 -5.260 3.338  25.978 -4.138 0.988  2.478 7.292  
11.492 26.702 7  AA_DC9DA10:DT2DG10_CD A 9  ? D 10 ? A 10 ? C 2  ? 
1 A DA 10 1_555 C DT 3  1_555 A DG 11 1_555 C DC 2  1_555 -0.494 0.049  3.430 0.286  3.586  30.419 -0.650 0.995  3.408 6.804  
-0.542 30.626 8  AA_DA10DG11:DC1DT2_CC A 10 ? C 2  ? A 11 ? C 1  ? 
1 A DG 11 1_555 C DC 2  1_555 A DA 12 1_555 C DT 1  1_555 -0.704 0.328  3.479 -1.146 1.510  37.764 0.298  0.930  3.508 2.331  
1.770  37.810 9  AA_DG11DA12:DT0DC1_CC A 11 ? C 1  ? A 12 ? C 0  ? 
1 B DC 1  1_555 C DG 6  1_555 B DG 2  1_555 C DC 5  1_555 -0.083 -0.181 3.360 -4.677 2.239  34.165 -0.661 -0.604 3.324 3.784  
7.905  34.545 10 BB_DC12DG13:DC4DG5_CC B 12 ? C 5  ? B 13 ? C 4  ? 
1 B DG 2  1_555 C DC 5  1_555 B DT 3  1_555 C DA 4  1_555 0.493  -0.989 3.273 -0.279 1.312  32.885 -1.969 -0.917 3.228 2.316  
0.492  32.911 11 BB_DG13DT14:DA3DC4_CC B 13 ? C 4  ? B 14 ? C 3  ? 
1 B DT 3  1_555 C DA 4  1_555 B DC 4  1_555 D DG 8  1_555 -0.981 -1.304 3.329 -5.006 2.102  30.944 -2.815 0.846  3.349 3.902  
9.292  31.405 12 BB_DT14DC15:DG9DA3_DC B 14 ? C 3  ? B 15 ? D 9  ? 
1 B DC 4  1_555 D DG 8  1_555 B DG 5  1_555 D DC 7  1_555 -0.361 0.452  3.193 -1.479 3.741  38.210 0.227  0.368  3.233 5.695  
2.252  38.414 13 BB_DC15DG16:DC8DG9_DD B 15 ? D 9  ? B 16 ? D 8  ? 
1 B DG 5  1_555 D DC 7  1_555 B DA 6  1_555 D DT 6  1_555 -0.267 -0.506 3.346 0.747  4.731  38.009 -1.371 0.501  3.257 7.229  
-1.141 38.298 14 BB_DG16DA17:DT7DC8_DD B 16 ? D 8  ? B 17 ? D 7  ? 
1 B DA 6  1_555 D DT 6  1_555 B DC 7  1_555 D DG 5  1_555 0.798  -1.197 3.236 0.466  4.302  27.881 -3.423 -1.532 3.033 8.860  
-0.960 28.208 15 BB_DA17DC18:DG6DT7_DD B 17 ? D 7  ? B 18 ? D 6  ? 
1 B DC 7  1_555 D DG 5  1_555 B DT 8  1_555 D DA 4  1_555 -0.163 -0.369 3.557 4.406  2.318  35.272 -0.968 0.959  3.482 3.802  
-7.227 35.610 16 BB_DC18DT19:DA5DG6_DD B 18 ? D 6  ? B 19 ? D 5  ? 
1 B DT 8  1_555 D DA 4  1_555 B DC 9  1_555 D DG 3  1_555 -0.220 0.260  3.312 1.600  0.814  38.293 0.293  0.538  3.305 1.240  
-2.437 38.333 17 BB_DT19DC20:DG4DA5_DD B 19 ? D 5  ? B 20 ? D 4  ? 
# 
loop_
_pdbx_audit_support.funding_organization 
_pdbx_audit_support.country 
_pdbx_audit_support.grant_number 
_pdbx_audit_support.ordinal 
'National Science Foundation (NSF, United States)'                                         'United States' 1360635     1 
'National Institutes of Health/National Institute of General Medical Sciences (NIH/NIGMS)' 'United States' R01GM104960 2 
'National Science Foundation (NSF, United States)'                                         'United States' NSF2004250  3 
# 
_pdbx_entity_nonpoly.entity_id   5 
_pdbx_entity_nonpoly.name        'CACODYLATE ION' 
_pdbx_entity_nonpoly.comp_id     CAC 
# 
_pdbx_initial_refinement_model.id               1 
_pdbx_initial_refinement_model.entity_id_list   ? 
_pdbx_initial_refinement_model.type             'experimental model' 
_pdbx_initial_refinement_model.source_name      PDB 
_pdbx_initial_refinement_model.accession_code   6XNA 
_pdbx_initial_refinement_model.details          ? 
# 
_pdbx_struct_assembly_auth_evidence.id                     1 
_pdbx_struct_assembly_auth_evidence.assembly_id            1 
_pdbx_struct_assembly_auth_evidence.experimental_support   none 
_pdbx_struct_assembly_auth_evidence.details                ? 
# 
